data_3VYL
#
_entry.id   3VYL
#
_cell.length_a   202.511
_cell.length_b   206.234
_cell.length_c   121.975
_cell.angle_alpha   90.00
_cell.angle_beta   90.00
_cell.angle_gamma   90.00
#
_symmetry.space_group_name_H-M   'C 2 2 21'
#
loop_
_entity.id
_entity.type
_entity.pdbx_description
1 polymer 'L-ribulose 3-epimerase'
2 non-polymer 'MANGANESE (II) ION'
3 non-polymer (4S)-2-METHYL-2,4-PENTANEDIOL
4 water water
#
_entity_poly.entity_id   1
_entity_poly.type   'polypeptide(L)'
_entity_poly.pdbx_seq_one_letter_code
;MARIGIHSFVWSASSAQSELERTLANTRDAGFDLIEFSYLDPADVDIGRLAKRIADLGLGVAISIGLPADGDISSADKAV
AARGVEILNQTIALTRDLGGRKVAGILSAGHGLQVEAPTRDQWNRSAAALAKVAETAKAAGVTLNLEIVNRFESNLLNTA
AQGLAFIEDTGSDNIFLHLDTFHMNIEEADVGLAIRHAAGKIGYVHIGESHRGFLGTGNIDFAAIFDALTAIGYADDLSF
ESFSSEIVDENLSKKTAIWRNLWTDNMALAKHARAFIGLGLETARRKAELVSARHKP
;
_entity_poly.pdbx_strand_id   A,B,C,D,E,F,G,H
#
loop_
_chem_comp.id
_chem_comp.type
_chem_comp.name
_chem_comp.formula
MN non-polymer 'MANGANESE (II) ION' 'Mn 2'
MPD non-polymer (4S)-2-METHYL-2,4-PENTANEDIOL 'C6 H14 O2'
#
# COMPACT_ATOMS: atom_id res chain seq x y z
N MET A 1 -19.37 13.33 -55.31
CA MET A 1 -18.63 13.08 -56.54
C MET A 1 -17.21 13.55 -56.43
N ALA A 2 -16.71 13.52 -55.22
CA ALA A 2 -15.42 14.06 -54.88
C ALA A 2 -14.25 13.26 -55.38
N ARG A 3 -13.16 13.98 -55.57
CA ARG A 3 -11.96 13.43 -56.13
C ARG A 3 -10.91 13.40 -55.11
N ILE A 4 -10.01 12.47 -55.22
CA ILE A 4 -8.86 12.46 -54.40
C ILE A 4 -7.73 12.75 -55.33
N GLY A 5 -7.12 13.87 -55.12
CA GLY A 5 -6.07 14.32 -56.03
C GLY A 5 -4.65 14.24 -55.51
N ILE A 6 -3.74 14.73 -56.35
CA ILE A 6 -2.31 14.81 -56.05
C ILE A 6 -1.76 16.01 -56.82
N HIS A 7 -0.80 16.71 -56.24
CA HIS A 7 -0.20 17.87 -56.89
C HIS A 7 0.80 17.42 -57.94
N SER A 8 0.72 18.01 -59.12
CA SER A 8 1.61 17.65 -60.23
C SER A 8 3.08 17.62 -59.82
N PHE A 9 3.47 18.56 -58.95
CA PHE A 9 4.87 18.72 -58.57
C PHE A 9 5.42 17.58 -57.75
N VAL A 10 4.59 16.61 -57.37
CA VAL A 10 5.08 15.35 -56.82
C VAL A 10 5.79 14.59 -57.93
N TRP A 11 5.34 14.80 -59.17
CA TRP A 11 5.87 14.08 -60.33
C TRP A 11 6.91 14.86 -61.10
N SER A 12 6.52 16.05 -61.59
CA SER A 12 7.38 16.91 -62.41
C SER A 12 6.98 18.38 -62.33
N ALA A 13 7.94 19.27 -62.50
CA ALA A 13 7.68 20.71 -62.49
C ALA A 13 7.71 21.24 -63.91
N SER A 14 7.93 20.36 -64.86
CA SER A 14 8.10 20.76 -66.24
C SER A 14 6.77 20.81 -66.97
N SER A 15 6.71 21.70 -67.96
CA SER A 15 5.55 21.88 -68.84
C SER A 15 5.66 21.15 -70.20
N ALA A 16 6.80 20.52 -70.47
CA ALA A 16 6.94 19.72 -71.69
C ALA A 16 5.77 18.74 -71.84
N GLN A 17 5.24 18.59 -73.05
CA GLN A 17 4.06 17.73 -73.27
C GLN A 17 4.30 16.26 -72.92
N SER A 18 5.55 15.82 -73.05
CA SER A 18 5.95 14.46 -72.70
C SER A 18 5.98 14.27 -71.17
N GLU A 19 6.35 15.33 -70.46
CA GLU A 19 6.36 15.36 -68.99
C GLU A 19 4.96 15.52 -68.40
N LEU A 20 4.14 16.36 -69.02
CA LEU A 20 2.73 16.53 -68.65
C LEU A 20 1.96 15.23 -68.84
N GLU A 21 2.34 14.50 -69.88
CA GLU A 21 1.81 13.20 -70.21
C GLU A 21 2.16 12.21 -69.09
N ARG A 22 3.44 12.18 -68.74
CA ARG A 22 3.93 11.33 -67.65
C ARG A 22 3.23 11.61 -66.32
N THR A 23 3.12 12.88 -65.96
CA THR A 23 2.42 13.29 -64.75
C THR A 23 1.06 12.58 -64.67
N LEU A 24 0.28 12.70 -65.74
CA LEU A 24 -1.04 12.07 -65.84
C LEU A 24 -1.02 10.55 -65.69
N ALA A 25 -0.15 9.87 -66.43
CA ALA A 25 -0.09 8.40 -66.35
C ALA A 25 0.35 7.92 -64.98
N ASN A 26 1.23 8.69 -64.35
CA ASN A 26 1.70 8.38 -63.00
C ASN A 26 0.57 8.56 -61.99
N THR A 27 -0.15 9.68 -62.10
CA THR A 27 -1.36 9.92 -61.32
C THR A 27 -2.32 8.72 -61.33
N ARG A 28 -2.65 8.22 -62.53
CA ARG A 28 -3.54 7.09 -62.66
C ARG A 28 -2.98 5.78 -62.10
N ASP A 29 -1.71 5.49 -62.35
CA ASP A 29 -1.09 4.27 -61.81
C ASP A 29 -1.06 4.24 -60.29
N ALA A 30 -0.99 5.43 -59.70
CA ALA A 30 -0.96 5.60 -58.24
C ALA A 30 -2.35 5.45 -57.63
N GLY A 31 -3.38 5.60 -58.46
CA GLY A 31 -4.77 5.41 -58.01
C GLY A 31 -5.53 6.67 -57.70
N PHE A 32 -4.98 7.82 -58.07
CA PHE A 32 -5.63 9.10 -57.82
C PHE A 32 -6.56 9.41 -58.97
N ASP A 33 -7.51 10.32 -58.78
CA ASP A 33 -8.39 10.68 -59.88
C ASP A 33 -8.65 12.18 -60.01
N LEU A 34 -7.72 12.96 -59.47
CA LEU A 34 -7.61 14.37 -59.84
C LEU A 34 -6.12 14.72 -60.00
N ILE A 35 -5.85 15.79 -60.75
CA ILE A 35 -4.51 16.35 -60.86
C ILE A 35 -4.56 17.84 -60.59
N GLU A 36 -3.63 18.32 -59.78
CA GLU A 36 -3.49 19.73 -59.51
C GLU A 36 -2.24 20.27 -60.22
N PHE A 37 -2.41 21.32 -61.00
CA PHE A 37 -1.33 21.94 -61.70
C PHE A 37 -1.13 23.28 -61.10
N SER A 38 0.10 23.66 -60.84
CA SER A 38 0.48 24.98 -60.35
C SER A 38 0.42 26.21 -61.22
N TYR A 39 0.94 26.13 -62.42
CA TYR A 39 0.61 27.07 -63.48
C TYR A 39 1.19 26.60 -64.78
N LEU A 40 0.47 26.86 -65.86
CA LEU A 40 0.87 26.45 -67.17
C LEU A 40 0.76 27.60 -68.14
N ASP A 41 1.77 27.85 -68.93
CA ASP A 41 1.69 28.94 -69.89
C ASP A 41 0.93 28.50 -71.16
N PRO A 42 -0.15 29.22 -71.52
CA PRO A 42 -0.97 28.91 -72.71
C PRO A 42 -0.19 28.80 -74.02
N ALA A 43 0.79 29.67 -74.23
CA ALA A 43 1.64 29.63 -75.43
C ALA A 43 2.64 28.47 -75.39
N ASP A 44 2.98 28.03 -74.18
CA ASP A 44 3.94 26.94 -73.93
C ASP A 44 3.27 25.56 -74.01
N VAL A 45 1.95 25.52 -73.78
CA VAL A 45 1.22 24.27 -73.61
C VAL A 45 0.01 24.19 -74.55
N ASP A 46 -0.18 23.03 -75.17
CA ASP A 46 -1.39 22.77 -75.94
C ASP A 46 -2.53 22.44 -74.96
N ILE A 47 -3.24 23.49 -74.55
CA ILE A 47 -4.25 23.42 -73.49
C ILE A 47 -5.42 22.46 -73.78
N GLY A 48 -6.00 22.58 -74.97
CA GLY A 48 -7.15 21.76 -75.34
C GLY A 48 -6.78 20.31 -75.47
N ARG A 49 -5.57 20.06 -75.95
CA ARG A 49 -5.01 18.72 -76.03
C ARG A 49 -4.91 18.16 -74.61
N LEU A 50 -4.35 18.96 -73.71
CA LEU A 50 -4.18 18.59 -72.31
C LEU A 50 -5.55 18.25 -71.69
N ALA A 51 -6.50 19.18 -71.82
CA ALA A 51 -7.86 18.99 -71.31
C ALA A 51 -8.51 17.71 -71.83
N LYS A 52 -8.21 17.37 -73.09
CA LYS A 52 -8.76 16.19 -73.72
C LYS A 52 -8.07 14.96 -73.19
N ARG A 53 -6.80 15.10 -72.83
CA ARG A 53 -6.04 13.99 -72.30
C ARG A 53 -6.40 13.73 -70.84
N ILE A 54 -6.70 14.81 -70.10
CA ILE A 54 -7.19 14.72 -68.73
C ILE A 54 -8.55 13.99 -68.68
N ALA A 55 -9.51 14.44 -69.50
CA ALA A 55 -10.84 13.82 -69.55
C ALA A 55 -10.80 12.35 -70.00
N ASP A 56 -9.95 12.04 -70.99
CA ASP A 56 -9.81 10.66 -71.46
C ASP A 56 -9.34 9.69 -70.38
N LEU A 57 -8.45 10.18 -69.50
CA LEU A 57 -7.96 9.39 -68.37
C LEU A 57 -8.99 9.28 -67.24
N GLY A 58 -9.98 10.18 -67.24
CA GLY A 58 -11.02 10.17 -66.22
C GLY A 58 -10.63 10.99 -65.01
N LEU A 59 -9.71 11.93 -65.22
CA LEU A 59 -9.22 12.76 -64.15
C LEU A 59 -9.97 14.07 -64.15
N GLY A 60 -10.10 14.67 -62.97
CA GLY A 60 -10.51 16.07 -62.85
C GLY A 60 -9.24 16.92 -62.72
N VAL A 61 -9.41 18.22 -62.60
CA VAL A 61 -8.26 19.11 -62.56
C VAL A 61 -8.54 20.35 -61.69
N ALA A 62 -7.55 20.73 -60.89
CA ALA A 62 -7.61 22.00 -60.17
C ALA A 62 -6.33 22.77 -60.48
N ILE A 63 -6.39 24.08 -60.43
CA ILE A 63 -5.20 24.88 -60.55
C ILE A 63 -4.95 25.69 -59.26
N SER A 64 -3.73 25.59 -58.74
CA SER A 64 -3.32 26.36 -57.59
C SER A 64 -2.11 27.16 -57.97
N ILE A 65 -2.03 28.40 -57.47
CA ILE A 65 -0.86 29.23 -57.64
C ILE A 65 -0.56 29.93 -56.32
N GLY A 66 0.57 30.62 -56.27
CA GLY A 66 0.89 31.55 -55.18
C GLY A 66 1.28 32.85 -55.83
N LEU A 67 0.55 33.93 -55.55
CA LEU A 67 0.84 35.21 -56.16
C LEU A 67 2.30 35.60 -55.94
N PRO A 68 2.95 36.19 -56.97
CA PRO A 68 4.33 36.69 -56.82
C PRO A 68 4.35 38.01 -56.06
N ALA A 69 5.48 38.35 -55.46
CA ALA A 69 5.67 39.63 -54.78
C ALA A 69 5.42 40.72 -55.82
N ASP A 70 5.79 40.39 -57.06
CA ASP A 70 5.53 41.18 -58.25
C ASP A 70 4.04 41.45 -58.52
N GLY A 71 3.20 40.55 -58.06
CA GLY A 71 1.78 40.63 -58.25
C GLY A 71 0.94 40.54 -57.01
N ASP A 72 1.28 41.20 -55.94
CA ASP A 72 0.47 41.09 -54.76
C ASP A 72 -0.72 42.05 -54.73
N ILE A 73 -1.90 41.47 -54.73
CA ILE A 73 -3.16 42.17 -54.81
C ILE A 73 -3.52 42.93 -53.56
N SER A 74 -2.78 42.70 -52.51
CA SER A 74 -2.92 43.47 -51.29
C SER A 74 -2.02 44.68 -51.24
N SER A 75 -1.17 44.83 -52.20
CA SER A 75 -0.23 45.91 -52.19
C SER A 75 -0.85 47.28 -52.36
N ALA A 76 -0.28 48.24 -51.70
CA ALA A 76 -0.64 49.63 -51.88
C ALA A 76 -0.31 50.09 -53.28
N ASP A 77 0.78 49.61 -53.83
CA ASP A 77 1.17 50.08 -55.12
C ASP A 77 0.26 49.47 -56.13
N LYS A 78 -0.47 50.33 -56.80
CA LYS A 78 -1.57 49.90 -57.63
C LYS A 78 -1.12 49.05 -58.76
N ALA A 79 0.04 49.35 -59.29
CA ALA A 79 0.53 48.60 -60.41
C ALA A 79 0.80 47.18 -60.05
N VAL A 80 1.29 46.97 -58.85
CA VAL A 80 1.52 45.63 -58.35
C VAL A 80 0.24 44.86 -58.17
N ALA A 81 -0.75 45.52 -57.61
CA ALA A 81 -2.09 44.97 -57.41
C ALA A 81 -2.78 44.61 -58.73
N ALA A 82 -2.59 45.45 -59.74
CA ALA A 82 -3.17 45.21 -61.06
C ALA A 82 -2.51 44.01 -61.71
N ARG A 83 -1.20 43.88 -61.53
CA ARG A 83 -0.50 42.69 -62.02
C ARG A 83 -1.10 41.42 -61.37
N GLY A 84 -1.42 41.49 -60.09
CA GLY A 84 -2.12 40.41 -59.40
C GLY A 84 -3.42 40.02 -60.09
N VAL A 85 -4.35 40.98 -60.15
CA VAL A 85 -5.63 40.75 -60.81
C VAL A 85 -5.45 40.10 -62.18
N GLU A 86 -4.48 40.57 -62.96
CA GLU A 86 -4.26 40.01 -64.29
C GLU A 86 -3.75 38.56 -64.25
N ILE A 87 -2.94 38.23 -63.24
CA ILE A 87 -2.51 36.84 -63.05
C ILE A 87 -3.70 35.97 -62.65
N LEU A 88 -4.54 36.51 -61.76
CA LEU A 88 -5.77 35.84 -61.33
C LEU A 88 -6.71 35.54 -62.51
N ASN A 89 -7.00 36.56 -63.32
CA ASN A 89 -7.88 36.43 -64.49
C ASN A 89 -7.39 35.39 -65.48
N GLN A 90 -6.06 35.34 -65.67
CA GLN A 90 -5.47 34.39 -66.60
C GLN A 90 -5.60 32.97 -66.06
N THR A 91 -5.32 32.79 -64.77
CA THR A 91 -5.42 31.49 -64.10
C THR A 91 -6.84 30.90 -64.17
N ILE A 92 -7.83 31.79 -64.06
CA ILE A 92 -9.23 31.40 -64.19
C ILE A 92 -9.50 30.80 -65.58
N ALA A 93 -9.20 31.59 -66.62
CA ALA A 93 -9.35 31.14 -68.00
C ALA A 93 -8.59 29.85 -68.29
N LEU A 94 -7.41 29.70 -67.68
CA LEU A 94 -6.71 28.42 -67.76
C LEU A 94 -7.53 27.26 -67.18
N THR A 95 -8.02 27.42 -65.95
CA THR A 95 -8.82 26.40 -65.26
C THR A 95 -10.05 26.03 -66.10
N ARG A 96 -10.82 27.06 -66.46
CA ARG A 96 -12.00 26.93 -67.31
C ARG A 96 -11.72 26.13 -68.58
N ASP A 97 -10.67 26.51 -69.31
CA ASP A 97 -10.37 25.86 -70.59
C ASP A 97 -9.87 24.44 -70.41
N LEU A 98 -9.36 24.14 -69.22
CA LEU A 98 -8.85 22.81 -68.95
C LEU A 98 -9.97 21.88 -68.47
N GLY A 99 -11.12 22.46 -68.14
CA GLY A 99 -12.27 21.70 -67.68
C GLY A 99 -12.15 21.43 -66.19
N GLY A 100 -11.89 22.49 -65.44
CA GLY A 100 -11.74 22.42 -64.00
C GLY A 100 -12.72 23.37 -63.33
N ARG A 101 -12.98 23.12 -62.06
CA ARG A 101 -13.99 23.88 -61.30
C ARG A 101 -13.38 24.75 -60.19
N LYS A 102 -12.13 24.45 -59.83
CA LYS A 102 -11.46 25.16 -58.72
C LYS A 102 -10.15 25.87 -59.10
N VAL A 103 -10.05 27.14 -58.72
CA VAL A 103 -8.77 27.85 -58.65
C VAL A 103 -8.41 28.00 -57.17
N ALA A 104 -7.27 27.45 -56.77
CA ALA A 104 -6.84 27.43 -55.38
C ALA A 104 -5.43 28.00 -55.16
N GLY A 105 -4.92 27.97 -53.94
CA GLY A 105 -3.61 28.48 -53.67
C GLY A 105 -3.63 29.75 -52.90
N ILE A 106 -2.52 30.45 -52.89
CA ILE A 106 -2.44 31.70 -52.19
C ILE A 106 -2.84 32.78 -53.13
N LEU A 107 -4.02 33.28 -52.87
CA LEU A 107 -4.76 34.08 -53.78
C LEU A 107 -5.02 35.39 -53.15
N SER A 108 -4.63 35.53 -51.91
CA SER A 108 -5.01 36.73 -51.14
C SER A 108 -3.91 37.74 -50.91
N ALA A 109 -2.67 37.35 -51.18
CA ALA A 109 -1.50 38.16 -50.88
C ALA A 109 -0.27 37.46 -51.43
N GLY A 110 0.89 38.09 -51.36
CA GLY A 110 2.10 37.47 -51.90
C GLY A 110 2.47 36.19 -51.18
N HIS A 111 2.83 35.16 -51.94
CA HIS A 111 3.43 33.92 -51.40
C HIS A 111 4.87 34.13 -50.99
N GLY A 112 5.13 34.11 -49.69
CA GLY A 112 6.49 34.28 -49.20
C GLY A 112 6.55 34.93 -47.85
N LEU A 113 7.75 35.01 -47.28
CA LEU A 113 7.97 35.71 -46.03
C LEU A 113 7.93 37.21 -46.28
N GLN A 114 7.03 37.89 -45.58
CA GLN A 114 6.84 39.32 -45.76
C GLN A 114 7.70 40.12 -44.80
N VAL A 115 8.15 41.28 -45.24
CA VAL A 115 9.00 42.13 -44.40
C VAL A 115 8.21 43.15 -43.58
N GLU A 116 6.95 43.36 -43.95
CA GLU A 116 6.06 44.19 -43.16
C GLU A 116 5.00 43.35 -42.45
N ALA A 117 4.67 43.71 -41.20
CA ALA A 117 3.49 43.17 -40.50
C ALA A 117 2.20 43.51 -41.28
N PRO A 118 1.14 42.72 -41.10
CA PRO A 118 -0.07 43.02 -41.87
C PRO A 118 -0.80 44.27 -41.36
N THR A 119 -1.57 44.90 -42.25
CA THR A 119 -2.37 46.09 -41.93
C THR A 119 -3.83 45.86 -42.33
N ARG A 120 -4.73 46.70 -41.83
CA ARG A 120 -6.16 46.59 -42.19
C ARG A 120 -6.42 47.01 -43.63
N ASP A 121 -5.71 48.02 -44.10
CA ASP A 121 -5.85 48.46 -45.48
C ASP A 121 -5.44 47.36 -46.45
N GLN A 122 -4.38 46.63 -46.08
CA GLN A 122 -3.96 45.46 -46.87
C GLN A 122 -5.12 44.46 -46.93
N TRP A 123 -5.69 44.16 -45.77
CA TRP A 123 -6.87 43.31 -45.64
C TRP A 123 -7.99 43.74 -46.56
N ASN A 124 -8.45 44.99 -46.40
CA ASN A 124 -9.57 45.52 -47.18
C ASN A 124 -9.32 45.52 -48.70
N ARG A 125 -8.10 45.90 -49.12
CA ARG A 125 -7.72 45.89 -50.54
C ARG A 125 -7.91 44.51 -51.16
N SER A 126 -7.31 43.51 -50.51
CA SER A 126 -7.38 42.12 -50.97
C SER A 126 -8.82 41.63 -51.06
N ALA A 127 -9.59 41.91 -50.00
CA ALA A 127 -11.00 41.60 -49.96
C ALA A 127 -11.74 42.27 -51.13
N ALA A 128 -11.58 43.59 -51.25
CA ALA A 128 -12.23 44.36 -52.30
C ALA A 128 -11.91 43.80 -53.68
N ALA A 129 -10.64 43.50 -53.91
CA ALA A 129 -10.21 43.01 -55.21
C ALA A 129 -10.72 41.60 -55.49
N LEU A 130 -10.64 40.72 -54.50
CA LEU A 130 -11.07 39.32 -54.69
C LEU A 130 -12.58 39.19 -54.84
N ALA A 131 -13.33 40.05 -54.14
CA ALA A 131 -14.77 40.21 -54.36
C ALA A 131 -15.09 40.34 -55.86
N LYS A 132 -14.25 41.07 -56.60
CA LYS A 132 -14.46 41.28 -58.03
C LYS A 132 -14.02 40.09 -58.88
N VAL A 133 -12.86 39.54 -58.55
CA VAL A 133 -12.29 38.45 -59.32
C VAL A 133 -13.14 37.19 -59.18
N ALA A 134 -13.89 37.12 -58.08
CA ALA A 134 -14.84 36.03 -57.84
C ALA A 134 -15.99 36.04 -58.84
N GLU A 135 -16.46 37.23 -59.19
CA GLU A 135 -17.49 37.37 -60.23
C GLU A 135 -16.98 36.84 -61.57
N THR A 136 -15.75 37.22 -61.93
CA THR A 136 -15.10 36.72 -63.15
C THR A 136 -15.07 35.21 -63.10
N ALA A 137 -14.69 34.68 -61.93
CA ALA A 137 -14.57 33.24 -61.73
C ALA A 137 -15.93 32.54 -61.87
N LYS A 138 -16.97 33.13 -61.27
CA LYS A 138 -18.32 32.56 -61.36
C LYS A 138 -18.73 32.39 -62.83
N ALA A 139 -18.67 33.51 -63.57
CA ALA A 139 -18.95 33.52 -65.01
C ALA A 139 -18.21 32.42 -65.76
N ALA A 140 -16.98 32.15 -65.35
CA ALA A 140 -16.20 31.09 -66.00
C ALA A 140 -16.52 29.67 -65.50
N GLY A 141 -17.44 29.59 -64.54
CA GLY A 141 -17.86 28.30 -63.96
C GLY A 141 -16.81 27.71 -63.02
N VAL A 142 -16.20 28.57 -62.21
CA VAL A 142 -15.14 28.17 -61.27
C VAL A 142 -15.21 28.88 -59.93
N THR A 143 -14.85 28.16 -58.88
CA THR A 143 -14.84 28.71 -57.52
C THR A 143 -13.45 29.24 -57.17
N LEU A 144 -13.38 30.25 -56.30
CA LEU A 144 -12.10 30.67 -55.73
C LEU A 144 -11.94 30.12 -54.31
N ASN A 145 -10.88 29.33 -54.10
CA ASN A 145 -10.58 28.79 -52.79
C ASN A 145 -9.28 29.36 -52.24
N LEU A 146 -9.42 30.17 -51.20
CA LEU A 146 -8.33 30.89 -50.58
C LEU A 146 -7.47 29.98 -49.70
N GLU A 147 -6.21 29.72 -50.09
CA GLU A 147 -5.36 28.88 -49.25
C GLU A 147 -4.89 29.62 -48.03
N ILE A 148 -5.08 28.97 -46.89
CA ILE A 148 -4.67 29.45 -45.59
C ILE A 148 -3.31 28.84 -45.30
N VAL A 149 -2.32 29.70 -45.06
CA VAL A 149 -0.94 29.24 -44.96
C VAL A 149 -0.23 29.72 -43.70
N ASN A 150 0.93 29.13 -43.42
CA ASN A 150 1.67 29.47 -42.21
C ASN A 150 2.33 30.84 -42.31
N ARG A 151 2.66 31.40 -41.14
CA ARG A 151 3.24 32.73 -41.02
C ARG A 151 4.37 33.05 -41.99
N PHE A 152 5.19 32.05 -42.32
CA PHE A 152 6.36 32.22 -43.20
C PHE A 152 6.03 32.25 -44.69
N GLU A 153 4.80 31.96 -45.06
CA GLU A 153 4.42 31.99 -46.44
C GLU A 153 3.42 33.10 -46.85
N SER A 154 2.73 33.67 -45.89
CA SER A 154 1.95 34.85 -46.10
C SER A 154 1.81 35.53 -44.79
N ASN A 155 1.50 36.80 -44.79
CA ASN A 155 1.28 37.46 -43.53
C ASN A 155 -0.14 37.78 -43.26
N LEU A 156 -1.04 37.32 -44.10
CA LEU A 156 -2.40 37.71 -43.95
C LEU A 156 -3.32 36.65 -43.43
N LEU A 157 -3.54 35.61 -44.19
CA LEU A 157 -4.43 34.57 -43.75
C LEU A 157 -3.72 33.33 -43.34
N ASN A 158 -3.57 33.16 -42.05
CA ASN A 158 -2.82 32.06 -41.50
C ASN A 158 -3.73 31.16 -40.75
N THR A 159 -4.94 31.59 -40.53
CA THR A 159 -5.88 30.85 -39.68
C THR A 159 -7.24 30.67 -40.36
N ALA A 160 -7.88 29.51 -40.18
CA ALA A 160 -9.20 29.26 -40.80
C ALA A 160 -10.22 30.31 -40.39
N ALA A 161 -10.16 30.75 -39.13
CA ALA A 161 -11.01 31.83 -38.64
C ALA A 161 -10.73 33.17 -39.32
N GLN A 162 -9.47 33.45 -39.63
CA GLN A 162 -9.09 34.64 -40.40
C GLN A 162 -9.73 34.59 -41.78
N GLY A 163 -9.76 33.40 -42.36
CA GLY A 163 -10.32 33.21 -43.69
C GLY A 163 -11.80 33.49 -43.68
N LEU A 164 -12.50 32.83 -42.75
CA LEU A 164 -13.94 33.03 -42.51
C LEU A 164 -14.30 34.51 -42.44
N ALA A 165 -13.61 35.25 -41.57
CA ALA A 165 -13.78 36.69 -41.43
C ALA A 165 -13.47 37.40 -42.74
N PHE A 166 -12.35 37.04 -43.35
CA PHE A 166 -11.95 37.63 -44.62
C PHE A 166 -13.04 37.43 -45.67
N ILE A 167 -13.49 36.18 -45.84
CA ILE A 167 -14.56 35.86 -46.78
C ILE A 167 -15.81 36.69 -46.48
N GLU A 168 -16.17 36.75 -45.20
CA GLU A 168 -17.26 37.57 -44.71
C GLU A 168 -17.15 38.98 -45.29
N ASP A 169 -15.96 39.57 -45.20
CA ASP A 169 -15.70 40.93 -45.69
C ASP A 169 -15.79 41.09 -47.20
N THR A 170 -15.58 40.01 -47.96
CA THR A 170 -15.63 40.08 -49.43
C THR A 170 -17.07 40.15 -49.94
N GLY A 171 -18.01 39.73 -49.10
CA GLY A 171 -19.42 39.71 -49.43
C GLY A 171 -19.75 38.71 -50.52
N SER A 172 -18.74 37.98 -50.98
CA SER A 172 -18.96 37.02 -52.06
C SER A 172 -19.50 35.68 -51.61
N ASP A 173 -20.12 34.98 -52.55
CA ASP A 173 -20.54 33.59 -52.38
C ASP A 173 -19.85 32.68 -53.40
N ASN A 174 -18.73 33.13 -53.96
CA ASN A 174 -17.89 32.28 -54.79
C ASN A 174 -16.45 32.20 -54.24
N ILE A 175 -16.28 32.65 -53.01
CA ILE A 175 -15.00 32.53 -52.34
C ILE A 175 -15.09 31.56 -51.15
N PHE A 176 -14.37 30.45 -51.26
CA PHE A 176 -14.33 29.45 -50.20
C PHE A 176 -12.93 29.30 -49.59
N LEU A 177 -12.79 28.39 -48.63
CA LEU A 177 -11.52 28.13 -47.97
C LEU A 177 -10.78 26.94 -48.56
N HIS A 178 -9.47 27.11 -48.67
CA HIS A 178 -8.56 26.05 -49.03
C HIS A 178 -7.70 25.85 -47.82
N LEU A 179 -7.95 24.75 -47.14
CA LEU A 179 -7.20 24.38 -45.94
C LEU A 179 -6.08 23.36 -46.25
N ASP A 180 -4.96 23.47 -45.54
CA ASP A 180 -3.81 22.59 -45.78
C ASP A 180 -3.26 22.09 -44.44
N THR A 181 -3.35 20.77 -44.22
CA THR A 181 -2.98 20.18 -42.95
C THR A 181 -1.57 20.57 -42.48
N PHE A 182 -0.61 20.61 -43.40
CA PHE A 182 0.75 21.08 -43.11
C PHE A 182 0.75 22.51 -42.52
N HIS A 183 -0.03 23.42 -43.10
CA HIS A 183 -0.13 24.77 -42.57
C HIS A 183 -0.94 24.87 -41.31
N MET A 184 -2.01 24.07 -41.24
CA MET A 184 -2.91 24.06 -40.11
C MET A 184 -2.22 23.62 -38.82
N ASN A 185 -1.38 22.59 -38.94
CA ASN A 185 -0.70 22.05 -37.78
C ASN A 185 0.25 23.07 -37.13
N ILE A 186 0.72 24.04 -37.91
CA ILE A 186 1.57 25.09 -37.37
C ILE A 186 0.73 26.22 -36.76
N GLU A 187 -0.38 26.56 -37.40
CA GLU A 187 -1.13 27.76 -37.05
C GLU A 187 -2.38 27.54 -36.20
N GLU A 188 -3.14 26.50 -36.48
CA GLU A 188 -4.41 26.28 -35.78
C GLU A 188 -4.24 25.82 -34.32
N ALA A 189 -5.24 26.13 -33.49
CA ALA A 189 -5.26 25.74 -32.09
C ALA A 189 -5.48 24.25 -32.03
N ASP A 190 -6.33 23.78 -32.92
CA ASP A 190 -6.60 22.37 -33.06
C ASP A 190 -7.07 22.14 -34.49
N VAL A 191 -6.38 21.25 -35.20
CA VAL A 191 -6.73 21.00 -36.59
C VAL A 191 -8.20 20.61 -36.77
N GLY A 192 -8.66 19.62 -36.01
CA GLY A 192 -10.06 19.19 -36.04
C GLY A 192 -11.03 20.30 -35.67
N LEU A 193 -10.72 21.03 -34.61
CA LEU A 193 -11.56 22.14 -34.18
C LEU A 193 -11.70 23.16 -35.29
N ALA A 194 -10.59 23.49 -35.94
CA ALA A 194 -10.58 24.48 -37.00
C ALA A 194 -11.38 24.01 -38.23
N ILE A 195 -11.24 22.74 -38.58
CA ILE A 195 -12.09 22.16 -39.62
C ILE A 195 -13.59 22.32 -39.24
N ARG A 196 -13.95 21.93 -38.02
CA ARG A 196 -15.34 22.01 -37.54
C ARG A 196 -15.87 23.44 -37.58
N HIS A 197 -14.99 24.37 -37.24
CA HIS A 197 -15.34 25.78 -37.22
C HIS A 197 -15.61 26.32 -38.60
N ALA A 198 -15.03 25.67 -39.63
CA ALA A 198 -15.09 26.15 -41.01
C ALA A 198 -16.16 25.47 -41.88
N ALA A 199 -16.99 24.64 -41.25
CA ALA A 199 -18.04 23.87 -41.94
C ALA A 199 -18.83 24.68 -42.97
N GLY A 200 -18.99 24.10 -44.15
CA GLY A 200 -19.71 24.75 -45.26
C GLY A 200 -19.04 25.98 -45.84
N LYS A 201 -17.77 26.17 -45.53
CA LYS A 201 -17.00 27.22 -46.16
C LYS A 201 -15.68 26.65 -46.69
N ILE A 202 -15.55 25.32 -46.67
CA ILE A 202 -14.36 24.66 -47.17
C ILE A 202 -14.55 24.19 -48.60
N GLY A 203 -13.75 24.76 -49.50
CA GLY A 203 -13.80 24.41 -50.92
C GLY A 203 -12.78 23.40 -51.39
N TYR A 204 -11.68 23.25 -50.65
CA TYR A 204 -10.61 22.36 -51.07
C TYR A 204 -9.68 22.04 -49.90
N VAL A 205 -9.07 20.85 -49.93
CA VAL A 205 -8.16 20.44 -48.85
C VAL A 205 -6.84 19.85 -49.38
N HIS A 206 -5.73 20.29 -48.81
CA HIS A 206 -4.45 19.63 -49.04
C HIS A 206 -4.10 18.72 -47.89
N ILE A 207 -3.87 17.46 -48.20
CA ILE A 207 -3.31 16.53 -47.24
C ILE A 207 -1.78 16.53 -47.39
N GLY A 208 -1.10 16.91 -46.32
CA GLY A 208 0.36 16.93 -46.30
C GLY A 208 0.83 16.71 -44.88
N GLU A 209 1.89 15.93 -44.70
CA GLU A 209 2.44 15.66 -43.38
C GLU A 209 3.18 16.88 -42.80
N SER A 210 3.42 16.87 -41.48
CA SER A 210 4.06 17.98 -40.78
C SER A 210 5.38 18.43 -41.41
N HIS A 211 6.19 17.48 -41.88
CA HIS A 211 7.44 17.85 -42.58
C HIS A 211 7.32 17.80 -44.07
N ARG A 212 6.09 17.57 -44.57
CA ARG A 212 5.78 17.49 -46.00
C ARG A 212 6.32 16.25 -46.71
N GLY A 213 6.69 15.23 -45.95
CA GLY A 213 7.12 13.97 -46.55
C GLY A 213 6.01 12.93 -46.64
N PHE A 214 6.36 11.66 -46.44
CA PHE A 214 5.38 10.60 -46.39
C PHE A 214 4.32 10.89 -45.31
N LEU A 215 3.06 10.62 -45.65
CA LEU A 215 1.96 10.64 -44.71
C LEU A 215 2.16 9.63 -43.60
N GLY A 216 1.88 10.05 -42.36
CA GLY A 216 1.98 9.18 -41.17
C GLY A 216 3.38 9.10 -40.64
N THR A 217 4.26 9.86 -41.25
CA THR A 217 5.69 9.77 -40.98
C THR A 217 6.13 11.00 -40.15
N GLY A 218 5.14 11.79 -39.74
CA GLY A 218 5.38 13.04 -39.04
C GLY A 218 4.53 13.14 -37.79
N ASN A 219 4.19 14.37 -37.42
CA ASN A 219 3.49 14.61 -36.17
C ASN A 219 2.01 14.91 -36.28
N ILE A 220 1.49 14.99 -37.50
CA ILE A 220 0.08 15.35 -37.67
C ILE A 220 -0.82 14.19 -37.26
N ASP A 221 -1.90 14.53 -36.56
CA ASP A 221 -2.92 13.58 -36.17
C ASP A 221 -3.93 13.51 -37.27
N PHE A 222 -3.74 12.57 -38.20
CA PHE A 222 -4.64 12.48 -39.37
C PHE A 222 -6.00 11.87 -39.07
N ALA A 223 -6.06 10.95 -38.10
CA ALA A 223 -7.35 10.38 -37.71
C ALA A 223 -8.25 11.49 -37.23
N ALA A 224 -7.71 12.41 -36.42
CA ALA A 224 -8.49 13.54 -35.95
C ALA A 224 -9.00 14.40 -37.10
N ILE A 225 -8.22 14.45 -38.19
CA ILE A 225 -8.55 15.27 -39.36
C ILE A 225 -9.61 14.59 -40.22
N PHE A 226 -9.48 13.29 -40.43
CA PHE A 226 -10.49 12.55 -41.18
C PHE A 226 -11.82 12.51 -40.41
N ASP A 227 -11.73 12.39 -39.08
CA ASP A 227 -12.90 12.48 -38.19
C ASP A 227 -13.61 13.82 -38.27
N ALA A 228 -12.85 14.92 -38.32
CA ALA A 228 -13.44 16.26 -38.43
C ALA A 228 -14.14 16.47 -39.78
N LEU A 229 -13.47 16.17 -40.90
CA LEU A 229 -14.07 16.22 -42.24
C LEU A 229 -15.35 15.41 -42.28
N THR A 230 -15.30 14.21 -41.69
CA THR A 230 -16.45 13.31 -41.66
C THR A 230 -17.55 13.86 -40.75
N ALA A 231 -17.18 14.48 -39.64
CA ALA A 231 -18.19 15.07 -38.76
C ALA A 231 -18.96 16.15 -39.49
N ILE A 232 -18.27 16.93 -40.33
CA ILE A 232 -18.90 18.04 -41.04
C ILE A 232 -19.49 17.59 -42.39
N GLY A 233 -19.34 16.30 -42.72
CA GLY A 233 -19.84 15.75 -43.98
C GLY A 233 -19.23 16.42 -45.21
N TYR A 234 -17.90 16.51 -45.24
CA TYR A 234 -17.19 17.16 -46.32
C TYR A 234 -17.24 16.28 -47.56
N ALA A 235 -17.78 16.83 -48.64
CA ALA A 235 -18.06 16.00 -49.82
C ALA A 235 -17.36 16.51 -51.07
N ASP A 236 -16.24 17.19 -50.89
CA ASP A 236 -15.53 17.84 -51.98
C ASP A 236 -14.11 17.27 -52.13
N ASP A 237 -13.34 17.84 -53.05
CA ASP A 237 -12.02 17.31 -53.38
C ASP A 237 -10.97 17.58 -52.30
N LEU A 238 -10.00 16.66 -52.23
CA LEU A 238 -8.81 16.89 -51.43
C LEU A 238 -7.61 16.23 -52.10
N SER A 239 -6.44 16.83 -51.93
CA SER A 239 -5.26 16.32 -52.62
C SER A 239 -4.04 16.18 -51.77
N PHE A 240 -3.24 15.16 -52.10
CA PHE A 240 -1.97 14.90 -51.47
C PHE A 240 -0.91 15.88 -51.98
N GLU A 241 -0.06 16.35 -51.07
CA GLU A 241 0.94 17.38 -51.38
C GLU A 241 2.27 17.02 -50.67
N SER A 242 3.32 16.82 -51.45
CA SER A 242 4.65 16.57 -50.93
C SER A 242 5.66 16.98 -51.98
N PHE A 243 6.73 17.66 -51.63
CA PHE A 243 7.66 18.14 -52.66
C PHE A 243 9.11 17.68 -52.43
N SER A 244 9.87 17.67 -53.53
CA SER A 244 11.29 17.30 -53.54
C SER A 244 12.11 18.36 -54.27
N SER A 245 13.19 18.79 -53.61
CA SER A 245 14.20 19.70 -54.17
C SER A 245 14.61 19.28 -55.57
N GLU A 246 14.72 17.98 -55.77
CA GLU A 246 15.09 17.38 -57.01
C GLU A 246 14.11 17.64 -58.12
N ILE A 247 12.83 17.69 -57.81
CA ILE A 247 11.83 17.89 -58.82
C ILE A 247 11.27 19.30 -59.03
N VAL A 248 11.03 20.04 -57.98
CA VAL A 248 10.47 21.36 -58.15
C VAL A 248 11.47 22.39 -58.64
N ASP A 249 10.96 23.47 -59.16
CA ASP A 249 11.80 24.54 -59.65
C ASP A 249 12.26 25.46 -58.56
N GLU A 250 13.43 26.01 -58.75
CA GLU A 250 14.13 26.73 -57.68
C GLU A 250 13.32 27.81 -56.97
N ASN A 251 12.31 28.36 -57.63
CA ASN A 251 11.42 29.35 -56.99
C ASN A 251 10.65 28.77 -55.80
N LEU A 252 10.08 27.59 -56.00
CA LEU A 252 9.26 26.95 -54.98
C LEU A 252 10.08 26.29 -53.88
N SER A 253 11.15 25.60 -54.27
CA SER A 253 12.12 25.04 -53.33
C SER A 253 12.58 26.09 -52.34
N LYS A 254 12.81 27.30 -52.83
CA LYS A 254 13.30 28.38 -51.99
C LYS A 254 12.21 29.04 -51.12
N LYS A 255 11.02 29.26 -51.69
CA LYS A 255 9.92 29.86 -50.92
C LYS A 255 9.35 28.93 -49.86
N THR A 256 9.36 27.62 -50.13
CA THR A 256 8.84 26.68 -49.15
C THR A 256 9.97 25.98 -48.40
N ALA A 257 11.19 26.49 -48.61
CA ALA A 257 12.40 26.08 -47.89
C ALA A 257 12.64 24.57 -47.88
N ILE A 258 12.58 23.96 -49.06
CA ILE A 258 12.89 22.55 -49.18
C ILE A 258 14.40 22.38 -49.31
N TRP A 259 15.02 22.03 -48.19
CA TRP A 259 16.46 21.93 -48.08
C TRP A 259 16.93 20.52 -48.13
N ARG A 260 16.00 19.62 -47.84
CA ARG A 260 16.32 18.21 -47.72
C ARG A 260 15.14 17.46 -48.29
N ASN A 261 15.42 16.33 -48.91
CA ASN A 261 14.36 15.55 -49.49
C ASN A 261 14.11 14.27 -48.71
N LEU A 262 12.83 14.06 -48.42
CA LEU A 262 12.39 13.03 -47.50
C LEU A 262 12.03 11.73 -48.21
N TRP A 263 11.97 11.80 -49.53
CA TRP A 263 11.73 10.64 -50.36
C TRP A 263 12.52 10.76 -51.64
N THR A 264 12.64 9.63 -52.34
CA THR A 264 13.35 9.54 -53.62
C THR A 264 12.45 8.88 -54.63
N ASP A 265 11.58 8.00 -54.15
CA ASP A 265 10.71 7.21 -55.01
C ASP A 265 9.28 7.72 -54.91
N ASN A 266 8.89 8.56 -55.87
CA ASN A 266 7.56 9.18 -55.81
C ASN A 266 6.37 8.31 -56.24
N MET A 267 6.63 7.16 -56.83
CA MET A 267 5.52 6.23 -57.07
C MET A 267 5.15 5.58 -55.75
N ALA A 268 6.16 5.13 -55.00
CA ALA A 268 5.92 4.54 -53.68
C ALA A 268 5.20 5.55 -52.80
N LEU A 269 5.74 6.76 -52.75
CA LEU A 269 5.15 7.85 -52.02
C LEU A 269 3.68 8.06 -52.39
N ALA A 270 3.37 8.10 -53.68
CA ALA A 270 1.99 8.35 -54.11
C ALA A 270 1.02 7.21 -53.79
N LYS A 271 1.37 5.99 -54.19
CA LYS A 271 0.59 4.80 -53.85
C LYS A 271 0.31 4.73 -52.36
N HIS A 272 1.34 5.01 -51.55
CA HIS A 272 1.20 5.04 -50.08
C HIS A 272 0.23 6.10 -49.63
N ALA A 273 0.36 7.28 -50.20
CA ALA A 273 -0.51 8.39 -49.83
C ALA A 273 -1.95 8.03 -50.22
N ARG A 274 -2.10 7.29 -51.32
CA ARG A 274 -3.42 6.90 -51.80
C ARG A 274 -4.10 5.92 -50.82
N ALA A 275 -3.34 4.94 -50.34
CA ALA A 275 -3.87 3.97 -49.39
C ALA A 275 -4.19 4.63 -48.06
N PHE A 276 -3.31 5.55 -47.65
CA PHE A 276 -3.41 6.22 -46.35
C PHE A 276 -4.67 7.09 -46.32
N ILE A 277 -4.86 7.92 -47.33
CA ILE A 277 -6.06 8.74 -47.39
C ILE A 277 -7.30 7.87 -47.59
N GLY A 278 -7.16 6.82 -48.41
CA GLY A 278 -8.27 5.91 -48.69
C GLY A 278 -8.73 5.22 -47.43
N LEU A 279 -7.83 4.48 -46.81
CA LEU A 279 -8.12 3.80 -45.55
C LEU A 279 -8.58 4.77 -44.46
N GLY A 280 -7.80 5.83 -44.24
CA GLY A 280 -8.14 6.85 -43.26
C GLY A 280 -9.58 7.31 -43.31
N LEU A 281 -10.08 7.58 -44.51
CA LEU A 281 -11.48 8.00 -44.67
C LEU A 281 -12.48 6.88 -44.43
N GLU A 282 -12.18 5.67 -44.90
CA GLU A 282 -13.05 4.53 -44.67
C GLU A 282 -13.20 4.28 -43.15
N THR A 283 -12.07 4.26 -42.44
CA THR A 283 -12.04 4.10 -41.00
C THR A 283 -12.86 5.19 -40.27
N ALA A 284 -12.68 6.45 -40.66
CA ALA A 284 -13.45 7.53 -40.08
C ALA A 284 -14.95 7.39 -40.40
N ARG A 285 -15.28 6.71 -41.49
CA ARG A 285 -16.66 6.52 -41.92
C ARG A 285 -17.29 5.44 -41.05
N ARG A 286 -16.63 4.28 -41.01
CA ARG A 286 -16.90 3.22 -40.07
C ARG A 286 -17.18 3.73 -38.64
N LYS A 287 -16.31 4.59 -38.10
CA LYS A 287 -16.40 4.95 -36.69
C LYS A 287 -17.51 5.95 -36.36
N ALA A 288 -17.70 6.95 -37.21
CA ALA A 288 -18.76 7.95 -37.00
C ALA A 288 -20.16 7.32 -37.02
N GLU A 289 -20.27 6.19 -37.69
CA GLU A 289 -21.49 5.40 -37.76
C GLU A 289 -21.64 4.57 -36.49
N LEU A 290 -20.52 4.01 -36.01
CA LEU A 290 -20.53 3.24 -34.76
C LEU A 290 -21.02 4.11 -33.59
N VAL A 291 -20.46 5.32 -33.48
CA VAL A 291 -20.83 6.29 -32.45
C VAL A 291 -22.35 6.34 -32.28
N SER A 292 -23.03 6.53 -33.41
CA SER A 292 -24.50 6.63 -33.46
C SER A 292 -25.28 5.32 -33.28
N ALA A 293 -24.62 4.17 -33.39
CA ALA A 293 -25.37 2.91 -33.38
C ALA A 293 -26.19 2.76 -32.09
N ARG A 294 -27.49 2.53 -32.25
CA ARG A 294 -28.39 2.39 -31.11
C ARG A 294 -28.10 1.14 -30.28
N HIS A 295 -27.74 0.04 -30.95
CA HIS A 295 -27.39 -1.23 -30.29
C HIS A 295 -28.39 -1.73 -29.27
N LYS A 296 -29.67 -1.56 -29.57
CA LYS A 296 -30.78 -2.08 -28.77
C LYS A 296 -30.95 -3.58 -29.02
N PRO A 297 -31.27 -4.37 -27.98
CA PRO A 297 -31.52 -5.81 -28.23
C PRO A 297 -32.88 -6.07 -28.89
N MET B 1 8.19 -10.40 -43.03
CA MET B 1 8.56 -11.85 -43.07
C MET B 1 7.94 -12.67 -41.91
N ALA B 2 7.96 -12.14 -40.69
CA ALA B 2 7.15 -12.70 -39.60
C ALA B 2 5.69 -12.64 -40.05
N ARG B 3 4.85 -13.53 -39.52
CA ARG B 3 3.50 -13.68 -40.07
C ARG B 3 2.50 -12.70 -39.50
N ILE B 4 1.60 -12.22 -40.34
CA ILE B 4 0.46 -11.44 -39.87
C ILE B 4 -0.77 -12.36 -39.84
N GLY B 5 -1.07 -12.88 -38.67
CA GLY B 5 -2.16 -13.79 -38.45
C GLY B 5 -3.53 -13.26 -38.23
N ILE B 6 -4.49 -14.15 -38.17
CA ILE B 6 -5.85 -13.87 -37.74
C ILE B 6 -6.38 -14.96 -36.81
N HIS B 7 -7.42 -14.68 -36.04
CA HIS B 7 -8.01 -15.70 -35.20
C HIS B 7 -9.17 -16.27 -35.88
N SER B 8 -9.31 -17.56 -35.76
CA SER B 8 -10.34 -18.36 -36.40
C SER B 8 -11.72 -17.98 -35.98
N PHE B 9 -11.89 -17.62 -34.74
CA PHE B 9 -13.19 -17.34 -34.24
C PHE B 9 -13.73 -16.15 -34.97
N VAL B 10 -12.90 -15.47 -35.70
CA VAL B 10 -13.43 -14.43 -36.54
C VAL B 10 -14.33 -15.06 -37.55
N TRP B 11 -13.97 -16.25 -38.00
CA TRP B 11 -14.68 -16.92 -39.03
C TRP B 11 -15.81 -17.84 -38.63
N SER B 12 -15.55 -18.74 -37.71
CA SER B 12 -16.57 -19.55 -37.05
C SER B 12 -16.08 -20.17 -35.74
N ALA B 13 -17.02 -20.66 -34.93
CA ALA B 13 -16.66 -21.39 -33.71
C ALA B 13 -16.34 -22.84 -34.02
N SER B 14 -16.96 -23.33 -35.09
CA SER B 14 -16.98 -24.75 -35.41
C SER B 14 -15.61 -25.33 -35.72
N SER B 15 -15.43 -26.58 -35.29
CA SER B 15 -14.19 -27.32 -35.49
C SER B 15 -14.36 -28.37 -36.61
N ALA B 16 -15.59 -28.48 -37.12
CA ALA B 16 -15.95 -29.42 -38.18
C ALA B 16 -15.10 -29.20 -39.42
N GLN B 17 -14.59 -30.29 -39.98
CA GLN B 17 -13.74 -30.26 -41.17
C GLN B 17 -14.24 -29.25 -42.21
N SER B 18 -15.55 -29.25 -42.47
CA SER B 18 -16.13 -28.39 -43.49
C SER B 18 -15.93 -26.89 -43.19
N GLU B 19 -15.97 -26.55 -41.90
CA GLU B 19 -15.73 -25.19 -41.46
C GLU B 19 -14.23 -24.87 -41.41
N LEU B 20 -13.43 -25.77 -40.83
CA LEU B 20 -11.98 -25.68 -40.89
C LEU B 20 -11.47 -25.25 -42.26
N GLU B 21 -12.04 -25.86 -43.30
CA GLU B 21 -11.71 -25.57 -44.68
C GLU B 21 -12.07 -24.15 -45.07
N ARG B 22 -13.29 -23.72 -44.72
CA ARG B 22 -13.75 -22.34 -44.99
C ARG B 22 -12.90 -21.30 -44.25
N THR B 23 -12.62 -21.61 -42.99
CA THR B 23 -11.81 -20.77 -42.12
C THR B 23 -10.44 -20.50 -42.76
N LEU B 24 -9.73 -21.57 -43.13
CA LEU B 24 -8.44 -21.47 -43.82
C LEU B 24 -8.54 -20.70 -45.15
N ALA B 25 -9.54 -21.02 -45.97
CA ALA B 25 -9.73 -20.34 -47.25
C ALA B 25 -9.93 -18.84 -47.08
N ASN B 26 -10.95 -18.46 -46.31
CA ASN B 26 -11.19 -17.06 -45.94
C ASN B 26 -9.93 -16.36 -45.43
N THR B 27 -9.19 -17.01 -44.53
CA THR B 27 -7.92 -16.49 -44.00
C THR B 27 -7.00 -16.03 -45.13
N ARG B 28 -6.76 -16.93 -46.09
CA ARG B 28 -5.93 -16.63 -47.25
C ARG B 28 -6.48 -15.48 -48.07
N ASP B 29 -7.74 -15.57 -48.47
CA ASP B 29 -8.38 -14.55 -49.30
C ASP B 29 -8.41 -13.18 -48.63
N ALA B 30 -8.04 -13.13 -47.36
CA ALA B 30 -8.01 -11.87 -46.65
C ALA B 30 -6.60 -11.26 -46.66
N GLY B 31 -5.59 -12.09 -46.84
CA GLY B 31 -4.21 -11.62 -46.97
C GLY B 31 -3.34 -12.03 -45.79
N PHE B 32 -3.93 -12.77 -44.86
CA PHE B 32 -3.21 -13.22 -43.68
C PHE B 32 -2.44 -14.48 -44.01
N ASP B 33 -1.38 -14.76 -43.24
CA ASP B 33 -0.54 -15.93 -43.49
C ASP B 33 -0.25 -16.73 -42.21
N LEU B 34 -1.16 -16.61 -41.26
CA LEU B 34 -1.17 -17.44 -40.05
C LEU B 34 -2.60 -17.52 -39.53
N ILE B 35 -2.95 -18.68 -39.01
CA ILE B 35 -4.25 -18.92 -38.49
C ILE B 35 -4.06 -19.28 -37.06
N GLU B 36 -4.91 -18.73 -36.22
CA GLU B 36 -4.95 -19.05 -34.82
C GLU B 36 -6.23 -19.79 -34.50
N PHE B 37 -6.07 -20.93 -33.86
CA PHE B 37 -7.15 -21.79 -33.44
C PHE B 37 -7.21 -21.87 -31.95
N SER B 38 -8.40 -21.76 -31.39
CA SER B 38 -8.54 -22.01 -29.98
C SER B 38 -9.09 -23.37 -29.63
N TYR B 39 -10.12 -23.81 -30.30
CA TYR B 39 -10.67 -25.10 -29.97
C TYR B 39 -10.41 -26.09 -31.06
N LEU B 40 -9.83 -27.22 -30.71
CA LEU B 40 -9.68 -28.31 -31.68
C LEU B 40 -10.00 -29.69 -31.09
N ASP B 41 -11.21 -30.17 -31.41
CA ASP B 41 -11.72 -31.42 -30.90
C ASP B 41 -10.72 -32.57 -31.05
N PRO B 42 -10.34 -33.21 -29.93
CA PRO B 42 -9.41 -34.35 -29.91
C PRO B 42 -9.93 -35.57 -30.68
N ALA B 43 -11.25 -35.75 -30.72
CA ALA B 43 -11.87 -36.93 -31.32
C ALA B 43 -12.36 -36.72 -32.75
N ASP B 44 -12.82 -35.52 -33.06
CA ASP B 44 -13.48 -35.25 -34.34
C ASP B 44 -12.56 -34.64 -35.43
N VAL B 45 -11.31 -34.37 -35.08
CA VAL B 45 -10.43 -33.64 -36.01
C VAL B 45 -9.15 -34.40 -36.33
N ASP B 46 -8.87 -34.54 -37.62
CA ASP B 46 -7.60 -35.12 -38.09
C ASP B 46 -6.50 -34.08 -37.99
N ILE B 47 -5.52 -34.38 -37.14
CA ILE B 47 -4.43 -33.45 -36.83
C ILE B 47 -3.42 -33.39 -38.00
N GLY B 48 -2.77 -34.52 -38.31
CA GLY B 48 -1.79 -34.62 -39.38
C GLY B 48 -2.29 -34.17 -40.74
N ARG B 49 -3.60 -34.27 -40.95
CA ARG B 49 -4.26 -33.71 -42.13
C ARG B 49 -4.22 -32.19 -42.09
N LEU B 50 -4.75 -31.64 -41.00
CA LEU B 50 -4.80 -30.19 -40.79
C LEU B 50 -3.39 -29.61 -40.88
N ALA B 51 -2.42 -30.32 -40.28
CA ALA B 51 -1.00 -29.93 -40.35
C ALA B 51 -0.48 -29.85 -41.79
N LYS B 52 -1.02 -30.70 -42.66
CA LYS B 52 -0.63 -30.71 -44.06
C LYS B 52 -1.39 -29.58 -44.77
N ARG B 53 -2.70 -29.49 -44.54
CA ARG B 53 -3.54 -28.47 -45.15
C ARG B 53 -3.04 -27.05 -44.85
N ILE B 54 -2.38 -26.89 -43.71
CA ILE B 54 -1.90 -25.59 -43.28
C ILE B 54 -0.65 -25.20 -44.07
N ALA B 55 0.36 -26.07 -44.09
CA ALA B 55 1.59 -25.79 -44.85
C ALA B 55 1.32 -25.68 -46.35
N ASP B 56 0.38 -26.48 -46.85
CA ASP B 56 0.01 -26.47 -48.26
C ASP B 56 -0.40 -25.08 -48.69
N LEU B 57 -1.13 -24.40 -47.82
CA LEU B 57 -1.68 -23.09 -48.08
C LEU B 57 -0.68 -21.96 -47.81
N GLY B 58 0.53 -22.31 -47.34
CA GLY B 58 1.55 -21.33 -47.03
C GLY B 58 1.19 -20.54 -45.79
N LEU B 59 0.45 -21.18 -44.90
CA LEU B 59 -0.02 -20.61 -43.65
C LEU B 59 0.83 -21.10 -42.48
N GLY B 60 1.10 -20.20 -41.53
CA GLY B 60 1.62 -20.60 -40.23
C GLY B 60 0.44 -20.83 -39.31
N VAL B 61 0.69 -21.44 -38.16
CA VAL B 61 -0.37 -21.74 -37.21
C VAL B 61 0.10 -21.47 -35.79
N ALA B 62 -0.83 -21.03 -34.94
CA ALA B 62 -0.58 -20.92 -33.50
C ALA B 62 -1.83 -21.36 -32.73
N ILE B 63 -1.61 -21.85 -31.52
CA ILE B 63 -2.72 -22.33 -30.69
C ILE B 63 -2.79 -21.54 -29.38
N SER B 64 -3.96 -20.96 -29.13
CA SER B 64 -4.22 -20.23 -27.88
C SER B 64 -5.45 -20.80 -27.18
N ILE B 65 -5.34 -21.00 -25.86
CA ILE B 65 -6.48 -21.43 -25.05
C ILE B 65 -6.66 -20.58 -23.80
N GLY B 66 -7.87 -20.59 -23.25
CA GLY B 66 -8.10 -19.97 -21.94
C GLY B 66 -8.51 -20.99 -20.89
N LEU B 67 -7.60 -21.27 -19.97
CA LEU B 67 -7.83 -22.25 -18.90
C LEU B 67 -9.19 -22.07 -18.23
N PRO B 68 -9.98 -23.16 -18.14
CA PRO B 68 -11.29 -23.07 -17.51
C PRO B 68 -11.17 -23.12 -15.98
N ALA B 69 -12.21 -22.73 -15.28
CA ALA B 69 -12.20 -22.56 -13.85
C ALA B 69 -11.84 -23.82 -13.17
N ASP B 70 -12.29 -24.91 -13.71
CA ASP B 70 -12.13 -26.19 -13.10
C ASP B 70 -10.80 -26.72 -13.49
N GLY B 71 -10.05 -25.91 -14.21
CA GLY B 71 -8.70 -26.25 -14.58
C GLY B 71 -7.64 -25.23 -14.30
N ASP B 72 -7.73 -24.49 -13.21
CA ASP B 72 -6.85 -23.39 -12.92
C ASP B 72 -5.59 -23.85 -12.26
N ILE B 73 -4.51 -23.86 -13.00
CA ILE B 73 -3.24 -24.37 -12.42
C ILE B 73 -2.73 -23.56 -11.23
N SER B 74 -3.44 -22.49 -10.89
CA SER B 74 -3.05 -21.69 -9.73
C SER B 74 -3.88 -22.01 -8.47
N SER B 75 -4.92 -22.82 -8.65
CA SER B 75 -5.82 -23.21 -7.55
C SER B 75 -5.08 -24.06 -6.51
N ALA B 76 -5.43 -23.86 -5.24
CA ALA B 76 -4.87 -24.67 -4.15
C ALA B 76 -5.35 -26.12 -4.23
N ASP B 77 -6.48 -26.34 -4.92
CA ASP B 77 -7.04 -27.67 -5.11
C ASP B 77 -6.21 -28.47 -6.11
N LYS B 78 -5.32 -29.32 -5.58
CA LYS B 78 -4.36 -30.11 -6.37
C LYS B 78 -5.00 -30.92 -7.50
N ALA B 79 -6.31 -31.14 -7.42
CA ALA B 79 -7.03 -31.86 -8.46
C ALA B 79 -7.42 -30.92 -9.59
N VAL B 80 -8.06 -29.80 -9.24
CA VAL B 80 -8.40 -28.74 -10.19
C VAL B 80 -7.15 -28.26 -10.92
N ALA B 81 -6.07 -28.06 -10.14
CA ALA B 81 -4.76 -27.74 -10.68
C ALA B 81 -4.29 -28.82 -11.65
N ALA B 82 -4.39 -30.08 -11.23
CA ALA B 82 -3.94 -31.22 -12.04
C ALA B 82 -4.68 -31.28 -13.37
N ARG B 83 -5.98 -30.99 -13.35
CA ARG B 83 -6.78 -30.92 -14.56
C ARG B 83 -6.17 -29.91 -15.54
N GLY B 84 -5.62 -28.82 -15.00
CA GLY B 84 -4.98 -27.76 -15.79
C GLY B 84 -3.74 -28.20 -16.55
N VAL B 85 -2.83 -28.89 -15.85
CA VAL B 85 -1.63 -29.45 -16.47
C VAL B 85 -1.96 -30.41 -17.62
N GLU B 86 -2.93 -31.28 -17.42
CA GLU B 86 -3.35 -32.18 -18.48
C GLU B 86 -3.89 -31.38 -19.65
N ILE B 87 -4.70 -30.36 -19.37
CA ILE B 87 -5.19 -29.46 -20.42
C ILE B 87 -4.02 -28.84 -21.16
N LEU B 88 -3.00 -28.40 -20.41
CA LEU B 88 -1.80 -27.80 -21.01
C LEU B 88 -1.02 -28.82 -21.85
N ASN B 89 -0.62 -29.92 -21.23
CA ASN B 89 0.12 -31.01 -21.88
C ASN B 89 -0.57 -31.47 -23.18
N GLN B 90 -1.90 -31.52 -23.15
CA GLN B 90 -2.67 -31.92 -24.32
C GLN B 90 -2.65 -30.83 -25.39
N THR B 91 -2.57 -29.57 -24.96
CA THR B 91 -2.53 -28.45 -25.87
C THR B 91 -1.13 -28.30 -26.48
N ILE B 92 -0.10 -28.59 -25.70
CA ILE B 92 1.27 -28.61 -26.20
C ILE B 92 1.37 -29.60 -27.36
N ALA B 93 0.94 -30.84 -27.12
CA ALA B 93 1.00 -31.93 -28.12
C ALA B 93 0.24 -31.63 -29.39
N LEU B 94 -0.98 -31.09 -29.25
CA LEU B 94 -1.76 -30.70 -30.42
C LEU B 94 -1.03 -29.62 -31.21
N THR B 95 -0.37 -28.70 -30.49
CA THR B 95 0.38 -27.64 -31.16
C THR B 95 1.55 -28.22 -31.95
N ARG B 96 2.39 -29.01 -31.28
CA ARG B 96 3.54 -29.67 -31.91
C ARG B 96 3.10 -30.45 -33.15
N ASP B 97 2.06 -31.29 -33.00
CA ASP B 97 1.60 -32.16 -34.08
C ASP B 97 1.00 -31.39 -35.26
N LEU B 98 0.70 -30.12 -35.03
CA LEU B 98 0.03 -29.31 -36.02
C LEU B 98 1.02 -28.51 -36.85
N GLY B 99 2.30 -28.55 -36.45
CA GLY B 99 3.36 -27.81 -37.12
C GLY B 99 3.56 -26.38 -36.64
N GLY B 100 2.93 -26.03 -35.51
CA GLY B 100 3.09 -24.72 -34.88
C GLY B 100 4.19 -24.76 -33.84
N ARG B 101 4.70 -23.60 -33.46
CA ARG B 101 5.78 -23.54 -32.46
C ARG B 101 5.46 -22.73 -31.20
N LYS B 102 4.24 -22.17 -31.13
CA LYS B 102 3.84 -21.49 -29.91
C LYS B 102 2.44 -21.80 -29.34
N VAL B 103 2.41 -22.17 -28.07
CA VAL B 103 1.17 -22.19 -27.29
C VAL B 103 0.98 -20.83 -26.61
N ALA B 104 -0.24 -20.30 -26.70
CA ALA B 104 -0.60 -18.98 -26.16
C ALA B 104 -1.93 -18.99 -25.40
N GLY B 105 -2.29 -17.81 -24.89
CA GLY B 105 -3.59 -17.61 -24.27
C GLY B 105 -3.42 -17.53 -22.78
N ILE B 106 -4.54 -17.63 -22.06
CA ILE B 106 -4.50 -17.47 -20.62
C ILE B 106 -4.11 -18.80 -20.00
N LEU B 107 -2.84 -18.87 -19.60
CA LEU B 107 -2.14 -20.11 -19.34
C LEU B 107 -1.75 -20.23 -17.87
N SER B 108 -1.87 -19.13 -17.15
CA SER B 108 -1.35 -19.03 -15.78
C SER B 108 -2.45 -19.03 -14.73
N ALA B 109 -3.70 -19.05 -15.18
CA ALA B 109 -4.84 -18.95 -14.28
C ALA B 109 -6.13 -19.13 -15.06
N GLY B 110 -7.23 -19.26 -14.33
CA GLY B 110 -8.55 -19.37 -14.93
C GLY B 110 -8.91 -18.16 -15.74
N HIS B 111 -9.55 -18.39 -16.88
CA HIS B 111 -10.07 -17.33 -17.73
C HIS B 111 -11.42 -16.94 -17.20
N GLY B 112 -11.50 -15.75 -16.62
CA GLY B 112 -12.76 -15.24 -16.09
C GLY B 112 -12.57 -14.23 -14.97
N LEU B 113 -13.68 -13.63 -14.55
CA LEU B 113 -13.68 -12.68 -13.45
C LEU B 113 -13.67 -13.41 -12.11
N GLN B 114 -12.48 -13.48 -11.51
CA GLN B 114 -12.27 -14.15 -10.23
C GLN B 114 -13.02 -13.45 -9.09
N VAL B 115 -13.21 -14.14 -7.96
CA VAL B 115 -13.99 -13.57 -6.82
C VAL B 115 -13.14 -13.10 -5.65
N GLU B 116 -11.94 -13.64 -5.53
CA GLU B 116 -11.01 -13.19 -4.50
C GLU B 116 -9.82 -12.46 -5.12
N ALA B 117 -9.21 -11.57 -4.32
CA ALA B 117 -7.99 -10.90 -4.72
C ALA B 117 -6.89 -11.95 -4.97
N PRO B 118 -5.92 -11.62 -5.84
CA PRO B 118 -4.79 -12.54 -6.03
C PRO B 118 -4.00 -12.76 -4.74
N THR B 119 -3.28 -13.87 -4.65
CA THR B 119 -2.45 -14.12 -3.46
C THR B 119 -1.03 -14.48 -3.87
N ARG B 120 -0.12 -14.37 -2.92
CA ARG B 120 1.27 -14.73 -3.15
C ARG B 120 1.40 -16.23 -3.39
N ASP B 121 0.60 -17.02 -2.68
CA ASP B 121 0.68 -18.48 -2.82
C ASP B 121 0.07 -18.94 -4.14
N GLN B 122 -0.96 -18.24 -4.60
CA GLN B 122 -1.56 -18.49 -5.92
C GLN B 122 -0.52 -18.26 -7.01
N TRP B 123 0.19 -17.15 -6.88
CA TRP B 123 1.25 -16.73 -7.80
C TRP B 123 2.34 -17.75 -7.90
N ASN B 124 2.89 -18.13 -6.75
CA ASN B 124 3.96 -19.13 -6.69
C ASN B 124 3.52 -20.48 -7.21
N ARG B 125 2.25 -20.82 -6.96
CA ARG B 125 1.67 -22.09 -7.41
C ARG B 125 1.66 -22.18 -8.93
N SER B 126 1.19 -21.12 -9.59
CA SER B 126 1.21 -21.05 -11.05
C SER B 126 2.62 -21.12 -11.62
N ALA B 127 3.55 -20.36 -11.03
CA ALA B 127 4.93 -20.33 -11.52
C ALA B 127 5.59 -21.68 -11.36
N ALA B 128 5.41 -22.31 -10.20
CA ALA B 128 5.97 -23.64 -9.95
C ALA B 128 5.49 -24.66 -10.98
N ALA B 129 4.21 -24.58 -11.32
CA ALA B 129 3.57 -25.48 -12.27
C ALA B 129 4.03 -25.19 -13.68
N LEU B 130 3.95 -23.93 -14.11
CA LEU B 130 4.36 -23.53 -15.47
C LEU B 130 5.84 -23.79 -15.75
N ALA B 131 6.66 -23.65 -14.70
CA ALA B 131 8.08 -24.00 -14.77
C ALA B 131 8.27 -25.42 -15.33
N LYS B 132 7.51 -26.37 -14.79
CA LYS B 132 7.60 -27.77 -15.18
C LYS B 132 6.91 -28.04 -16.50
N VAL B 133 5.78 -27.38 -16.74
CA VAL B 133 5.09 -27.48 -18.02
C VAL B 133 5.94 -26.94 -19.18
N ALA B 134 6.83 -26.00 -18.87
CA ALA B 134 7.69 -25.35 -19.87
C ALA B 134 8.71 -26.30 -20.45
N GLU B 135 9.25 -27.17 -19.60
CA GLU B 135 10.22 -28.18 -20.03
C GLU B 135 9.55 -29.23 -20.92
N THR B 136 8.30 -29.57 -20.61
CA THR B 136 7.50 -30.43 -21.49
C THR B 136 7.45 -29.77 -22.85
N ALA B 137 7.02 -28.51 -22.87
CA ALA B 137 6.85 -27.73 -24.09
C ALA B 137 8.15 -27.63 -24.89
N LYS B 138 9.27 -27.52 -24.18
CA LYS B 138 10.57 -27.49 -24.81
C LYS B 138 10.79 -28.80 -25.55
N ALA B 139 10.61 -29.92 -24.84
CA ALA B 139 10.82 -31.26 -25.43
C ALA B 139 9.98 -31.45 -26.70
N ALA B 140 8.86 -30.73 -26.78
CA ALA B 140 7.99 -30.81 -27.94
C ALA B 140 8.34 -29.78 -29.01
N GLY B 141 9.40 -29.00 -28.77
CA GLY B 141 9.83 -27.93 -29.69
C GLY B 141 8.81 -26.81 -29.81
N VAL B 142 8.17 -26.52 -28.67
CA VAL B 142 7.13 -25.50 -28.60
C VAL B 142 7.47 -24.48 -27.50
N THR B 143 6.95 -23.26 -27.65
CA THR B 143 7.17 -22.23 -26.64
C THR B 143 5.87 -21.88 -25.94
N LEU B 144 6.00 -21.53 -24.67
CA LEU B 144 4.89 -21.03 -23.87
C LEU B 144 4.85 -19.50 -23.87
N ASN B 145 3.65 -18.98 -24.11
CA ASN B 145 3.47 -17.55 -24.25
C ASN B 145 2.25 -17.11 -23.46
N LEU B 146 2.50 -16.57 -22.27
CA LEU B 146 1.47 -16.21 -21.31
C LEU B 146 0.71 -14.93 -21.74
N GLU B 147 -0.56 -15.06 -22.11
CA GLU B 147 -1.33 -13.85 -22.41
C GLU B 147 -1.59 -13.05 -21.13
N ILE B 148 -1.45 -11.74 -21.26
CA ILE B 148 -1.60 -10.81 -20.18
C ILE B 148 -2.93 -10.13 -20.45
N VAL B 149 -3.89 -10.27 -19.55
CA VAL B 149 -5.25 -9.84 -19.85
C VAL B 149 -5.81 -8.87 -18.82
N ASN B 150 -6.95 -8.27 -19.12
CA ASN B 150 -7.52 -7.27 -18.25
C ASN B 150 -8.07 -7.87 -16.96
N ARG B 151 -8.32 -7.00 -15.98
CA ARG B 151 -8.69 -7.39 -14.64
C ARG B 151 -9.89 -8.34 -14.55
N PHE B 152 -10.82 -8.18 -15.49
CA PHE B 152 -12.05 -8.94 -15.53
C PHE B 152 -11.87 -10.36 -16.10
N GLU B 153 -10.67 -10.67 -16.59
CA GLU B 153 -10.46 -11.94 -17.30
C GLU B 153 -9.37 -12.80 -16.69
N SER B 154 -8.59 -12.20 -15.80
CA SER B 154 -7.75 -12.92 -14.85
C SER B 154 -7.41 -11.95 -13.72
N ASN B 155 -7.11 -12.48 -12.56
CA ASN B 155 -6.70 -11.69 -11.43
C ASN B 155 -5.24 -11.77 -11.18
N LEU B 156 -4.54 -12.51 -12.02
CA LEU B 156 -3.17 -12.79 -11.76
C LEU B 156 -2.15 -12.04 -12.60
N LEU B 157 -2.19 -12.15 -13.91
CA LEU B 157 -1.27 -11.40 -14.73
C LEU B 157 -2.01 -10.41 -15.60
N ASN B 158 -2.06 -9.18 -15.16
CA ASN B 158 -2.77 -8.10 -15.87
C ASN B 158 -1.86 -7.14 -16.57
N THR B 159 -0.57 -7.25 -16.28
CA THR B 159 0.39 -6.26 -16.70
C THR B 159 1.62 -6.92 -17.31
N ALA B 160 2.24 -6.28 -18.29
CA ALA B 160 3.50 -6.76 -18.84
C ALA B 160 4.57 -6.87 -17.76
N ALA B 161 4.72 -5.86 -16.92
CA ALA B 161 5.72 -5.86 -15.85
C ALA B 161 5.53 -7.02 -14.87
N GLN B 162 4.31 -7.23 -14.40
CA GLN B 162 4.08 -8.36 -13.50
C GLN B 162 4.25 -9.67 -14.25
N GLY B 163 3.97 -9.63 -15.55
CA GLY B 163 4.22 -10.76 -16.44
C GLY B 163 5.70 -11.06 -16.56
N LEU B 164 6.52 -10.00 -16.61
CA LEU B 164 7.98 -10.14 -16.62
C LEU B 164 8.52 -10.70 -15.30
N ALA B 165 8.00 -10.21 -14.18
CA ALA B 165 8.44 -10.68 -12.85
C ALA B 165 8.05 -12.14 -12.58
N PHE B 166 6.86 -12.53 -13.04
CA PHE B 166 6.36 -13.90 -12.93
C PHE B 166 7.31 -14.87 -13.59
N ILE B 167 7.75 -14.52 -14.80
CA ILE B 167 8.67 -15.35 -15.57
C ILE B 167 10.03 -15.50 -14.87
N GLU B 168 10.48 -14.46 -14.18
CA GLU B 168 11.69 -14.56 -13.35
C GLU B 168 11.46 -15.58 -12.23
N ASP B 169 10.26 -15.58 -11.66
CA ASP B 169 9.92 -16.51 -10.59
C ASP B 169 9.94 -17.99 -11.03
N THR B 170 9.53 -18.28 -12.27
CA THR B 170 9.57 -19.65 -12.81
C THR B 170 11.00 -20.13 -13.03
N GLY B 171 11.90 -19.20 -13.33
CA GLY B 171 13.27 -19.53 -13.69
C GLY B 171 13.40 -20.13 -15.07
N SER B 172 12.29 -20.25 -15.78
CA SER B 172 12.26 -20.83 -17.13
C SER B 172 12.88 -19.94 -18.21
N ASP B 173 13.54 -20.57 -19.18
CA ASP B 173 14.10 -19.87 -20.34
C ASP B 173 13.26 -20.13 -21.59
N ASN B 174 12.09 -20.75 -21.39
CA ASN B 174 11.19 -21.09 -22.48
C ASN B 174 9.76 -20.58 -22.25
N ILE B 175 9.63 -19.50 -21.47
CA ILE B 175 8.36 -18.80 -21.30
C ILE B 175 8.49 -17.33 -21.74
N PHE B 176 7.47 -16.84 -22.45
CA PHE B 176 7.50 -15.48 -23.01
C PHE B 176 6.16 -14.80 -22.86
N LEU B 177 6.11 -13.50 -23.17
CA LEU B 177 4.86 -12.76 -23.10
C LEU B 177 4.07 -12.80 -24.39
N HIS B 178 2.76 -12.92 -24.22
CA HIS B 178 1.79 -12.73 -25.25
C HIS B 178 1.05 -11.48 -24.83
N LEU B 179 1.21 -10.41 -25.60
CA LEU B 179 0.58 -9.13 -25.30
C LEU B 179 -0.56 -8.91 -26.27
N ASP B 180 -1.64 -8.31 -25.77
CA ASP B 180 -2.86 -8.08 -26.54
C ASP B 180 -3.25 -6.63 -26.38
N THR B 181 -3.41 -5.93 -27.49
CA THR B 181 -3.58 -4.48 -27.43
C THR B 181 -4.88 -4.06 -26.74
N PHE B 182 -5.91 -4.88 -26.87
CA PHE B 182 -7.17 -4.64 -26.16
C PHE B 182 -7.02 -4.71 -24.62
N HIS B 183 -6.23 -5.67 -24.13
CA HIS B 183 -6.01 -5.77 -22.70
C HIS B 183 -5.09 -4.68 -22.22
N MET B 184 -3.94 -4.57 -22.87
CA MET B 184 -2.93 -3.56 -22.61
C MET B 184 -3.49 -2.16 -22.47
N ASN B 185 -4.39 -1.77 -23.38
CA ASN B 185 -4.97 -0.43 -23.31
C ASN B 185 -5.80 -0.20 -22.04
N ILE B 186 -6.31 -1.26 -21.43
CA ILE B 186 -7.02 -1.14 -20.15
C ILE B 186 -6.02 -1.08 -18.97
N GLU B 187 -5.10 -2.03 -18.90
CA GLU B 187 -4.24 -2.17 -17.71
C GLU B 187 -2.89 -1.43 -17.73
N GLU B 188 -2.24 -1.33 -18.90
CA GLU B 188 -0.89 -0.76 -18.97
C GLU B 188 -0.90 0.75 -18.77
N ALA B 189 0.15 1.26 -18.12
CA ALA B 189 0.34 2.69 -17.96
C ALA B 189 0.48 3.42 -19.31
N ASP B 190 1.22 2.83 -20.23
CA ASP B 190 1.33 3.33 -21.57
C ASP B 190 1.71 2.16 -22.46
N VAL B 191 0.83 1.82 -23.40
CA VAL B 191 1.00 0.62 -24.23
C VAL B 191 2.39 0.53 -24.88
N GLY B 192 2.80 1.60 -25.57
CA GLY B 192 4.15 1.72 -26.14
C GLY B 192 5.28 1.59 -25.13
N LEU B 193 5.13 2.24 -23.98
CA LEU B 193 6.13 2.14 -22.91
C LEU B 193 6.23 0.73 -22.34
N ALA B 194 5.08 0.07 -22.22
CA ALA B 194 5.02 -1.33 -21.78
C ALA B 194 5.69 -2.25 -22.79
N ILE B 195 5.45 -2.00 -24.08
CA ILE B 195 6.14 -2.76 -25.12
C ILE B 195 7.66 -2.59 -25.01
N ARG B 196 8.13 -1.34 -24.91
CA ARG B 196 9.58 -1.07 -24.74
C ARG B 196 10.15 -1.85 -23.55
N HIS B 197 9.43 -1.86 -22.45
CA HIS B 197 9.80 -2.51 -21.24
C HIS B 197 9.94 -3.98 -21.33
N ALA B 198 9.17 -4.60 -22.19
CA ALA B 198 9.15 -6.02 -22.37
C ALA B 198 10.00 -6.51 -23.50
N ALA B 199 10.77 -5.64 -24.08
CA ALA B 199 11.45 -6.01 -25.27
C ALA B 199 12.27 -7.24 -25.01
N GLY B 200 12.27 -8.11 -25.99
CA GLY B 200 13.10 -9.28 -25.97
C GLY B 200 12.47 -10.39 -25.20
N LYS B 201 11.33 -10.13 -24.61
CA LYS B 201 10.63 -11.15 -23.88
C LYS B 201 9.23 -11.32 -24.43
N ILE B 202 8.95 -10.64 -25.51
CA ILE B 202 7.67 -10.78 -26.17
C ILE B 202 7.78 -11.89 -27.21
N GLY B 203 6.95 -12.92 -27.07
CA GLY B 203 6.89 -14.02 -28.01
C GLY B 203 5.72 -14.01 -28.98
N TYR B 204 4.63 -13.31 -28.64
CA TYR B 204 3.42 -13.26 -29.50
C TYR B 204 2.59 -12.02 -29.17
N VAL B 205 1.78 -11.57 -30.14
CA VAL B 205 1.07 -10.29 -30.05
C VAL B 205 -0.33 -10.38 -30.66
N HIS B 206 -1.30 -9.79 -29.98
CA HIS B 206 -2.68 -9.75 -30.44
C HIS B 206 -3.06 -8.34 -30.74
N ILE B 207 -3.49 -8.08 -31.96
CA ILE B 207 -3.97 -6.77 -32.34
C ILE B 207 -5.50 -6.79 -32.24
N GLY B 208 -6.04 -5.92 -31.39
CA GLY B 208 -7.48 -5.79 -31.19
C GLY B 208 -7.79 -4.39 -30.71
N GLU B 209 -8.87 -3.80 -31.22
CA GLU B 209 -9.29 -2.47 -30.86
C GLU B 209 -9.83 -2.41 -29.41
N SER B 210 -10.00 -1.19 -28.91
CA SER B 210 -10.49 -0.95 -27.56
C SER B 210 -11.86 -1.55 -27.31
N HIS B 211 -12.71 -1.60 -28.34
CA HIS B 211 -14.05 -2.17 -28.21
C HIS B 211 -14.18 -3.54 -28.86
N ARG B 212 -13.10 -4.00 -29.47
CA ARG B 212 -13.00 -5.32 -30.15
C ARG B 212 -13.62 -5.41 -31.56
N GLY B 213 -13.89 -4.27 -32.17
CA GLY B 213 -14.36 -4.24 -33.55
C GLY B 213 -13.28 -3.95 -34.57
N PHE B 214 -13.61 -3.09 -35.54
CA PHE B 214 -12.71 -2.71 -36.60
C PHE B 214 -11.57 -1.93 -36.01
N LEU B 215 -10.35 -2.31 -36.39
CA LEU B 215 -9.16 -1.55 -36.12
C LEU B 215 -9.34 -0.09 -36.54
N GLY B 216 -8.92 0.81 -35.65
CA GLY B 216 -8.98 2.25 -35.91
C GLY B 216 -10.34 2.88 -35.68
N THR B 217 -11.31 2.08 -35.25
CA THR B 217 -12.66 2.61 -34.98
C THR B 217 -12.94 2.76 -33.48
N GLY B 218 -11.88 2.65 -32.66
CA GLY B 218 -11.96 2.87 -31.22
C GLY B 218 -10.92 3.85 -30.70
N ASN B 219 -10.44 3.63 -29.48
CA ASN B 219 -9.64 4.63 -28.79
C ASN B 219 -8.14 4.35 -28.69
N ILE B 220 -7.69 3.22 -29.26
CA ILE B 220 -6.29 2.83 -29.11
C ILE B 220 -5.38 3.58 -30.08
N ASP B 221 -4.22 3.98 -29.57
CA ASP B 221 -3.21 4.64 -30.39
C ASP B 221 -2.37 3.60 -31.12
N PHE B 222 -2.84 3.16 -32.28
CA PHE B 222 -2.14 2.08 -32.97
C PHE B 222 -0.81 2.51 -33.55
N ALA B 223 -0.71 3.77 -33.98
CA ALA B 223 0.55 4.30 -34.45
C ALA B 223 1.65 4.19 -33.37
N ALA B 224 1.29 4.51 -32.13
CA ALA B 224 2.23 4.42 -31.02
C ALA B 224 2.64 2.96 -30.77
N ILE B 225 1.70 2.05 -30.98
CA ILE B 225 1.99 0.62 -30.79
C ILE B 225 2.95 0.12 -31.86
N PHE B 226 2.68 0.49 -33.10
CA PHE B 226 3.54 0.12 -34.20
C PHE B 226 4.96 0.70 -34.05
N ASP B 227 5.05 1.97 -33.67
CA ASP B 227 6.32 2.66 -33.39
C ASP B 227 7.15 1.93 -32.35
N ALA B 228 6.50 1.53 -31.25
CA ALA B 228 7.17 0.81 -30.18
C ALA B 228 7.68 -0.55 -30.69
N LEU B 229 6.80 -1.32 -31.34
CA LEU B 229 7.17 -2.59 -31.94
C LEU B 229 8.40 -2.40 -32.83
N THR B 230 8.33 -1.41 -33.73
CA THR B 230 9.46 -1.08 -34.59
C THR B 230 10.72 -0.75 -33.75
N ALA B 231 10.55 0.00 -32.66
CA ALA B 231 11.70 0.48 -31.86
C ALA B 231 12.47 -0.63 -31.20
N ILE B 232 11.74 -1.65 -30.76
CA ILE B 232 12.34 -2.81 -30.08
C ILE B 232 12.63 -3.89 -31.10
N GLY B 233 12.39 -3.61 -32.38
CA GLY B 233 12.76 -4.50 -33.48
C GLY B 233 12.08 -5.85 -33.41
N TYR B 234 10.79 -5.86 -33.13
CA TYR B 234 10.02 -7.06 -32.95
C TYR B 234 9.83 -7.77 -34.25
N ALA B 235 10.10 -9.06 -34.27
CA ALA B 235 10.06 -9.82 -35.50
C ALA B 235 9.40 -11.15 -35.37
N ASP B 236 8.27 -11.20 -34.70
CA ASP B 236 7.58 -12.40 -34.42
C ASP B 236 6.16 -12.27 -34.85
N ASP B 237 5.40 -13.33 -34.76
CA ASP B 237 4.05 -13.32 -35.33
C ASP B 237 3.09 -12.46 -34.57
N LEU B 238 2.06 -11.98 -35.26
CA LEU B 238 0.97 -11.28 -34.61
C LEU B 238 -0.34 -11.57 -35.33
N SER B 239 -1.45 -11.52 -34.58
CA SER B 239 -2.75 -11.80 -35.16
C SER B 239 -3.82 -10.78 -34.78
N PHE B 240 -4.82 -10.67 -35.65
CA PHE B 240 -5.97 -9.83 -35.44
C PHE B 240 -7.05 -10.63 -34.71
N GLU B 241 -7.63 -10.06 -33.66
CA GLU B 241 -8.86 -10.61 -33.06
C GLU B 241 -9.99 -9.59 -32.90
N SER B 242 -11.20 -10.07 -33.12
CA SER B 242 -12.41 -9.26 -33.18
C SER B 242 -13.56 -10.26 -33.19
N PHE B 243 -14.46 -10.16 -32.22
CA PHE B 243 -15.42 -11.24 -32.01
C PHE B 243 -16.89 -10.84 -32.13
N SER B 244 -17.64 -11.74 -32.77
CA SER B 244 -19.09 -11.63 -32.88
C SER B 244 -19.79 -12.78 -32.14
N SER B 245 -20.81 -12.42 -31.35
CA SER B 245 -21.59 -13.36 -30.54
C SER B 245 -22.48 -14.27 -31.39
N GLU B 246 -22.80 -13.81 -32.59
CA GLU B 246 -23.48 -14.64 -33.59
C GLU B 246 -22.51 -15.69 -34.17
N ILE B 247 -21.21 -15.47 -34.00
CA ILE B 247 -20.18 -16.40 -34.55
C ILE B 247 -19.53 -17.28 -33.47
N VAL B 248 -19.12 -16.70 -32.35
CA VAL B 248 -18.37 -17.44 -31.32
C VAL B 248 -19.25 -18.27 -30.38
N ASP B 249 -18.65 -19.29 -29.77
CA ASP B 249 -19.31 -20.12 -28.77
C ASP B 249 -19.84 -19.25 -27.65
N GLU B 250 -21.04 -19.55 -27.19
CA GLU B 250 -21.66 -18.81 -26.08
C GLU B 250 -20.80 -18.77 -24.80
N ASN B 251 -19.90 -19.74 -24.64
CA ASN B 251 -18.94 -19.78 -23.54
C ASN B 251 -18.02 -18.55 -23.50
N LEU B 252 -17.21 -18.38 -24.55
CA LEU B 252 -16.34 -17.22 -24.73
C LEU B 252 -17.14 -15.92 -24.87
N SER B 253 -18.34 -16.03 -25.43
CA SER B 253 -19.21 -14.88 -25.64
C SER B 253 -19.68 -14.27 -24.33
N LYS B 254 -19.72 -15.11 -23.29
CA LYS B 254 -20.10 -14.65 -21.97
C LYS B 254 -18.86 -14.32 -21.15
N LYS B 255 -17.76 -14.95 -21.49
CA LYS B 255 -16.52 -14.76 -20.76
C LYS B 255 -15.87 -13.42 -21.12
N THR B 256 -16.05 -12.98 -22.36
CA THR B 256 -15.45 -11.74 -22.83
C THR B 256 -16.53 -10.70 -23.07
N ALA B 257 -17.75 -11.04 -22.65
CA ALA B 257 -18.93 -10.16 -22.62
C ALA B 257 -19.27 -9.45 -23.93
N ILE B 258 -19.42 -10.23 -24.99
CA ILE B 258 -19.85 -9.67 -26.27
C ILE B 258 -21.37 -9.56 -26.22
N TRP B 259 -21.85 -8.34 -25.99
CA TRP B 259 -23.29 -8.10 -25.89
C TRP B 259 -23.81 -7.46 -27.12
N ARG B 260 -22.92 -6.76 -27.82
CA ARG B 260 -23.24 -6.04 -29.04
C ARG B 260 -22.46 -6.68 -30.15
N ASN B 261 -22.94 -6.51 -31.37
CA ASN B 261 -22.14 -6.87 -32.51
C ASN B 261 -21.81 -5.66 -33.34
N LEU B 262 -20.51 -5.46 -33.52
CA LEU B 262 -19.97 -4.25 -34.10
C LEU B 262 -19.90 -4.40 -35.62
N TRP B 263 -20.02 -5.63 -36.08
CA TRP B 263 -19.95 -5.94 -37.49
C TRP B 263 -20.82 -7.10 -37.88
N THR B 264 -21.19 -7.13 -39.15
CA THR B 264 -21.89 -8.27 -39.74
C THR B 264 -21.06 -8.95 -40.81
N ASP B 265 -20.22 -8.18 -41.50
CA ASP B 265 -19.40 -8.65 -42.60
C ASP B 265 -17.94 -8.89 -42.20
N ASN B 266 -17.62 -10.12 -41.82
CA ASN B 266 -16.25 -10.46 -41.41
C ASN B 266 -15.16 -10.48 -42.50
N MET B 267 -15.56 -10.54 -43.76
CA MET B 267 -14.58 -10.40 -44.84
C MET B 267 -14.13 -8.96 -44.95
N ALA B 268 -15.10 -8.05 -44.88
CA ALA B 268 -14.78 -6.63 -44.90
C ALA B 268 -13.99 -6.28 -43.64
N LEU B 269 -14.34 -6.94 -42.53
CA LEU B 269 -13.63 -6.75 -41.27
C LEU B 269 -12.18 -7.20 -41.37
N ALA B 270 -11.98 -8.39 -41.94
CA ALA B 270 -10.64 -8.95 -42.06
C ALA B 270 -9.80 -8.25 -43.13
N LYS B 271 -10.41 -7.89 -44.25
CA LYS B 271 -9.65 -7.21 -45.30
C LYS B 271 -9.18 -5.87 -44.77
N HIS B 272 -10.10 -5.14 -44.13
CA HIS B 272 -9.79 -3.84 -43.48
C HIS B 272 -8.68 -3.94 -42.45
N ALA B 273 -8.72 -4.98 -41.62
CA ALA B 273 -7.73 -5.19 -40.57
C ALA B 273 -6.35 -5.49 -41.13
N ARG B 274 -6.30 -6.27 -42.21
CA ARG B 274 -5.05 -6.61 -42.90
C ARG B 274 -4.38 -5.39 -43.52
N ALA B 275 -5.20 -4.54 -44.12
CA ALA B 275 -4.70 -3.33 -44.71
C ALA B 275 -4.24 -2.40 -43.61
N PHE B 276 -4.97 -2.41 -42.50
CA PHE B 276 -4.67 -1.53 -41.37
C PHE B 276 -3.32 -1.88 -40.76
N ILE B 277 -3.11 -3.17 -40.50
CA ILE B 277 -1.88 -3.64 -39.87
C ILE B 277 -0.69 -3.48 -40.81
N GLY B 278 -0.88 -3.82 -42.08
CA GLY B 278 0.19 -3.75 -43.07
C GLY B 278 0.71 -2.34 -43.31
N LEU B 279 -0.21 -1.44 -43.64
CA LEU B 279 0.11 -0.03 -43.81
C LEU B 279 0.70 0.56 -42.54
N GLY B 280 0.11 0.20 -41.40
CA GLY B 280 0.55 0.65 -40.09
C GLY B 280 2.01 0.34 -39.80
N LEU B 281 2.40 -0.91 -40.01
CA LEU B 281 3.79 -1.33 -39.80
C LEU B 281 4.71 -0.71 -40.85
N GLU B 282 4.25 -0.65 -42.11
CA GLU B 282 5.05 0.02 -43.15
C GLU B 282 5.34 1.46 -42.72
N THR B 283 4.28 2.20 -42.36
CA THR B 283 4.39 3.59 -41.96
C THR B 283 5.34 3.80 -40.79
N ALA B 284 5.24 2.94 -39.78
CA ALA B 284 6.12 3.03 -38.63
C ALA B 284 7.59 2.75 -39.00
N ARG B 285 7.81 1.84 -39.95
CA ARG B 285 9.16 1.53 -40.44
C ARG B 285 9.81 2.68 -41.19
N ARG B 286 9.05 3.30 -42.08
CA ARG B 286 9.56 4.48 -42.81
C ARG B 286 9.91 5.60 -41.84
N LYS B 287 9.08 5.76 -40.81
CA LYS B 287 9.22 6.79 -39.78
C LYS B 287 10.46 6.57 -38.93
N ALA B 288 10.76 5.32 -38.60
CA ALA B 288 11.96 5.04 -37.78
C ALA B 288 13.24 5.25 -38.60
N GLU B 289 13.19 4.99 -39.91
CA GLU B 289 14.33 5.25 -40.78
C GLU B 289 14.54 6.75 -40.92
N LEU B 290 13.44 7.48 -41.11
CA LEU B 290 13.50 8.92 -41.27
C LEU B 290 14.12 9.62 -40.05
N VAL B 291 13.74 9.18 -38.84
CA VAL B 291 14.32 9.74 -37.60
C VAL B 291 15.85 9.78 -37.59
N SER B 292 16.46 8.76 -38.18
CA SER B 292 17.91 8.60 -38.16
C SER B 292 18.60 9.13 -39.40
N ALA B 293 17.82 9.52 -40.39
CA ALA B 293 18.40 10.10 -41.58
C ALA B 293 19.32 11.26 -41.17
N ARG B 294 20.61 11.11 -41.45
CA ARG B 294 21.52 12.24 -41.57
C ARG B 294 20.98 12.92 -42.81
N HIS B 295 20.84 14.22 -42.80
CA HIS B 295 20.38 14.82 -44.03
C HIS B 295 21.44 15.82 -44.31
N LYS B 296 22.62 15.25 -44.57
CA LYS B 296 23.83 16.01 -44.77
C LYS B 296 23.87 16.40 -46.24
N PRO B 297 24.09 17.70 -46.53
CA PRO B 297 24.11 18.15 -47.93
C PRO B 297 25.35 17.70 -48.72
N MET C 1 -25.06 25.58 -9.14
CA MET C 1 -23.83 25.64 -9.99
C MET C 1 -23.02 24.33 -9.92
N ALA C 2 -22.32 24.05 -11.01
CA ALA C 2 -21.56 22.80 -11.15
C ALA C 2 -20.34 22.75 -10.23
N ARG C 3 -19.89 21.53 -9.93
CA ARG C 3 -18.75 21.30 -9.06
C ARG C 3 -17.86 20.19 -9.61
N ILE C 4 -16.55 20.32 -9.38
CA ILE C 4 -15.60 19.24 -9.60
C ILE C 4 -15.56 18.44 -8.29
N GLY C 5 -15.90 17.17 -8.37
CA GLY C 5 -16.13 16.35 -7.17
C GLY C 5 -15.21 15.17 -7.08
N ILE C 6 -15.43 14.33 -6.08
CA ILE C 6 -14.57 13.15 -5.87
C ILE C 6 -15.38 11.98 -5.32
N HIS C 7 -14.96 10.78 -5.69
CA HIS C 7 -15.58 9.51 -5.36
C HIS C 7 -15.04 9.05 -4.02
N SER C 8 -15.93 8.65 -3.13
CA SER C 8 -15.53 8.37 -1.75
C SER C 8 -14.47 7.29 -1.64
N PHE C 9 -14.43 6.38 -2.62
CA PHE C 9 -13.49 5.25 -2.61
C PHE C 9 -12.03 5.61 -2.81
N VAL C 10 -11.76 6.88 -3.05
CA VAL C 10 -10.42 7.43 -2.99
C VAL C 10 -9.99 7.43 -1.52
N TRP C 11 -10.94 7.70 -0.63
CA TRP C 11 -10.68 7.93 0.79
C TRP C 11 -10.93 6.75 1.68
N SER C 12 -12.03 6.04 1.44
CA SER C 12 -12.49 5.03 2.36
C SER C 12 -13.40 4.04 1.67
N ALA C 13 -13.38 2.80 2.16
CA ALA C 13 -14.32 1.77 1.73
C ALA C 13 -15.39 1.54 2.81
N SER C 14 -15.58 2.52 3.68
CA SER C 14 -16.34 2.30 4.90
C SER C 14 -17.52 3.25 5.04
N SER C 15 -18.57 2.79 5.71
CA SER C 15 -19.72 3.63 5.99
C SER C 15 -19.83 3.96 7.48
N ALA C 16 -18.77 3.67 8.22
CA ALA C 16 -18.72 4.04 9.64
C ALA C 16 -18.63 5.57 9.77
N GLN C 17 -19.35 6.12 10.74
CA GLN C 17 -19.51 7.56 10.88
C GLN C 17 -18.22 8.40 10.82
N SER C 18 -17.19 7.99 11.55
CA SER C 18 -15.97 8.79 11.63
C SER C 18 -15.25 8.78 10.28
N GLU C 19 -15.37 7.65 9.59
CA GLU C 19 -14.77 7.45 8.28
C GLU C 19 -15.42 8.38 7.25
N LEU C 20 -16.75 8.40 7.25
CA LEU C 20 -17.52 9.33 6.43
C LEU C 20 -17.11 10.79 6.65
N GLU C 21 -16.83 11.14 7.90
CA GLU C 21 -16.54 12.53 8.24
C GLU C 21 -15.10 12.90 7.89
N ARG C 22 -14.17 11.95 8.07
CA ARG C 22 -12.82 12.02 7.53
C ARG C 22 -12.86 12.30 6.02
N THR C 23 -13.65 11.49 5.31
CA THR C 23 -13.90 11.65 3.89
C THR C 23 -14.19 13.11 3.51
N LEU C 24 -15.18 13.69 4.18
CA LEU C 24 -15.56 15.08 3.95
C LEU C 24 -14.34 15.99 4.08
N ALA C 25 -13.62 15.83 5.18
CA ALA C 25 -12.48 16.70 5.48
C ALA C 25 -11.39 16.56 4.40
N ASN C 26 -11.09 15.31 4.04
CA ASN C 26 -10.12 15.01 2.98
C ASN C 26 -10.52 15.59 1.63
N THR C 27 -11.80 15.47 1.30
CA THR C 27 -12.36 16.10 0.12
C THR C 27 -12.02 17.58 0.06
N ARG C 28 -12.28 18.30 1.15
CA ARG C 28 -12.10 19.74 1.16
C ARG C 28 -10.62 20.09 1.11
N ASP C 29 -9.82 19.37 1.87
CA ASP C 29 -8.37 19.58 1.84
C ASP C 29 -7.79 19.44 0.43
N ALA C 30 -8.40 18.58 -0.39
CA ALA C 30 -7.84 18.28 -1.72
C ALA C 30 -8.33 19.25 -2.79
N GLY C 31 -9.20 20.16 -2.39
CA GLY C 31 -9.60 21.22 -3.27
C GLY C 31 -10.88 20.89 -3.98
N PHE C 32 -11.52 19.81 -3.56
CA PHE C 32 -12.78 19.38 -4.19
C PHE C 32 -14.02 20.03 -3.56
N ASP C 33 -15.03 20.27 -4.38
CA ASP C 33 -16.23 20.99 -3.93
C ASP C 33 -17.45 20.08 -3.80
N LEU C 34 -17.32 18.84 -4.24
CA LEU C 34 -18.39 17.85 -4.11
C LEU C 34 -17.82 16.51 -3.68
N ILE C 35 -18.62 15.76 -2.90
CA ILE C 35 -18.28 14.40 -2.51
C ILE C 35 -19.38 13.51 -3.04
N GLU C 36 -18.97 12.33 -3.51
CA GLU C 36 -19.89 11.32 -3.95
C GLU C 36 -19.69 10.07 -3.10
N PHE C 37 -20.72 9.75 -2.31
CA PHE C 37 -20.67 8.54 -1.50
C PHE C 37 -21.20 7.40 -2.35
N SER C 38 -20.34 6.42 -2.59
CA SER C 38 -20.70 5.28 -3.43
C SER C 38 -20.81 4.07 -2.53
N TYR C 39 -21.85 3.26 -2.75
CA TYR C 39 -22.10 2.03 -2.00
C TYR C 39 -22.18 2.27 -0.48
N LEU C 40 -22.87 3.34 -0.11
CA LEU C 40 -23.07 3.70 1.29
C LEU C 40 -24.25 2.95 1.89
N ASP C 41 -23.98 2.27 3.01
CA ASP C 41 -25.03 1.77 3.89
C ASP C 41 -25.47 2.89 4.85
N PRO C 42 -26.72 3.38 4.72
CA PRO C 42 -27.18 4.46 5.60
C PRO C 42 -27.52 4.04 7.03
N ALA C 43 -27.59 2.73 7.28
CA ALA C 43 -27.90 2.21 8.61
C ALA C 43 -26.74 2.51 9.55
N ASP C 44 -27.06 3.08 10.72
CA ASP C 44 -26.06 3.55 11.68
C ASP C 44 -25.34 4.86 11.28
N VAL C 45 -25.99 5.65 10.43
CA VAL C 45 -25.44 6.94 9.99
C VAL C 45 -26.31 8.11 10.44
N ASP C 46 -25.68 9.04 11.17
CA ASP C 46 -26.31 10.25 11.66
C ASP C 46 -26.43 11.25 10.50
N ILE C 47 -27.48 11.11 9.69
CA ILE C 47 -27.69 11.98 8.53
C ILE C 47 -27.50 13.47 8.85
N GLY C 48 -28.09 13.91 9.97
CA GLY C 48 -28.04 15.30 10.40
C GLY C 48 -26.63 15.76 10.69
N ARG C 49 -25.87 14.93 11.39
CA ARG C 49 -24.49 15.24 11.73
C ARG C 49 -23.65 15.35 10.45
N LEU C 50 -23.92 14.45 9.50
CA LEU C 50 -23.24 14.41 8.22
C LEU C 50 -23.56 15.63 7.37
N ALA C 51 -24.85 15.89 7.17
CA ALA C 51 -25.34 17.08 6.45
C ALA C 51 -24.85 18.41 7.04
N LYS C 52 -24.52 18.42 8.32
CA LYS C 52 -24.02 19.63 8.99
C LYS C 52 -22.57 19.91 8.59
N ARG C 53 -21.76 18.85 8.60
CA ARG C 53 -20.35 18.97 8.26
C ARG C 53 -20.15 19.31 6.77
N ILE C 54 -21.06 18.83 5.93
CA ILE C 54 -21.07 19.18 4.51
C ILE C 54 -21.24 20.70 4.34
N ALA C 55 -22.22 21.26 5.04
CA ALA C 55 -22.43 22.71 5.05
C ALA C 55 -21.22 23.51 5.55
N ASP C 56 -20.57 23.02 6.61
CA ASP C 56 -19.41 23.71 7.16
C ASP C 56 -18.29 23.65 6.16
N LEU C 57 -18.12 22.48 5.54
CA LEU C 57 -17.05 22.24 4.58
C LEU C 57 -17.34 22.83 3.20
N GLY C 58 -18.56 23.34 3.01
CA GLY C 58 -18.95 23.97 1.75
C GLY C 58 -19.04 22.99 0.58
N LEU C 59 -19.56 21.80 0.85
CA LEU C 59 -19.57 20.73 -0.14
C LEU C 59 -20.93 20.49 -0.78
N GLY C 60 -20.91 20.09 -2.04
CA GLY C 60 -22.06 19.46 -2.64
C GLY C 60 -22.01 17.99 -2.30
N VAL C 61 -23.11 17.28 -2.55
CA VAL C 61 -23.13 15.84 -2.32
C VAL C 61 -23.89 15.09 -3.41
N ALA C 62 -23.37 13.91 -3.75
CA ALA C 62 -24.10 12.99 -4.63
C ALA C 62 -24.02 11.57 -4.10
N ILE C 63 -25.00 10.76 -4.49
CA ILE C 63 -25.14 9.40 -4.00
C ILE C 63 -25.13 8.44 -5.19
N SER C 64 -24.22 7.47 -5.19
CA SER C 64 -24.14 6.55 -6.30
C SER C 64 -24.11 5.10 -5.84
N ILE C 65 -24.84 4.26 -6.57
CA ILE C 65 -24.99 2.88 -6.21
C ILE C 65 -24.83 2.05 -7.48
N GLY C 66 -24.78 0.74 -7.33
CA GLY C 66 -24.93 -0.15 -8.46
C GLY C 66 -25.89 -1.22 -8.00
N LEU C 67 -26.97 -1.43 -8.73
CA LEU C 67 -27.99 -2.41 -8.34
C LEU C 67 -27.42 -3.82 -8.15
N PRO C 68 -27.80 -4.50 -7.04
CA PRO C 68 -27.34 -5.87 -6.79
C PRO C 68 -28.13 -6.88 -7.61
N ALA C 69 -27.68 -8.14 -7.65
CA ALA C 69 -28.35 -9.17 -8.42
C ALA C 69 -29.80 -9.39 -8.00
N ASP C 70 -30.05 -9.41 -6.69
CA ASP C 70 -31.39 -9.65 -6.18
C ASP C 70 -32.25 -8.38 -6.09
N GLY C 71 -31.70 -7.32 -6.63
CA GLY C 71 -32.36 -6.07 -6.73
C GLY C 71 -32.39 -5.53 -8.12
N ASP C 72 -32.34 -6.39 -9.11
CA ASP C 72 -32.25 -5.97 -10.50
C ASP C 72 -33.55 -5.63 -11.11
N ILE C 73 -33.77 -4.36 -11.37
CA ILE C 73 -35.04 -3.92 -11.84
C ILE C 73 -35.40 -4.37 -13.21
N SER C 74 -34.42 -4.88 -13.94
CA SER C 74 -34.61 -5.37 -15.28
C SER C 74 -34.91 -6.85 -15.38
N SER C 75 -34.89 -7.51 -14.25
CA SER C 75 -35.29 -8.88 -14.13
C SER C 75 -36.74 -9.07 -14.41
N ALA C 76 -37.01 -10.22 -15.01
CA ALA C 76 -38.33 -10.76 -15.25
C ALA C 76 -39.03 -11.06 -13.96
N ASP C 77 -38.26 -11.55 -13.02
CA ASP C 77 -38.85 -11.95 -11.80
C ASP C 77 -39.16 -10.75 -11.00
N LYS C 78 -40.43 -10.60 -10.77
CA LYS C 78 -41.07 -9.44 -10.23
C LYS C 78 -40.65 -9.15 -8.84
N ALA C 79 -40.30 -10.16 -8.08
CA ALA C 79 -39.82 -9.93 -6.75
C ALA C 79 -38.50 -9.19 -6.72
N VAL C 80 -37.60 -9.61 -7.59
CA VAL C 80 -36.30 -8.98 -7.78
C VAL C 80 -36.45 -7.54 -8.26
N ALA C 81 -37.36 -7.31 -9.19
CA ALA C 81 -37.60 -5.96 -9.71
C ALA C 81 -38.13 -4.98 -8.65
N ALA C 82 -39.10 -5.42 -7.86
CA ALA C 82 -39.70 -4.57 -6.80
C ALA C 82 -38.68 -4.13 -5.74
N ARG C 83 -37.73 -5.01 -5.43
CA ARG C 83 -36.64 -4.74 -4.51
C ARG C 83 -35.69 -3.64 -5.05
N GLY C 84 -35.44 -3.68 -6.35
CA GLY C 84 -34.64 -2.65 -7.02
C GLY C 84 -35.30 -1.29 -7.04
N VAL C 85 -36.62 -1.29 -7.15
CA VAL C 85 -37.39 -0.07 -6.97
C VAL C 85 -37.24 0.44 -5.53
N GLU C 86 -37.29 -0.47 -4.56
CA GLU C 86 -37.18 -0.09 -3.17
C GLU C 86 -35.79 0.43 -2.80
N ILE C 87 -34.76 -0.17 -3.37
CA ILE C 87 -33.39 0.35 -3.23
C ILE C 87 -33.30 1.79 -3.78
N LEU C 88 -33.84 1.98 -4.98
CA LEU C 88 -33.80 3.28 -5.63
C LEU C 88 -34.56 4.33 -4.83
N ASN C 89 -35.73 3.94 -4.31
CA ASN C 89 -36.56 4.82 -3.49
C ASN C 89 -35.82 5.25 -2.22
N GLN C 90 -35.16 4.26 -1.62
CA GLN C 90 -34.32 4.46 -0.46
C GLN C 90 -33.13 5.38 -0.78
N THR C 91 -32.49 5.19 -1.94
CA THR C 91 -31.33 6.03 -2.25
C THR C 91 -31.73 7.42 -2.69
N ILE C 92 -32.92 7.53 -3.30
CA ILE C 92 -33.46 8.85 -3.60
C ILE C 92 -33.61 9.63 -2.30
N ALA C 93 -34.20 8.97 -1.29
CA ALA C 93 -34.48 9.56 0.01
C ALA C 93 -33.22 10.08 0.69
N LEU C 94 -32.20 9.22 0.76
CA LEU C 94 -30.93 9.56 1.37
C LEU C 94 -30.28 10.76 0.71
N THR C 95 -30.35 10.79 -0.62
CA THR C 95 -29.84 11.91 -1.40
C THR C 95 -30.53 13.22 -0.99
N ARG C 96 -31.85 13.20 -0.95
CA ARG C 96 -32.64 14.37 -0.54
C ARG C 96 -32.34 14.77 0.90
N ASP C 97 -32.27 13.79 1.80
CA ASP C 97 -31.98 14.04 3.21
C ASP C 97 -30.60 14.67 3.42
N LEU C 98 -29.64 14.29 2.58
CA LEU C 98 -28.28 14.77 2.67
C LEU C 98 -28.05 16.09 1.95
N GLY C 99 -29.07 16.61 1.27
CA GLY C 99 -28.94 17.84 0.49
C GLY C 99 -28.41 17.67 -0.93
N GLY C 100 -28.45 16.43 -1.43
CA GLY C 100 -27.97 16.14 -2.78
C GLY C 100 -28.94 16.52 -3.88
N ARG C 101 -28.44 16.61 -5.10
CA ARG C 101 -29.27 16.89 -6.28
C ARG C 101 -29.30 15.72 -7.26
N LYS C 102 -28.46 14.71 -7.02
CA LYS C 102 -28.24 13.63 -7.98
C LYS C 102 -28.18 12.24 -7.37
N VAL C 103 -28.96 11.31 -7.91
CA VAL C 103 -28.66 9.89 -7.73
C VAL C 103 -27.89 9.45 -8.99
N ALA C 104 -26.90 8.58 -8.80
CA ALA C 104 -25.99 8.17 -9.89
C ALA C 104 -25.55 6.71 -9.77
N GLY C 105 -24.74 6.25 -10.72
CA GLY C 105 -24.23 4.87 -10.73
C GLY C 105 -25.09 3.95 -11.60
N ILE C 106 -24.86 2.65 -11.50
CA ILE C 106 -25.54 1.66 -12.32
C ILE C 106 -26.96 1.43 -11.82
N LEU C 107 -27.87 2.25 -12.34
CA LEU C 107 -29.27 2.34 -11.91
C LEU C 107 -30.25 1.60 -12.82
N SER C 108 -29.75 1.12 -13.94
CA SER C 108 -30.56 0.59 -15.02
C SER C 108 -30.66 -0.92 -14.99
N ALA C 109 -29.68 -1.58 -14.38
CA ALA C 109 -29.62 -3.05 -14.31
C ALA C 109 -28.60 -3.49 -13.25
N GLY C 110 -28.44 -4.80 -13.06
CA GLY C 110 -27.55 -5.35 -12.05
C GLY C 110 -26.08 -5.04 -12.31
N HIS C 111 -25.41 -4.48 -11.31
CA HIS C 111 -24.01 -4.15 -11.45
C HIS C 111 -23.15 -5.35 -11.27
N GLY C 112 -22.68 -5.93 -12.38
CA GLY C 112 -21.72 -7.04 -12.34
C GLY C 112 -21.56 -7.73 -13.68
N LEU C 113 -20.79 -8.82 -13.72
CA LEU C 113 -20.62 -9.60 -14.96
C LEU C 113 -21.74 -10.62 -15.19
N GLN C 114 -22.76 -10.17 -15.94
CA GLN C 114 -23.92 -10.96 -16.29
C GLN C 114 -23.53 -12.23 -17.01
N VAL C 115 -24.32 -13.28 -16.83
CA VAL C 115 -24.07 -14.55 -17.52
C VAL C 115 -25.08 -14.71 -18.63
N GLU C 116 -25.68 -13.59 -19.03
CA GLU C 116 -26.84 -13.58 -19.92
C GLU C 116 -26.71 -12.43 -20.93
N ALA C 117 -26.85 -12.73 -22.21
CA ALA C 117 -26.96 -11.69 -23.23
C ALA C 117 -28.26 -10.90 -23.03
N PRO C 118 -28.23 -9.58 -23.25
CA PRO C 118 -29.41 -8.77 -22.96
C PRO C 118 -30.61 -9.14 -23.85
N THR C 119 -31.81 -8.63 -23.53
CA THR C 119 -33.00 -8.85 -24.34
C THR C 119 -33.81 -7.57 -24.44
N ARG C 120 -34.65 -7.45 -25.47
CA ARG C 120 -35.57 -6.31 -25.60
C ARG C 120 -36.48 -6.18 -24.37
N ASP C 121 -36.83 -7.32 -23.77
CA ASP C 121 -37.73 -7.33 -22.62
C ASP C 121 -37.07 -6.65 -21.42
N GLN C 122 -35.85 -7.10 -21.12
CA GLN C 122 -35.01 -6.47 -20.09
C GLN C 122 -34.92 -4.96 -20.30
N TRP C 123 -34.62 -4.55 -21.54
CA TRP C 123 -34.58 -3.14 -21.91
C TRP C 123 -35.88 -2.46 -21.53
N ASN C 124 -36.97 -2.84 -22.19
CA ASN C 124 -38.30 -2.28 -21.92
C ASN C 124 -38.72 -2.29 -20.45
N ARG C 125 -38.49 -3.40 -19.75
CA ARG C 125 -38.83 -3.51 -18.33
C ARG C 125 -38.15 -2.41 -17.52
N SER C 126 -36.82 -2.39 -17.58
CA SER C 126 -36.02 -1.37 -16.91
C SER C 126 -36.49 0.04 -17.23
N ALA C 127 -36.82 0.29 -18.50
CA ALA C 127 -37.22 1.63 -18.93
C ALA C 127 -38.55 2.06 -18.31
N ALA C 128 -39.58 1.24 -18.48
CA ALA C 128 -40.88 1.48 -17.84
C ALA C 128 -40.71 1.67 -16.31
N ALA C 129 -39.93 0.79 -15.68
CA ALA C 129 -39.63 0.89 -14.26
C ALA C 129 -39.03 2.25 -13.89
N LEU C 130 -37.95 2.64 -14.56
CA LEU C 130 -37.24 3.88 -14.23
C LEU C 130 -38.04 5.13 -14.52
N ALA C 131 -38.95 5.06 -15.49
CA ALA C 131 -39.87 6.18 -15.76
C ALA C 131 -40.71 6.56 -14.54
N LYS C 132 -41.10 5.58 -13.74
CA LYS C 132 -41.88 5.81 -12.52
C LYS C 132 -40.97 6.40 -11.46
N VAL C 133 -39.89 5.67 -11.16
CA VAL C 133 -38.88 6.07 -10.18
C VAL C 133 -38.37 7.50 -10.41
N ALA C 134 -38.33 7.90 -11.69
CA ALA C 134 -37.94 9.25 -12.09
C ALA C 134 -38.89 10.29 -11.51
N GLU C 135 -40.20 9.99 -11.58
CA GLU C 135 -41.23 10.87 -11.01
C GLU C 135 -41.09 11.00 -9.51
N THR C 136 -40.79 9.87 -8.85
CA THR C 136 -40.48 9.85 -7.44
C THR C 136 -39.32 10.82 -7.18
N ALA C 137 -38.22 10.62 -7.91
CA ALA C 137 -37.03 11.45 -7.74
C ALA C 137 -37.33 12.94 -8.01
N LYS C 138 -38.12 13.22 -9.04
CA LYS C 138 -38.54 14.60 -9.32
C LYS C 138 -39.21 15.23 -8.09
N ALA C 139 -40.13 14.48 -7.47
CA ALA C 139 -40.86 14.93 -6.29
C ALA C 139 -39.93 15.24 -5.14
N ALA C 140 -38.89 14.42 -4.96
CA ALA C 140 -37.86 14.67 -3.97
C ALA C 140 -36.84 15.73 -4.44
N GLY C 141 -37.03 16.28 -5.64
CA GLY C 141 -36.12 17.29 -6.18
C GLY C 141 -34.77 16.73 -6.59
N VAL C 142 -34.77 15.52 -7.14
CA VAL C 142 -33.56 14.75 -7.45
C VAL C 142 -33.59 14.26 -8.90
N THR C 143 -32.46 14.36 -9.60
CA THR C 143 -32.35 13.82 -10.96
C THR C 143 -31.80 12.39 -10.94
N LEU C 144 -32.28 11.56 -11.84
CA LEU C 144 -31.67 10.26 -12.05
C LEU C 144 -30.55 10.35 -13.09
N ASN C 145 -29.48 9.58 -12.86
CA ASN C 145 -28.33 9.63 -13.74
C ASN C 145 -27.79 8.23 -13.97
N LEU C 146 -28.12 7.68 -15.12
CA LEU C 146 -27.76 6.31 -15.49
C LEU C 146 -26.29 6.28 -15.82
N GLU C 147 -25.51 5.47 -15.11
CA GLU C 147 -24.13 5.33 -15.49
C GLU C 147 -24.01 4.31 -16.60
N ILE C 148 -23.37 4.75 -17.67
CA ILE C 148 -23.03 3.88 -18.78
C ILE C 148 -21.69 3.20 -18.49
N VAL C 149 -21.69 1.87 -18.35
CA VAL C 149 -20.45 1.16 -17.98
C VAL C 149 -19.97 0.15 -19.04
N ASN C 150 -18.78 -0.39 -18.84
CA ASN C 150 -18.25 -1.35 -19.77
C ASN C 150 -18.99 -2.69 -19.68
N ARG C 151 -18.82 -3.51 -20.72
CA ARG C 151 -19.44 -4.84 -20.88
C ARG C 151 -19.38 -5.79 -19.65
N PHE C 152 -18.32 -5.69 -18.86
CA PHE C 152 -18.19 -6.55 -17.69
C PHE C 152 -18.92 -6.04 -16.44
N GLU C 153 -19.56 -4.88 -16.54
CA GLU C 153 -20.18 -4.28 -15.36
C GLU C 153 -21.70 -4.09 -15.50
N SER C 154 -22.21 -4.22 -16.71
CA SER C 154 -23.61 -4.33 -17.02
C SER C 154 -23.68 -4.93 -18.41
N ASN C 155 -24.79 -5.54 -18.78
CA ASN C 155 -25.01 -6.00 -20.13
C ASN C 155 -26.02 -5.20 -20.90
N LEU C 156 -26.58 -4.20 -20.29
CA LEU C 156 -27.55 -3.40 -20.94
C LEU C 156 -27.03 -2.11 -21.54
N LEU C 157 -26.59 -1.17 -20.72
CA LEU C 157 -26.15 0.10 -21.25
C LEU C 157 -24.66 0.26 -21.16
N ASN C 158 -24.00 0.20 -22.29
CA ASN C 158 -22.54 0.20 -22.37
C ASN C 158 -22.05 1.39 -23.16
N THR C 159 -22.99 2.00 -23.89
CA THR C 159 -22.71 3.00 -24.89
C THR C 159 -23.62 4.21 -24.67
N ALA C 160 -23.05 5.41 -24.81
CA ALA C 160 -23.85 6.63 -24.72
C ALA C 160 -25.08 6.59 -25.67
N ALA C 161 -24.87 6.10 -26.90
CA ALA C 161 -25.94 5.89 -27.88
C ALA C 161 -27.08 5.02 -27.35
N GLN C 162 -26.72 3.90 -26.71
CA GLN C 162 -27.71 3.01 -26.09
C GLN C 162 -28.47 3.77 -25.01
N GLY C 163 -27.70 4.43 -24.12
CA GLY C 163 -28.28 5.19 -23.04
C GLY C 163 -29.23 6.24 -23.58
N LEU C 164 -28.84 6.85 -24.68
CA LEU C 164 -29.62 7.93 -25.28
C LEU C 164 -30.96 7.38 -25.74
N ALA C 165 -30.92 6.24 -26.42
CA ALA C 165 -32.11 5.53 -26.89
C ALA C 165 -32.97 5.08 -25.70
N PHE C 166 -32.31 4.58 -24.66
CA PHE C 166 -32.98 4.14 -23.44
C PHE C 166 -33.79 5.29 -22.81
N ILE C 167 -33.17 6.46 -22.66
CA ILE C 167 -33.86 7.63 -22.13
C ILE C 167 -35.02 8.07 -23.04
N GLU C 168 -34.90 7.85 -24.34
CA GLU C 168 -36.03 8.04 -25.26
C GLU C 168 -37.19 7.12 -24.89
N ASP C 169 -36.87 5.88 -24.56
CA ASP C 169 -37.85 4.85 -24.26
C ASP C 169 -38.57 5.06 -22.92
N THR C 170 -37.89 5.66 -21.94
CA THR C 170 -38.52 5.91 -20.65
C THR C 170 -39.56 7.03 -20.72
N GLY C 171 -39.48 7.85 -21.76
CA GLY C 171 -40.36 9.01 -21.91
C GLY C 171 -40.11 10.14 -20.92
N SER C 172 -39.21 9.92 -19.95
CA SER C 172 -39.01 10.88 -18.86
C SER C 172 -38.24 12.12 -19.29
N ASP C 173 -38.36 13.16 -18.49
CA ASP C 173 -37.52 14.31 -18.59
C ASP C 173 -36.67 14.42 -17.36
N ASN C 174 -36.61 13.38 -16.57
CA ASN C 174 -35.80 13.43 -15.40
C ASN C 174 -34.78 12.33 -15.33
N ILE C 175 -34.47 11.72 -16.44
CA ILE C 175 -33.38 10.78 -16.48
C ILE C 175 -32.30 11.22 -17.41
N PHE C 176 -31.06 11.13 -16.95
CA PHE C 176 -29.95 11.65 -17.73
C PHE C 176 -28.82 10.64 -17.81
N LEU C 177 -27.89 10.90 -18.71
CA LEU C 177 -26.72 10.06 -18.83
C LEU C 177 -25.66 10.42 -17.78
N HIS C 178 -25.04 9.40 -17.24
CA HIS C 178 -23.88 9.55 -16.38
C HIS C 178 -22.76 8.78 -17.05
N LEU C 179 -21.81 9.53 -17.62
CA LEU C 179 -20.76 8.94 -18.44
C LEU C 179 -19.44 8.90 -17.69
N ASP C 180 -18.66 7.87 -17.96
CA ASP C 180 -17.42 7.64 -17.25
C ASP C 180 -16.30 7.39 -18.25
N THR C 181 -15.28 8.25 -18.26
CA THR C 181 -14.18 8.13 -19.23
C THR C 181 -13.48 6.76 -19.21
N PHE C 182 -13.38 6.12 -18.03
CA PHE C 182 -12.85 4.75 -17.92
C PHE C 182 -13.65 3.75 -18.77
N HIS C 183 -14.97 3.81 -18.66
CA HIS C 183 -15.84 2.92 -19.40
C HIS C 183 -15.88 3.32 -20.85
N MET C 184 -16.00 4.63 -21.10
CA MET C 184 -16.06 5.15 -22.46
C MET C 184 -14.86 4.70 -23.27
N ASN C 185 -13.67 4.67 -22.67
CA ASN C 185 -12.47 4.28 -23.39
C ASN C 185 -12.50 2.83 -23.85
N ILE C 186 -13.17 1.98 -23.09
CA ILE C 186 -13.38 0.59 -23.48
C ILE C 186 -14.52 0.46 -24.49
N GLU C 187 -15.60 1.23 -24.32
CA GLU C 187 -16.84 0.95 -25.06
C GLU C 187 -17.07 1.84 -26.26
N GLU C 188 -16.82 3.13 -26.09
CA GLU C 188 -17.06 4.10 -27.16
C GLU C 188 -16.09 3.96 -28.33
N ALA C 189 -16.57 4.36 -29.51
CA ALA C 189 -15.78 4.42 -30.73
C ALA C 189 -14.74 5.53 -30.58
N ASP C 190 -15.20 6.67 -30.08
CA ASP C 190 -14.33 7.79 -29.79
C ASP C 190 -14.97 8.50 -28.61
N VAL C 191 -14.16 8.82 -27.62
CA VAL C 191 -14.71 9.41 -26.41
C VAL C 191 -15.27 10.81 -26.65
N GLY C 192 -14.52 11.65 -27.37
CA GLY C 192 -15.00 12.98 -27.72
C GLY C 192 -16.25 12.90 -28.58
N LEU C 193 -16.20 12.02 -29.58
CA LEU C 193 -17.35 11.78 -30.44
C LEU C 193 -18.59 11.35 -29.65
N ALA C 194 -18.44 10.35 -28.77
CA ALA C 194 -19.50 9.97 -27.82
C ALA C 194 -20.02 11.16 -27.00
N ILE C 195 -19.11 11.93 -26.41
CA ILE C 195 -19.51 13.09 -25.61
C ILE C 195 -20.30 14.15 -26.43
N ARG C 196 -19.90 14.35 -27.68
CA ARG C 196 -20.62 15.28 -28.53
C ARG C 196 -21.99 14.74 -28.93
N HIS C 197 -22.09 13.43 -29.10
CA HIS C 197 -23.35 12.81 -29.49
C HIS C 197 -24.37 12.88 -28.38
N ALA C 198 -23.91 12.67 -27.14
CA ALA C 198 -24.75 12.72 -25.94
C ALA C 198 -25.04 14.14 -25.44
N ALA C 199 -24.46 15.15 -26.09
CA ALA C 199 -24.64 16.56 -25.67
C ALA C 199 -26.08 16.91 -25.30
N GLY C 200 -26.24 17.71 -24.25
CA GLY C 200 -27.57 18.14 -23.82
C GLY C 200 -28.24 17.13 -22.89
N LYS C 201 -27.95 15.85 -23.11
CA LYS C 201 -28.51 14.80 -22.27
C LYS C 201 -27.52 14.25 -21.23
N ILE C 202 -26.34 14.88 -21.12
CA ILE C 202 -25.33 14.45 -20.15
C ILE C 202 -25.57 15.10 -18.77
N GLY C 203 -25.84 14.26 -17.79
CA GLY C 203 -26.20 14.72 -16.46
C GLY C 203 -25.07 14.75 -15.46
N TYR C 204 -24.11 13.85 -15.62
CA TYR C 204 -23.03 13.68 -14.67
C TYR C 204 -21.85 12.95 -15.34
N VAL C 205 -20.61 13.33 -15.00
CA VAL C 205 -19.42 12.77 -15.65
C VAL C 205 -18.37 12.31 -14.63
N HIS C 206 -17.90 11.08 -14.78
CA HIS C 206 -16.72 10.60 -14.07
C HIS C 206 -15.47 10.76 -14.89
N ILE C 207 -14.44 11.32 -14.26
CA ILE C 207 -13.12 11.40 -14.87
C ILE C 207 -12.22 10.36 -14.21
N GLY C 208 -11.85 9.33 -14.98
CA GLY C 208 -11.05 8.23 -14.48
C GLY C 208 -10.18 7.70 -15.61
N GLU C 209 -8.96 7.30 -15.26
CA GLU C 209 -7.94 6.91 -16.21
C GLU C 209 -8.19 5.46 -16.65
N SER C 210 -7.63 5.10 -17.80
CA SER C 210 -7.71 3.76 -18.38
C SER C 210 -7.57 2.63 -17.37
N HIS C 211 -6.61 2.75 -16.45
CA HIS C 211 -6.38 1.71 -15.41
C HIS C 211 -6.98 2.08 -14.08
N ARG C 212 -7.57 3.27 -13.99
CA ARG C 212 -8.26 3.73 -12.78
C ARG C 212 -7.34 4.28 -11.68
N GLY C 213 -6.07 4.52 -11.99
CA GLY C 213 -5.14 5.13 -11.05
C GLY C 213 -5.00 6.62 -11.28
N PHE C 214 -3.77 7.11 -11.26
CA PHE C 214 -3.49 8.52 -11.48
C PHE C 214 -3.94 9.00 -12.85
N LEU C 215 -4.65 10.11 -12.87
CA LEU C 215 -4.97 10.80 -14.09
C LEU C 215 -3.69 11.06 -14.87
N GLY C 216 -3.70 10.69 -16.16
CA GLY C 216 -2.59 10.98 -17.05
C GLY C 216 -1.51 9.92 -17.05
N THR C 217 -1.61 8.94 -16.16
CA THR C 217 -0.61 7.86 -16.11
C THR C 217 -1.04 6.63 -16.91
N GLY C 218 -2.12 6.77 -17.68
CA GLY C 218 -2.66 5.70 -18.51
C GLY C 218 -2.87 6.13 -19.94
N ASN C 219 -3.74 5.41 -20.65
CA ASN C 219 -3.88 5.53 -22.10
C ASN C 219 -4.96 6.50 -22.61
N ILE C 220 -5.62 7.23 -21.71
CA ILE C 220 -6.76 8.02 -22.13
C ILE C 220 -6.36 9.39 -22.65
N ASP C 221 -6.93 9.78 -23.78
CA ASP C 221 -6.73 11.13 -24.29
C ASP C 221 -7.63 12.13 -23.53
N PHE C 222 -7.15 12.61 -22.39
CA PHE C 222 -7.92 13.57 -21.60
C PHE C 222 -8.11 14.93 -22.27
N ALA C 223 -7.14 15.38 -23.06
CA ALA C 223 -7.30 16.63 -23.81
C ALA C 223 -8.53 16.61 -24.71
N ALA C 224 -8.65 15.53 -25.48
CA ALA C 224 -9.80 15.32 -26.37
C ALA C 224 -11.11 15.43 -25.57
N ILE C 225 -11.12 14.81 -24.39
CA ILE C 225 -12.28 14.82 -23.51
C ILE C 225 -12.61 16.25 -23.04
N PHE C 226 -11.65 16.93 -22.44
CA PHE C 226 -11.89 18.32 -22.01
C PHE C 226 -12.28 19.24 -23.17
N ASP C 227 -11.79 18.93 -24.36
CA ASP C 227 -12.14 19.65 -25.59
C ASP C 227 -13.61 19.48 -25.96
N ALA C 228 -14.05 18.22 -25.96
CA ALA C 228 -15.43 17.90 -26.31
C ALA C 228 -16.41 18.50 -25.31
N LEU C 229 -16.14 18.32 -24.02
CA LEU C 229 -16.94 18.91 -22.95
C LEU C 229 -17.04 20.42 -23.14
N THR C 230 -15.92 21.07 -23.44
CA THR C 230 -15.92 22.51 -23.72
C THR C 230 -16.77 22.86 -24.94
N ALA C 231 -16.60 22.13 -26.04
CA ALA C 231 -17.39 22.34 -27.25
C ALA C 231 -18.91 22.28 -27.01
N ILE C 232 -19.37 21.35 -26.17
CA ILE C 232 -20.82 21.19 -25.94
C ILE C 232 -21.37 22.13 -24.85
N GLY C 233 -20.46 22.92 -24.28
CA GLY C 233 -20.77 23.80 -23.17
C GLY C 233 -21.26 23.02 -21.96
N TYR C 234 -20.59 21.91 -21.65
CA TYR C 234 -20.97 21.12 -20.48
C TYR C 234 -20.90 22.00 -19.25
N ALA C 235 -22.02 22.10 -18.54
CA ALA C 235 -22.10 22.97 -17.38
C ALA C 235 -22.77 22.25 -16.22
N ASP C 236 -22.37 21.01 -15.96
CA ASP C 236 -22.92 20.20 -14.87
C ASP C 236 -21.77 19.52 -14.12
N ASP C 237 -22.08 18.57 -13.24
CA ASP C 237 -21.06 18.05 -12.32
C ASP C 237 -20.15 17.05 -13.00
N LEU C 238 -18.90 17.06 -12.59
CA LEU C 238 -17.98 15.98 -12.95
C LEU C 238 -17.08 15.67 -11.77
N SER C 239 -16.67 14.41 -11.66
CA SER C 239 -15.94 13.94 -10.50
C SER C 239 -14.81 12.95 -10.82
N PHE C 240 -13.69 13.09 -10.10
CA PHE C 240 -12.56 12.20 -10.21
C PHE C 240 -12.89 10.87 -9.55
N GLU C 241 -12.40 9.78 -10.14
CA GLU C 241 -12.65 8.45 -9.63
C GLU C 241 -11.44 7.54 -9.81
N SER C 242 -11.05 6.84 -8.75
CA SER C 242 -9.86 6.02 -8.81
C SER C 242 -9.95 4.88 -7.81
N PHE C 243 -9.38 3.73 -8.18
CA PHE C 243 -9.39 2.56 -7.29
C PHE C 243 -8.03 1.97 -7.14
N SER C 244 -7.69 1.59 -5.92
CA SER C 244 -6.48 0.84 -5.63
C SER C 244 -6.75 -0.23 -4.57
N SER C 245 -5.94 -1.29 -4.58
CA SER C 245 -6.10 -2.44 -3.68
C SER C 245 -5.97 -2.05 -2.20
N GLU C 246 -5.35 -0.89 -1.96
CA GLU C 246 -5.24 -0.30 -0.63
C GLU C 246 -6.59 0.00 0.03
N ILE C 247 -7.49 0.63 -0.69
CA ILE C 247 -8.80 0.82 -0.17
C ILE C 247 -9.67 -0.10 -0.93
N VAL C 248 -10.24 -1.07 -0.27
CA VAL C 248 -11.17 -1.95 -0.92
C VAL C 248 -12.34 -2.32 -0.09
N ASP C 249 -13.40 -2.56 -0.82
CA ASP C 249 -14.62 -3.18 -0.43
C ASP C 249 -14.57 -4.65 -0.58
N GLU C 250 -15.69 -5.26 -0.36
CA GLU C 250 -15.91 -6.59 -0.83
C GLU C 250 -17.09 -6.67 -1.75
N ASN C 251 -17.51 -5.53 -2.26
CA ASN C 251 -18.62 -5.46 -3.16
C ASN C 251 -18.30 -4.70 -4.44
N LEU C 252 -18.13 -3.40 -4.36
CA LEU C 252 -17.72 -2.60 -5.50
C LEU C 252 -16.37 -2.98 -5.96
N SER C 253 -15.48 -3.29 -5.04
CA SER C 253 -14.16 -3.69 -5.37
C SER C 253 -14.11 -4.96 -6.12
N LYS C 254 -14.96 -5.89 -5.77
CA LYS C 254 -15.06 -7.14 -6.48
C LYS C 254 -15.62 -7.07 -7.87
N LYS C 255 -16.66 -6.27 -8.02
CA LYS C 255 -17.27 -5.97 -9.28
C LYS C 255 -16.39 -5.22 -10.25
N THR C 256 -15.58 -4.30 -9.76
CA THR C 256 -14.73 -3.49 -10.56
C THR C 256 -13.41 -4.13 -10.81
N ALA C 257 -13.20 -5.27 -10.19
CA ALA C 257 -11.98 -6.07 -10.26
C ALA C 257 -10.67 -5.45 -9.87
N ILE C 258 -10.58 -4.90 -8.68
CA ILE C 258 -9.38 -4.21 -8.30
C ILE C 258 -8.36 -5.03 -7.55
N TRP C 259 -7.26 -5.32 -8.21
CA TRP C 259 -6.28 -6.23 -7.74
C TRP C 259 -4.98 -5.62 -7.45
N ARG C 260 -4.81 -4.39 -7.81
CA ARG C 260 -3.48 -3.79 -7.83
C ARG C 260 -3.34 -2.49 -7.05
N ASN C 261 -2.12 -2.31 -6.54
CA ASN C 261 -1.77 -1.23 -5.65
C ASN C 261 -1.25 -0.07 -6.47
N LEU C 262 -2.15 0.62 -7.15
CA LEU C 262 -1.78 1.73 -8.00
C LEU C 262 -1.38 2.97 -7.20
N TRP C 263 -1.88 3.07 -5.98
CA TRP C 263 -1.51 4.16 -5.08
C TRP C 263 -1.73 3.82 -3.64
N THR C 264 -0.96 4.45 -2.76
CA THR C 264 -1.19 4.33 -1.31
C THR C 264 -1.47 5.70 -0.70
N ASP C 265 -1.02 6.75 -1.37
CA ASP C 265 -1.11 8.13 -0.91
C ASP C 265 -2.25 8.84 -1.63
N ASN C 266 -3.44 8.71 -1.08
CA ASN C 266 -4.66 9.20 -1.72
C ASN C 266 -4.83 10.72 -1.71
N MET C 267 -4.02 11.39 -0.90
CA MET C 267 -4.03 12.85 -0.85
C MET C 267 -3.18 13.40 -2.00
N ALA C 268 -2.03 12.79 -2.24
CA ALA C 268 -1.25 13.10 -3.44
C ALA C 268 -2.10 12.84 -4.68
N LEU C 269 -2.68 11.64 -4.76
CA LEU C 269 -3.60 11.27 -5.84
C LEU C 269 -4.63 12.36 -6.11
N ALA C 270 -5.42 12.67 -5.09
CA ALA C 270 -6.50 13.65 -5.21
C ALA C 270 -6.04 15.06 -5.62
N LYS C 271 -4.93 15.53 -5.05
CA LYS C 271 -4.43 16.87 -5.37
C LYS C 271 -3.87 16.93 -6.79
N HIS C 272 -3.33 15.81 -7.25
CA HIS C 272 -2.90 15.71 -8.64
C HIS C 272 -4.12 15.75 -9.55
N ALA C 273 -5.14 14.95 -9.23
CA ALA C 273 -6.36 14.93 -10.05
C ALA C 273 -7.02 16.29 -10.15
N ARG C 274 -6.96 17.01 -9.03
CA ARG C 274 -7.65 18.28 -8.88
C ARG C 274 -6.96 19.29 -9.76
N ALA C 275 -5.63 19.21 -9.77
CA ALA C 275 -4.82 20.08 -10.60
C ALA C 275 -4.96 19.69 -12.08
N PHE C 276 -4.99 18.38 -12.34
CA PHE C 276 -5.19 17.85 -13.69
C PHE C 276 -6.50 18.35 -14.30
N ILE C 277 -7.61 18.03 -13.67
CA ILE C 277 -8.90 18.49 -14.16
C ILE C 277 -8.86 20.02 -14.26
N GLY C 278 -8.50 20.69 -13.17
CA GLY C 278 -8.42 22.15 -13.17
C GLY C 278 -7.70 22.68 -14.39
N LEU C 279 -6.42 22.33 -14.50
CA LEU C 279 -5.59 22.85 -15.59
C LEU C 279 -6.07 22.40 -16.98
N GLY C 280 -6.54 21.15 -17.07
CA GLY C 280 -7.04 20.58 -18.33
C GLY C 280 -8.15 21.42 -18.91
N LEU C 281 -9.08 21.82 -18.06
CA LEU C 281 -10.25 22.63 -18.39
C LEU C 281 -9.90 24.08 -18.74
N GLU C 282 -9.00 24.69 -17.97
CA GLU C 282 -8.58 26.04 -18.32
C GLU C 282 -7.93 25.96 -19.71
N THR C 283 -7.02 25.01 -19.89
CA THR C 283 -6.35 24.84 -21.17
C THR C 283 -7.37 24.62 -22.29
N ALA C 284 -8.38 23.78 -22.05
CA ALA C 284 -9.44 23.56 -23.03
C ALA C 284 -10.20 24.83 -23.39
N ARG C 285 -10.47 25.66 -22.39
CA ARG C 285 -11.23 26.88 -22.56
C ARG C 285 -10.42 27.86 -23.42
N ARG C 286 -9.14 28.07 -23.07
CA ARG C 286 -8.24 28.95 -23.83
C ARG C 286 -8.12 28.56 -25.31
N LYS C 287 -8.02 27.25 -25.56
CA LYS C 287 -7.88 26.66 -26.90
C LYS C 287 -9.10 26.89 -27.77
N ALA C 288 -10.29 26.63 -27.22
CA ALA C 288 -11.55 26.85 -27.96
C ALA C 288 -11.73 28.34 -28.31
N GLU C 289 -11.47 29.19 -27.32
CA GLU C 289 -11.45 30.63 -27.53
C GLU C 289 -10.53 30.97 -28.71
N LEU C 290 -9.30 30.45 -28.68
CA LEU C 290 -8.33 30.70 -29.75
C LEU C 290 -8.82 30.29 -31.15
N VAL C 291 -9.55 29.18 -31.23
CA VAL C 291 -10.04 28.64 -32.50
C VAL C 291 -10.86 29.65 -33.30
N SER C 292 -11.63 30.48 -32.60
CA SER C 292 -12.52 31.39 -33.29
C SER C 292 -12.07 32.85 -33.26
N ALA C 293 -10.91 33.11 -32.66
CA ALA C 293 -10.30 34.44 -32.71
C ALA C 293 -10.09 34.80 -34.16
N ARG C 294 -10.60 35.96 -34.54
CA ARG C 294 -10.51 36.44 -35.90
C ARG C 294 -9.09 36.86 -36.28
N HIS C 295 -8.36 37.46 -35.34
CA HIS C 295 -7.01 37.98 -35.60
C HIS C 295 -6.97 38.82 -36.84
N LYS C 296 -7.87 39.81 -36.92
CA LYS C 296 -7.84 40.75 -38.03
C LYS C 296 -6.95 41.91 -37.62
N PRO C 297 -6.09 42.39 -38.53
CA PRO C 297 -5.19 43.50 -38.19
C PRO C 297 -5.95 44.82 -38.05
N MET D 1 18.53 20.72 -8.91
CA MET D 1 19.60 20.55 -9.95
C MET D 1 19.12 21.11 -11.29
N ALA D 2 18.16 20.43 -11.90
CA ALA D 2 17.54 20.84 -13.15
C ALA D 2 16.73 22.11 -12.95
N ARG D 3 16.98 23.10 -13.79
CA ARG D 3 16.24 24.34 -13.73
C ARG D 3 15.19 24.38 -14.84
N ILE D 4 14.02 24.95 -14.52
CA ILE D 4 12.97 25.24 -15.49
C ILE D 4 12.91 26.77 -15.65
N GLY D 5 13.41 27.26 -16.78
CA GLY D 5 13.50 28.70 -17.04
C GLY D 5 12.49 29.23 -18.04
N ILE D 6 12.64 30.51 -18.38
CA ILE D 6 11.74 31.20 -19.29
C ILE D 6 12.59 32.17 -20.10
N HIS D 7 12.18 32.44 -21.33
CA HIS D 7 12.90 33.43 -22.12
C HIS D 7 12.55 34.83 -21.71
N SER D 8 13.58 35.63 -21.45
CA SER D 8 13.43 37.03 -21.09
C SER D 8 12.44 37.78 -21.96
N PHE D 9 12.43 37.48 -23.27
CA PHE D 9 11.57 38.18 -24.24
C PHE D 9 10.08 37.96 -24.05
N VAL D 10 9.69 36.98 -23.25
CA VAL D 10 8.31 36.87 -22.82
C VAL D 10 7.98 38.15 -22.06
N TRP D 11 8.97 38.64 -21.32
CA TRP D 11 8.79 39.79 -20.44
C TRP D 11 9.11 41.12 -21.08
N SER D 12 10.28 41.21 -21.70
CA SER D 12 10.77 42.49 -22.20
C SER D 12 11.92 42.30 -23.17
N ALA D 13 11.89 43.10 -24.23
CA ALA D 13 12.99 43.19 -25.17
C ALA D 13 14.02 44.22 -24.69
N SER D 14 13.58 45.11 -23.79
CA SER D 14 14.42 46.21 -23.35
C SER D 14 15.57 45.75 -22.46
N SER D 15 16.75 46.29 -22.73
CA SER D 15 17.94 45.96 -21.99
C SER D 15 18.26 47.02 -20.93
N ALA D 16 17.32 47.96 -20.74
CA ALA D 16 17.42 48.95 -19.67
C ALA D 16 17.48 48.23 -18.33
N GLN D 17 18.40 48.67 -17.46
CA GLN D 17 18.60 48.08 -16.13
C GLN D 17 17.29 48.00 -15.31
N SER D 18 16.39 48.97 -15.51
CA SER D 18 15.10 48.98 -14.83
C SER D 18 14.16 47.88 -15.34
N GLU D 19 14.09 47.72 -16.66
CA GLU D 19 13.34 46.63 -17.31
C GLU D 19 13.91 45.25 -16.98
N LEU D 20 15.22 45.19 -16.73
CA LEU D 20 15.89 43.96 -16.34
C LEU D 20 15.48 43.49 -14.95
N GLU D 21 15.18 44.44 -14.07
CA GLU D 21 14.68 44.12 -12.73
C GLU D 21 13.32 43.45 -12.83
N ARG D 22 12.44 44.07 -13.61
CA ARG D 22 11.07 43.55 -13.79
C ARG D 22 11.08 42.16 -14.41
N THR D 23 11.89 41.96 -15.45
CA THR D 23 12.14 40.64 -16.04
C THR D 23 12.50 39.60 -14.95
N LEU D 24 13.57 39.86 -14.21
CA LEU D 24 14.03 38.96 -13.14
C LEU D 24 12.97 38.75 -12.03
N ALA D 25 12.24 39.80 -11.68
CA ALA D 25 11.24 39.69 -10.62
C ALA D 25 10.03 38.88 -11.10
N ASN D 26 9.58 39.17 -12.32
CA ASN D 26 8.50 38.41 -12.94
C ASN D 26 8.86 36.93 -13.08
N THR D 27 10.02 36.64 -13.65
CA THR D 27 10.54 35.28 -13.70
C THR D 27 10.38 34.56 -12.37
N ARG D 28 10.80 35.22 -11.29
CA ARG D 28 10.74 34.61 -9.95
C ARG D 28 9.29 34.45 -9.48
N ASP D 29 8.49 35.50 -9.63
CA ASP D 29 7.10 35.48 -9.21
C ASP D 29 6.27 34.46 -9.98
N ALA D 30 6.64 34.23 -11.24
CA ALA D 30 5.95 33.26 -12.09
C ALA D 30 6.28 31.81 -11.72
N GLY D 31 7.41 31.59 -11.03
CA GLY D 31 7.75 30.26 -10.52
C GLY D 31 8.95 29.60 -11.18
N PHE D 32 9.76 30.37 -11.89
CA PHE D 32 10.86 29.82 -12.67
C PHE D 32 12.21 29.92 -11.95
N ASP D 33 13.13 29.04 -12.32
CA ASP D 33 14.46 28.94 -11.71
C ASP D 33 15.53 29.59 -12.55
N LEU D 34 15.16 29.98 -13.76
CA LEU D 34 16.16 30.36 -14.73
C LEU D 34 15.66 31.41 -15.71
N ILE D 35 16.56 32.29 -16.09
CA ILE D 35 16.30 33.28 -17.10
C ILE D 35 17.23 33.04 -18.31
N GLU D 36 16.69 33.20 -19.51
CA GLU D 36 17.48 33.13 -20.74
C GLU D 36 17.41 34.51 -21.41
N PHE D 37 18.56 35.08 -21.68
CA PHE D 37 18.65 36.37 -22.30
C PHE D 37 19.19 36.18 -23.66
N SER D 38 18.74 37.01 -24.57
CA SER D 38 19.21 37.00 -25.94
C SER D 38 19.87 38.27 -26.39
N TYR D 39 19.98 39.27 -25.54
CA TYR D 39 20.75 40.47 -25.89
C TYR D 39 21.26 41.15 -24.64
N LEU D 40 22.54 41.46 -24.56
CA LEU D 40 23.01 42.30 -23.46
C LEU D 40 24.14 43.21 -23.87
N ASP D 41 24.08 44.51 -23.59
CA ASP D 41 25.22 45.32 -23.93
C ASP D 41 25.91 45.64 -22.66
N PRO D 42 27.18 45.33 -22.60
CA PRO D 42 27.97 45.69 -21.46
C PRO D 42 28.01 47.17 -21.39
N ALA D 43 28.12 47.82 -22.53
CA ALA D 43 28.12 49.28 -22.55
C ALA D 43 26.95 49.90 -21.77
N ASP D 44 25.76 49.33 -21.93
CA ASP D 44 24.54 49.82 -21.25
C ASP D 44 24.24 49.05 -19.98
N VAL D 45 24.70 47.80 -19.92
CA VAL D 45 24.36 46.91 -18.81
C VAL D 45 25.57 46.66 -17.94
N ASP D 46 25.41 46.86 -16.64
CA ASP D 46 26.44 46.46 -15.70
C ASP D 46 26.33 44.95 -15.51
N ILE D 47 27.08 44.22 -16.31
CA ILE D 47 27.10 42.76 -16.29
C ILE D 47 27.40 42.23 -14.89
N GLY D 48 28.41 42.80 -14.23
CA GLY D 48 28.78 42.42 -12.85
C GLY D 48 27.65 42.57 -11.85
N ARG D 49 26.96 43.70 -11.92
CA ARG D 49 25.79 43.93 -11.08
C ARG D 49 24.69 42.92 -11.41
N LEU D 50 24.31 42.87 -12.69
CA LEU D 50 23.30 41.93 -13.20
C LEU D 50 23.57 40.50 -12.74
N ALA D 51 24.82 40.07 -12.80
CA ALA D 51 25.21 38.72 -12.38
C ALA D 51 24.90 38.48 -10.93
N LYS D 52 25.11 39.50 -10.09
CA LYS D 52 24.87 39.34 -8.65
C LYS D 52 23.38 39.29 -8.30
N ARG D 53 22.57 40.10 -8.99
CA ARG D 53 21.13 40.08 -8.77
C ARG D 53 20.48 38.75 -9.16
N ILE D 54 20.99 38.14 -10.22
CA ILE D 54 20.54 36.82 -10.68
C ILE D 54 20.86 35.74 -9.63
N ALA D 55 22.03 35.83 -9.02
CA ALA D 55 22.37 34.91 -7.93
C ALA D 55 21.54 35.19 -6.66
N ASP D 56 21.36 36.47 -6.34
CA ASP D 56 20.60 36.91 -5.17
C ASP D 56 19.14 36.44 -5.17
N LEU D 57 18.61 36.18 -6.36
CA LEU D 57 17.24 35.68 -6.46
C LEU D 57 17.18 34.15 -6.53
N GLY D 58 18.33 33.51 -6.61
CA GLY D 58 18.42 32.05 -6.73
C GLY D 58 18.10 31.57 -8.14
N LEU D 59 18.30 32.43 -9.13
CA LEU D 59 18.06 32.07 -10.52
C LEU D 59 19.34 31.64 -11.21
N GLY D 60 19.19 30.85 -12.25
CA GLY D 60 20.29 30.50 -13.15
C GLY D 60 20.12 31.31 -14.42
N VAL D 61 21.18 31.44 -15.20
CA VAL D 61 21.10 32.21 -16.43
C VAL D 61 21.62 31.45 -17.65
N ALA D 62 20.91 31.58 -18.77
CA ALA D 62 21.41 31.08 -20.05
C ALA D 62 21.40 32.21 -21.06
N ILE D 63 22.28 32.11 -22.04
CA ILE D 63 22.40 33.08 -23.09
C ILE D 63 22.26 32.35 -24.43
N SER D 64 21.29 32.81 -25.23
CA SER D 64 21.05 32.29 -26.57
C SER D 64 20.98 33.44 -27.53
N ILE D 65 21.58 33.28 -28.71
CA ILE D 65 21.42 34.28 -29.76
C ILE D 65 21.07 33.62 -31.09
N GLY D 66 20.86 34.44 -32.12
CA GLY D 66 20.76 33.94 -33.47
C GLY D 66 21.63 34.77 -34.39
N LEU D 67 22.58 34.11 -35.05
CA LEU D 67 23.54 34.82 -35.89
C LEU D 67 22.87 35.67 -36.97
N PRO D 68 23.34 36.92 -37.15
CA PRO D 68 22.77 37.79 -38.17
C PRO D 68 23.36 37.47 -39.52
N ALA D 69 22.76 37.96 -40.59
CA ALA D 69 23.28 37.73 -41.93
C ALA D 69 24.78 38.04 -42.03
N ASP D 70 25.21 39.18 -41.48
CA ASP D 70 26.59 39.61 -41.63
C ASP D 70 27.50 38.94 -40.61
N GLY D 71 26.93 37.98 -39.88
CA GLY D 71 27.67 37.21 -38.88
C GLY D 71 27.54 35.72 -39.10
N ASP D 72 27.19 35.32 -40.32
CA ASP D 72 26.99 33.91 -40.62
C ASP D 72 28.32 33.17 -40.61
N ILE D 73 28.55 32.42 -39.54
CA ILE D 73 29.77 31.64 -39.37
C ILE D 73 30.00 30.59 -40.48
N SER D 74 28.95 30.24 -41.22
CA SER D 74 29.04 29.23 -42.28
C SER D 74 29.25 29.83 -43.66
N SER D 75 29.38 31.15 -43.71
CA SER D 75 29.48 31.85 -44.98
C SER D 75 30.82 31.62 -45.67
N ALA D 76 30.80 31.47 -46.98
CA ALA D 76 32.01 31.42 -47.79
C ALA D 76 32.74 32.76 -47.74
N ASP D 77 31.99 33.84 -47.50
CA ASP D 77 32.57 35.15 -47.35
C ASP D 77 33.27 35.16 -46.01
N LYS D 78 34.61 35.17 -46.08
CA LYS D 78 35.47 35.01 -44.92
C LYS D 78 35.32 36.12 -43.88
N ALA D 79 35.02 37.33 -44.35
CA ALA D 79 34.80 38.47 -43.45
C ALA D 79 33.52 38.29 -42.62
N VAL D 80 32.42 37.93 -43.28
CA VAL D 80 31.19 37.54 -42.59
C VAL D 80 31.44 36.45 -41.54
N ALA D 81 32.13 35.37 -41.92
CA ALA D 81 32.42 34.25 -40.99
C ALA D 81 33.22 34.71 -39.79
N ALA D 82 34.14 35.65 -40.01
CA ALA D 82 34.91 36.21 -38.92
C ALA D 82 34.05 37.02 -37.93
N ARG D 83 33.05 37.77 -38.40
CA ARG D 83 32.20 38.52 -37.44
C ARG D 83 31.38 37.52 -36.64
N GLY D 84 31.01 36.42 -37.30
CA GLY D 84 30.34 35.29 -36.66
C GLY D 84 31.15 34.76 -35.51
N VAL D 85 32.45 34.56 -35.73
CA VAL D 85 33.32 34.07 -34.68
C VAL D 85 33.46 35.11 -33.57
N GLU D 86 33.57 36.39 -33.96
CA GLU D 86 33.67 37.50 -33.01
C GLU D 86 32.43 37.59 -32.09
N ILE D 87 31.24 37.54 -32.69
CA ILE D 87 29.99 37.52 -31.90
C ILE D 87 29.99 36.37 -30.89
N LEU D 88 30.32 35.16 -31.35
CA LEU D 88 30.35 34.01 -30.45
C LEU D 88 31.31 34.20 -29.28
N ASN D 89 32.48 34.78 -29.56
CA ASN D 89 33.48 35.06 -28.50
C ASN D 89 32.93 36.05 -27.47
N GLN D 90 32.29 37.10 -27.96
CA GLN D 90 31.63 38.07 -27.11
C GLN D 90 30.51 37.43 -26.29
N THR D 91 29.77 36.54 -26.94
CA THR D 91 28.65 35.87 -26.27
C THR D 91 29.11 34.92 -25.18
N ILE D 92 30.23 34.23 -25.41
CA ILE D 92 30.85 33.35 -24.40
C ILE D 92 31.40 34.15 -23.20
N ALA D 93 32.13 35.22 -23.51
CA ALA D 93 32.63 36.14 -22.50
C ALA D 93 31.48 36.59 -21.59
N LEU D 94 30.42 37.09 -22.22
CA LEU D 94 29.22 37.55 -21.51
C LEU D 94 28.58 36.47 -20.62
N THR D 95 28.50 35.26 -21.15
CA THR D 95 27.84 34.15 -20.45
C THR D 95 28.65 33.76 -19.21
N ARG D 96 29.97 33.66 -19.38
CA ARG D 96 30.88 33.35 -18.28
C ARG D 96 30.78 34.40 -17.18
N ASP D 97 30.96 35.66 -17.55
CA ASP D 97 30.93 36.78 -16.60
C ASP D 97 29.59 36.90 -15.87
N LEU D 98 28.54 36.38 -16.49
CA LEU D 98 27.18 36.55 -15.99
C LEU D 98 26.76 35.47 -15.01
N GLY D 99 27.54 34.39 -14.96
CA GLY D 99 27.27 33.25 -14.06
C GLY D 99 26.76 32.00 -14.77
N GLY D 100 26.53 32.10 -16.08
CA GLY D 100 25.91 31.02 -16.84
C GLY D 100 26.86 29.94 -17.31
N ARG D 101 26.30 28.77 -17.64
CA ARG D 101 27.10 27.65 -18.13
C ARG D 101 26.78 27.24 -19.59
N LYS D 102 25.70 27.79 -20.14
CA LYS D 102 25.23 27.45 -21.49
C LYS D 102 25.19 28.63 -22.45
N VAL D 103 25.76 28.45 -23.65
CA VAL D 103 25.49 29.34 -24.78
C VAL D 103 24.62 28.56 -25.78
N ALA D 104 23.42 29.08 -26.05
CA ALA D 104 22.42 28.37 -26.84
C ALA D 104 21.99 29.18 -28.07
N GLY D 105 20.94 28.73 -28.76
CA GLY D 105 20.40 29.46 -29.90
C GLY D 105 21.04 29.03 -31.21
N ILE D 106 20.83 29.81 -32.26
CA ILE D 106 21.29 29.43 -33.61
C ILE D 106 22.73 29.86 -33.85
N LEU D 107 23.63 28.90 -33.67
CA LEU D 107 25.06 29.13 -33.56
C LEU D 107 25.82 28.68 -34.81
N SER D 108 25.14 27.93 -35.64
CA SER D 108 25.75 27.29 -36.77
C SER D 108 25.62 27.95 -38.12
N ALA D 109 24.73 28.88 -38.24
CA ALA D 109 24.48 29.54 -39.48
C ALA D 109 23.71 30.73 -39.09
N GLY D 110 23.42 31.58 -40.03
CA GLY D 110 22.53 32.68 -39.81
C GLY D 110 21.09 32.35 -39.61
N HIS D 111 20.46 33.05 -38.69
CA HIS D 111 19.05 32.91 -38.38
C HIS D 111 18.22 33.66 -39.38
N GLY D 112 17.34 32.95 -40.08
CA GLY D 112 16.42 33.60 -41.04
C GLY D 112 16.05 32.64 -42.15
N LEU D 113 15.21 33.10 -43.08
CA LEU D 113 14.89 32.32 -44.27
C LEU D 113 15.93 32.57 -45.37
N GLN D 114 16.79 31.58 -45.57
CA GLN D 114 17.83 31.66 -46.61
C GLN D 114 17.22 31.56 -48.00
N VAL D 115 17.96 32.07 -48.98
CA VAL D 115 17.47 32.12 -50.36
C VAL D 115 18.33 31.22 -51.23
N GLU D 116 18.99 30.28 -50.58
CA GLU D 116 19.84 29.30 -51.27
C GLU D 116 19.92 28.00 -50.48
N ALA D 117 19.95 26.89 -51.20
CA ALA D 117 20.10 25.56 -50.63
C ALA D 117 21.42 25.43 -49.89
N PRO D 118 21.48 24.57 -48.85
CA PRO D 118 22.77 24.38 -48.19
C PRO D 118 23.75 23.62 -49.11
N THR D 119 25.04 23.72 -48.78
CA THR D 119 26.08 22.99 -49.50
C THR D 119 26.93 22.25 -48.49
N ARG D 120 27.64 21.23 -48.95
CA ARG D 120 28.61 20.51 -48.10
C ARG D 120 29.71 21.45 -47.57
N ASP D 121 30.16 22.38 -48.41
CA ASP D 121 31.17 23.35 -47.99
C ASP D 121 30.68 24.17 -46.78
N GLN D 122 29.47 24.71 -46.89
CA GLN D 122 28.85 25.45 -45.80
C GLN D 122 28.91 24.61 -44.53
N TRP D 123 28.40 23.38 -44.62
CA TRP D 123 28.38 22.45 -43.49
C TRP D 123 29.76 22.34 -42.92
N ASN D 124 30.75 22.03 -43.76
CA ASN D 124 32.13 21.88 -43.28
C ASN D 124 32.78 23.15 -42.69
N ARG D 125 32.55 24.30 -43.33
CA ARG D 125 33.11 25.56 -42.84
C ARG D 125 32.57 25.83 -41.44
N SER D 126 31.26 25.68 -41.28
CA SER D 126 30.63 25.87 -39.97
C SER D 126 31.19 24.90 -38.94
N ALA D 127 31.35 23.63 -39.31
CA ALA D 127 31.90 22.61 -38.42
C ALA D 127 33.32 22.93 -37.98
N ALA D 128 34.20 23.27 -38.92
CA ALA D 128 35.57 23.62 -38.56
C ALA D 128 35.57 24.83 -37.64
N ALA D 129 34.74 25.83 -37.94
CA ALA D 129 34.67 27.04 -37.12
C ALA D 129 34.19 26.75 -35.70
N LEU D 130 33.11 25.98 -35.57
CA LEU D 130 32.57 25.66 -34.23
C LEU D 130 33.52 24.78 -33.40
N ALA D 131 34.25 23.89 -34.07
CA ALA D 131 35.33 23.15 -33.41
C ALA D 131 36.21 24.08 -32.56
N LYS D 132 36.71 25.16 -33.16
CA LYS D 132 37.58 26.09 -32.44
C LYS D 132 36.83 26.88 -31.38
N VAL D 133 35.67 27.41 -31.74
CA VAL D 133 34.88 28.21 -30.80
C VAL D 133 34.56 27.42 -29.53
N ALA D 134 34.19 26.15 -29.69
CA ALA D 134 33.88 25.28 -28.55
C ALA D 134 35.02 25.15 -27.53
N GLU D 135 36.26 25.18 -28.03
CA GLU D 135 37.46 25.29 -27.17
C GLU D 135 37.46 26.57 -26.35
N THR D 136 37.30 27.72 -27.01
CA THR D 136 37.20 28.99 -26.34
C THR D 136 36.18 28.88 -25.21
N ALA D 137 35.01 28.32 -25.54
CA ALA D 137 33.91 28.16 -24.59
C ALA D 137 34.25 27.27 -23.39
N LYS D 138 34.97 26.17 -23.63
CA LYS D 138 35.38 25.26 -22.55
C LYS D 138 36.31 25.96 -21.57
N ALA D 139 37.34 26.60 -22.11
CA ALA D 139 38.28 27.44 -21.34
C ALA D 139 37.55 28.48 -20.49
N ALA D 140 36.34 28.82 -20.90
CA ALA D 140 35.51 29.80 -20.21
C ALA D 140 34.49 29.20 -19.24
N GLY D 141 34.43 27.87 -19.16
CA GLY D 141 33.50 27.18 -18.25
C GLY D 141 32.09 27.05 -18.82
N VAL D 142 32.01 27.07 -20.16
CA VAL D 142 30.75 27.20 -20.89
C VAL D 142 30.61 26.11 -21.97
N THR D 143 29.38 25.64 -22.17
CA THR D 143 29.08 24.69 -23.25
C THR D 143 28.40 25.39 -24.42
N LEU D 144 28.68 24.92 -25.63
CA LEU D 144 27.92 25.32 -26.80
C LEU D 144 26.73 24.38 -27.04
N ASN D 145 25.58 24.97 -27.32
CA ASN D 145 24.38 24.19 -27.58
C ASN D 145 23.68 24.66 -28.84
N LEU D 146 23.88 23.91 -29.91
CA LEU D 146 23.35 24.22 -31.22
C LEU D 146 21.83 24.07 -31.26
N GLU D 147 21.09 25.15 -31.46
CA GLU D 147 19.64 25.02 -31.60
C GLU D 147 19.27 24.54 -32.99
N ILE D 148 18.40 23.53 -32.99
CA ILE D 148 17.90 22.93 -34.21
C ILE D 148 16.55 23.58 -34.49
N VAL D 149 16.44 24.18 -35.66
CA VAL D 149 15.31 25.03 -36.00
C VAL D 149 14.70 24.64 -37.34
N ASN D 150 13.50 25.14 -37.59
CA ASN D 150 12.77 24.75 -38.78
C ASN D 150 13.33 25.38 -40.03
N ARG D 151 13.01 24.79 -41.18
CA ARG D 151 13.48 25.19 -42.52
C ARG D 151 13.46 26.70 -42.83
N PHE D 152 12.47 27.41 -42.29
CA PHE D 152 12.31 28.83 -42.53
C PHE D 152 13.22 29.68 -41.64
N GLU D 153 13.88 29.07 -40.66
CA GLU D 153 14.73 29.87 -39.77
C GLU D 153 16.22 29.55 -39.88
N SER D 154 16.54 28.48 -40.61
CA SER D 154 17.90 28.19 -41.02
C SER D 154 17.86 27.11 -42.08
N ASN D 155 18.83 27.12 -42.97
CA ASN D 155 18.93 26.10 -43.97
C ASN D 155 19.88 25.00 -43.65
N LEU D 156 20.48 25.03 -42.49
CA LEU D 156 21.47 24.04 -42.23
C LEU D 156 21.06 22.91 -41.33
N LEU D 157 20.93 23.16 -40.06
CA LEU D 157 20.61 22.08 -39.19
C LEU D 157 19.16 22.11 -38.81
N ASN D 158 18.36 21.23 -39.36
CA ASN D 158 16.94 21.30 -39.12
C ASN D 158 16.45 20.20 -38.24
N THR D 159 17.26 19.21 -38.08
CA THR D 159 16.86 17.92 -37.51
C THR D 159 17.85 17.51 -36.42
N ALA D 160 17.39 16.80 -35.38
CA ALA D 160 18.33 16.30 -34.37
C ALA D 160 19.40 15.37 -35.00
N ALA D 161 18.97 14.47 -35.88
CA ALA D 161 19.89 13.64 -36.65
C ALA D 161 20.95 14.48 -37.38
N GLN D 162 20.53 15.56 -38.04
CA GLN D 162 21.46 16.50 -38.66
C GLN D 162 22.41 17.05 -37.63
N GLY D 163 21.85 17.38 -36.47
CA GLY D 163 22.63 17.94 -35.37
C GLY D 163 23.70 16.98 -34.93
N LEU D 164 23.32 15.71 -34.77
CA LEU D 164 24.21 14.66 -34.27
C LEU D 164 25.35 14.43 -35.23
N ALA D 165 25.05 14.43 -36.53
CA ALA D 165 26.05 14.24 -37.58
C ALA D 165 27.02 15.40 -37.62
N PHE D 166 26.53 16.61 -37.44
CA PHE D 166 27.34 17.78 -37.38
C PHE D 166 28.24 17.75 -36.22
N ILE D 167 27.73 17.36 -35.08
CA ILE D 167 28.51 17.38 -33.89
C ILE D 167 29.68 16.44 -33.98
N GLU D 168 29.48 15.31 -34.60
CA GLU D 168 30.53 14.36 -34.89
C GLU D 168 31.59 14.92 -35.78
N ASP D 169 31.15 15.64 -36.77
CA ASP D 169 31.99 16.30 -37.71
C ASP D 169 32.86 17.34 -37.07
N THR D 170 32.35 18.03 -36.09
CA THR D 170 33.13 18.97 -35.32
C THR D 170 34.26 18.35 -34.54
N GLY D 171 34.06 17.19 -33.97
CA GLY D 171 35.05 16.57 -33.16
C GLY D 171 35.11 17.09 -31.76
N SER D 172 34.25 18.02 -31.46
CA SER D 172 34.20 18.58 -30.16
C SER D 172 33.50 17.76 -29.13
N ASP D 173 33.98 17.86 -27.92
CA ASP D 173 33.31 17.19 -26.82
C ASP D 173 32.60 18.24 -26.00
N ASN D 174 32.54 19.45 -26.55
CA ASN D 174 31.88 20.59 -25.88
C ASN D 174 30.75 21.20 -26.72
N ILE D 175 30.25 20.42 -27.67
CA ILE D 175 29.08 20.83 -28.45
C ILE D 175 27.91 19.88 -28.23
N PHE D 176 26.76 20.42 -27.86
CA PHE D 176 25.55 19.63 -27.63
C PHE D 176 24.35 20.22 -28.36
N LEU D 177 23.23 19.52 -28.30
CA LEU D 177 22.05 19.95 -29.06
C LEU D 177 21.11 20.75 -28.19
N HIS D 178 20.54 21.77 -28.81
CA HIS D 178 19.51 22.55 -28.20
C HIS D 178 18.29 22.26 -29.02
N LEU D 179 17.34 21.57 -28.41
CA LEU D 179 16.12 21.15 -29.09
C LEU D 179 14.98 22.05 -28.67
N ASP D 180 14.11 22.38 -29.62
CA ASP D 180 12.96 23.27 -29.38
C ASP D 180 11.70 22.57 -29.89
N THR D 181 10.70 22.39 -29.04
CA THR D 181 9.52 21.60 -29.44
C THR D 181 8.73 22.25 -30.58
N PHE D 182 8.71 23.59 -30.64
CA PHE D 182 8.06 24.28 -31.75
C PHE D 182 8.73 23.92 -33.08
N HIS D 183 10.05 23.80 -33.07
CA HIS D 183 10.78 23.51 -34.28
C HIS D 183 10.72 22.04 -34.60
N MET D 184 10.79 21.19 -33.57
CA MET D 184 10.76 19.73 -33.75
C MET D 184 9.47 19.21 -34.38
N ASN D 185 8.35 19.84 -34.03
CA ASN D 185 7.05 19.40 -34.52
C ASN D 185 6.89 19.63 -36.03
N ILE D 186 7.58 20.64 -36.54
CA ILE D 186 7.61 20.88 -37.98
C ILE D 186 8.56 19.88 -38.65
N GLU D 187 9.76 19.70 -38.08
CA GLU D 187 10.86 19.02 -38.78
C GLU D 187 11.08 17.55 -38.45
N GLU D 188 10.77 17.12 -37.22
CA GLU D 188 11.05 15.73 -36.82
C GLU D 188 9.97 14.75 -37.23
N ALA D 189 10.35 13.51 -37.50
CA ALA D 189 9.42 12.45 -37.70
C ALA D 189 8.58 12.05 -36.50
N ASP D 190 9.14 11.93 -35.33
CA ASP D 190 8.37 11.85 -34.13
C ASP D 190 9.15 12.72 -33.26
N VAL D 191 8.54 13.52 -32.45
CA VAL D 191 9.25 14.27 -31.46
C VAL D 191 9.82 13.43 -30.35
N GLY D 192 9.09 12.47 -29.91
CA GLY D 192 9.59 11.56 -28.92
C GLY D 192 10.70 10.67 -29.33
N LEU D 193 10.62 10.21 -30.55
CA LEU D 193 11.65 9.40 -31.19
C LEU D 193 12.93 10.21 -31.42
N ALA D 194 12.80 11.46 -31.84
CA ALA D 194 13.96 12.34 -32.01
C ALA D 194 14.72 12.47 -30.70
N ILE D 195 13.99 12.72 -29.62
CA ILE D 195 14.56 12.94 -28.31
C ILE D 195 15.33 11.72 -27.85
N ARG D 196 14.74 10.55 -28.08
CA ARG D 196 15.35 9.28 -27.70
C ARG D 196 16.62 9.10 -28.48
N HIS D 197 16.56 9.29 -29.79
CA HIS D 197 17.73 9.15 -30.66
C HIS D 197 18.85 10.07 -30.23
N ALA D 198 18.49 11.23 -29.69
CA ALA D 198 19.45 12.27 -29.28
C ALA D 198 19.91 12.16 -27.82
N ALA D 199 19.47 11.13 -27.11
CA ALA D 199 19.85 10.92 -25.72
C ALA D 199 21.35 11.13 -25.46
N GLY D 200 21.68 11.87 -24.40
CA GLY D 200 23.08 12.08 -24.03
C GLY D 200 23.78 13.22 -24.74
N LYS D 201 23.21 13.66 -25.87
CA LYS D 201 23.74 14.81 -26.59
C LYS D 201 22.79 16.00 -26.53
N ILE D 202 21.78 15.93 -25.66
CA ILE D 202 20.88 17.06 -25.46
C ILE D 202 21.38 17.94 -24.31
N GLY D 203 21.74 19.18 -24.60
CA GLY D 203 22.26 20.09 -23.60
C GLY D 203 21.22 21.08 -23.10
N TYR D 204 20.15 21.27 -23.86
CA TYR D 204 19.16 22.31 -23.56
C TYR D 204 17.85 22.11 -24.34
N VAL D 205 16.73 22.38 -23.68
CA VAL D 205 15.41 22.19 -24.29
C VAL D 205 14.50 23.42 -24.17
N HIS D 206 14.02 23.94 -25.31
CA HIS D 206 12.90 24.91 -25.32
C HIS D 206 11.55 24.24 -25.38
N ILE D 207 10.63 24.69 -24.53
CA ILE D 207 9.23 24.23 -24.55
C ILE D 207 8.34 25.31 -25.17
N GLY D 208 7.88 25.07 -26.40
CA GLY D 208 7.03 26.04 -27.11
C GLY D 208 5.96 25.29 -27.87
N GLU D 209 4.75 25.83 -27.90
CA GLU D 209 3.61 25.17 -28.54
C GLU D 209 3.71 25.33 -30.07
N SER D 210 3.00 24.49 -30.83
CA SER D 210 3.00 24.50 -32.29
C SER D 210 2.87 25.90 -32.92
N HIS D 211 2.11 26.78 -32.28
CA HIS D 211 1.91 28.13 -32.77
C HIS D 211 2.64 29.17 -31.94
N ARG D 212 3.29 28.72 -30.88
CA ARG D 212 4.03 29.58 -29.93
C ARG D 212 3.16 30.40 -28.99
N GLY D 213 1.92 29.98 -28.76
CA GLY D 213 1.08 30.62 -27.76
C GLY D 213 1.15 29.86 -26.44
N PHE D 214 0.00 29.67 -25.80
CA PHE D 214 -0.12 28.94 -24.55
C PHE D 214 0.20 27.49 -24.79
N LEU D 215 0.97 26.89 -23.88
CA LEU D 215 1.20 25.45 -23.88
C LEU D 215 -0.12 24.70 -23.76
N GLY D 216 -0.32 23.71 -24.62
CA GLY D 216 -1.54 22.89 -24.55
C GLY D 216 -2.70 23.41 -25.38
N THR D 217 -2.57 24.60 -25.96
CA THR D 217 -3.63 25.17 -26.79
C THR D 217 -3.34 24.96 -28.29
N GLY D 218 -2.36 24.09 -28.58
CA GLY D 218 -1.91 23.84 -29.94
C GLY D 218 -1.94 22.37 -30.27
N ASN D 219 -1.05 21.95 -31.17
CA ASN D 219 -1.09 20.61 -31.71
C ASN D 219 0.00 19.68 -31.22
N ILE D 220 0.88 20.17 -30.35
CA ILE D 220 2.00 19.34 -29.93
C ILE D 220 1.56 18.37 -28.85
N ASP D 221 1.90 17.10 -29.03
CA ASP D 221 1.71 16.09 -28.00
C ASP D 221 2.81 16.21 -26.90
N PHE D 222 2.53 17.02 -25.89
CA PHE D 222 3.50 17.26 -24.83
C PHE D 222 3.71 16.07 -23.90
N ALA D 223 2.66 15.27 -23.66
CA ALA D 223 2.83 14.04 -22.90
C ALA D 223 3.91 13.16 -23.52
N ALA D 224 3.84 12.97 -24.84
CA ALA D 224 4.85 12.26 -25.62
C ALA D 224 6.28 12.80 -25.43
N ILE D 225 6.41 14.12 -25.35
CA ILE D 225 7.70 14.78 -25.11
C ILE D 225 8.20 14.55 -23.68
N PHE D 226 7.33 14.80 -22.69
CA PHE D 226 7.71 14.59 -21.31
C PHE D 226 8.05 13.12 -21.00
N ASP D 227 7.35 12.20 -21.65
CA ASP D 227 7.68 10.77 -21.55
C ASP D 227 9.08 10.47 -22.10
N ALA D 228 9.39 10.98 -23.29
CA ALA D 228 10.68 10.73 -23.89
C ALA D 228 11.83 11.30 -23.02
N LEU D 229 11.68 12.55 -22.59
CA LEU D 229 12.63 13.18 -21.68
C LEU D 229 12.84 12.37 -20.39
N THR D 230 11.75 11.77 -19.89
CA THR D 230 11.83 10.90 -18.72
C THR D 230 12.52 9.56 -19.08
N ALA D 231 12.15 8.95 -20.21
CA ALA D 231 12.76 7.69 -20.63
C ALA D 231 14.28 7.76 -20.68
N ILE D 232 14.81 8.91 -21.13
CA ILE D 232 16.27 9.11 -21.30
C ILE D 232 16.95 9.69 -20.04
N GLY D 233 16.15 10.00 -19.02
CA GLY D 233 16.71 10.55 -17.79
C GLY D 233 17.34 11.91 -18.00
N TYR D 234 16.68 12.76 -18.78
CA TYR D 234 17.12 14.14 -19.00
C TYR D 234 17.08 14.89 -17.70
N ALA D 235 18.22 15.40 -17.27
CA ALA D 235 18.28 16.10 -16.00
C ALA D 235 18.95 17.47 -16.11
N ASP D 236 18.95 18.03 -17.32
CA ASP D 236 19.46 19.37 -17.56
C ASP D 236 18.31 20.38 -17.72
N ASP D 237 18.63 21.63 -18.04
CA ASP D 237 17.65 22.73 -18.08
C ASP D 237 16.62 22.65 -19.20
N LEU D 238 15.45 23.22 -18.95
CA LEU D 238 14.47 23.45 -20.02
C LEU D 238 13.71 24.76 -19.86
N SER D 239 13.49 25.48 -20.96
CA SER D 239 12.86 26.82 -20.89
C SER D 239 11.67 27.07 -21.79
N PHE D 240 10.62 27.63 -21.20
CA PHE D 240 9.43 28.11 -21.90
C PHE D 240 9.74 29.25 -22.90
N GLU D 241 8.99 29.32 -23.98
CA GLU D 241 9.22 30.30 -25.03
C GLU D 241 7.89 30.62 -25.71
N SER D 242 7.55 31.89 -25.78
CA SER D 242 6.39 32.41 -26.49
C SER D 242 6.61 33.87 -26.82
N PHE D 243 6.11 34.40 -27.91
CA PHE D 243 6.45 35.80 -28.20
C PHE D 243 5.31 36.72 -28.60
N SER D 244 5.42 37.99 -28.27
CA SER D 244 4.44 38.98 -28.70
C SER D 244 5.09 40.10 -29.50
N SER D 245 4.40 40.50 -30.57
CA SER D 245 4.76 41.69 -31.35
C SER D 245 4.88 42.95 -30.50
N GLU D 246 4.03 43.05 -29.47
CA GLU D 246 4.05 44.18 -28.54
C GLU D 246 5.33 44.25 -27.70
N ILE D 247 5.98 43.11 -27.49
CA ILE D 247 7.14 43.03 -26.60
C ILE D 247 8.48 42.85 -27.33
N VAL D 248 8.53 41.93 -28.28
CA VAL D 248 9.78 41.66 -28.96
C VAL D 248 10.17 42.74 -29.95
N ASP D 249 11.43 42.77 -30.32
CA ASP D 249 11.92 43.75 -31.26
C ASP D 249 11.37 43.47 -32.60
N GLU D 250 11.34 44.46 -33.44
CA GLU D 250 10.79 44.19 -34.72
C GLU D 250 11.79 43.60 -35.65
N ASN D 251 13.05 43.48 -35.29
CA ASN D 251 13.90 42.62 -36.05
C ASN D 251 13.40 41.22 -35.91
N LEU D 252 13.07 40.85 -34.69
CA LEU D 252 12.63 39.51 -34.36
C LEU D 252 11.20 39.17 -34.80
N SER D 253 10.29 40.14 -34.70
CA SER D 253 8.90 39.98 -35.16
C SER D 253 8.86 39.65 -36.65
N LYS D 254 9.64 40.40 -37.43
CA LYS D 254 9.69 40.22 -38.88
C LYS D 254 10.44 38.94 -39.27
N LYS D 255 11.32 38.48 -38.38
CA LYS D 255 12.13 37.30 -38.63
C LYS D 255 11.43 36.00 -38.25
N THR D 256 10.84 35.94 -37.06
CA THR D 256 10.05 34.77 -36.63
C THR D 256 8.56 34.88 -37.04
N ALA D 257 8.28 35.84 -37.92
CA ALA D 257 6.97 36.05 -38.54
C ALA D 257 5.79 36.05 -37.56
N ILE D 258 5.93 36.80 -36.48
CA ILE D 258 4.85 36.93 -35.51
C ILE D 258 3.91 38.02 -36.02
N TRP D 259 2.86 37.62 -36.72
CA TRP D 259 1.93 38.55 -37.33
C TRP D 259 0.74 38.80 -36.46
N ARG D 260 0.48 37.86 -35.56
CA ARG D 260 -0.70 37.86 -34.70
C ARG D 260 -0.22 37.55 -33.30
N ASN D 261 -0.88 38.12 -32.31
CA ASN D 261 -0.50 37.88 -30.94
C ASN D 261 -1.54 37.02 -30.26
N LEU D 262 -1.07 35.93 -29.66
CA LEU D 262 -1.95 34.88 -29.15
C LEU D 262 -2.28 35.06 -27.66
N TRP D 263 -1.71 36.10 -27.06
CA TRP D 263 -1.99 36.42 -25.66
C TRP D 263 -1.68 37.88 -25.42
N THR D 264 -2.18 38.40 -24.31
CA THR D 264 -2.02 39.81 -23.98
C THR D 264 -1.34 39.98 -22.63
N ASP D 265 -1.53 38.99 -21.76
CA ASP D 265 -0.96 39.03 -20.42
C ASP D 265 0.08 37.95 -20.22
N ASN D 266 1.33 38.37 -20.06
CA ASN D 266 2.45 37.46 -19.96
C ASN D 266 2.63 36.77 -18.62
N MET D 267 2.10 37.37 -17.55
CA MET D 267 2.17 36.75 -16.24
C MET D 267 1.22 35.57 -16.22
N ALA D 268 0.03 35.73 -16.82
CA ALA D 268 -0.90 34.63 -16.97
C ALA D 268 -0.28 33.56 -17.85
N LEU D 269 0.31 33.97 -18.97
CA LEU D 269 1.00 33.05 -19.87
C LEU D 269 2.05 32.23 -19.12
N ALA D 270 3.02 32.91 -18.50
CA ALA D 270 4.10 32.24 -17.79
C ALA D 270 3.62 31.35 -16.66
N LYS D 271 2.59 31.79 -15.95
CA LYS D 271 2.06 31.04 -14.81
C LYS D 271 1.45 29.72 -15.27
N HIS D 272 0.63 29.80 -16.32
CA HIS D 272 0.10 28.60 -16.98
C HIS D 272 1.22 27.71 -17.46
N ALA D 273 2.19 28.26 -18.17
CA ALA D 273 3.31 27.47 -18.70
C ALA D 273 3.98 26.67 -17.60
N ARG D 274 4.27 27.35 -16.49
CA ARG D 274 4.91 26.74 -15.33
C ARG D 274 4.11 25.60 -14.66
N ALA D 275 2.78 25.72 -14.62
CA ALA D 275 1.96 24.65 -14.07
C ALA D 275 1.86 23.50 -15.06
N PHE D 276 1.68 23.86 -16.35
CA PHE D 276 1.67 22.89 -17.43
C PHE D 276 2.93 22.03 -17.42
N ILE D 277 4.10 22.68 -17.48
CA ILE D 277 5.38 21.98 -17.48
C ILE D 277 5.55 21.17 -16.20
N GLY D 278 5.30 21.81 -15.05
CA GLY D 278 5.50 21.16 -13.75
C GLY D 278 4.72 19.89 -13.64
N LEU D 279 3.43 19.97 -13.96
CA LEU D 279 2.53 18.84 -13.83
C LEU D 279 2.74 17.80 -14.91
N GLY D 280 3.06 18.25 -16.13
CA GLY D 280 3.41 17.33 -17.23
C GLY D 280 4.57 16.42 -16.85
N LEU D 281 5.62 17.03 -16.31
CA LEU D 281 6.77 16.34 -15.79
C LEU D 281 6.44 15.36 -14.64
N GLU D 282 5.61 15.80 -13.69
CA GLU D 282 5.24 14.95 -12.55
C GLU D 282 4.52 13.69 -13.02
N THR D 283 3.50 13.89 -13.85
CA THR D 283 2.73 12.84 -14.48
C THR D 283 3.63 11.82 -15.20
N ALA D 284 4.54 12.33 -16.02
CA ALA D 284 5.44 11.49 -16.79
C ALA D 284 6.29 10.61 -15.89
N ARG D 285 6.71 11.16 -14.74
CA ARG D 285 7.57 10.47 -13.78
C ARG D 285 6.81 9.33 -13.11
N ARG D 286 5.60 9.66 -12.65
CA ARG D 286 4.69 8.70 -12.06
C ARG D 286 4.34 7.59 -13.05
N LYS D 287 4.11 7.96 -14.31
CA LYS D 287 3.81 6.98 -15.35
C LYS D 287 4.98 6.04 -15.63
N ALA D 288 6.20 6.57 -15.64
CA ALA D 288 7.37 5.71 -15.84
C ALA D 288 7.53 4.74 -14.66
N GLU D 289 7.20 5.21 -13.45
CA GLU D 289 7.28 4.38 -12.25
C GLU D 289 6.30 3.21 -12.40
N LEU D 290 5.08 3.52 -12.83
CA LEU D 290 4.03 2.54 -13.00
C LEU D 290 4.33 1.45 -14.02
N VAL D 291 4.95 1.81 -15.14
CA VAL D 291 5.24 0.85 -16.19
C VAL D 291 6.03 -0.35 -15.67
N SER D 292 7.04 -0.07 -14.86
CA SER D 292 7.94 -1.11 -14.38
C SER D 292 7.55 -1.74 -13.05
N ALA D 293 6.48 -1.24 -12.43
CA ALA D 293 6.00 -1.78 -11.16
C ALA D 293 5.60 -3.25 -11.30
N ARG D 294 6.25 -4.10 -10.51
CA ARG D 294 6.03 -5.56 -10.54
C ARG D 294 4.62 -5.94 -10.13
N HIS D 295 4.06 -5.24 -9.15
CA HIS D 295 2.72 -5.55 -8.63
C HIS D 295 2.54 -6.99 -8.25
N LYS D 296 3.58 -7.58 -7.66
CA LYS D 296 3.53 -8.89 -7.01
C LYS D 296 2.48 -8.91 -5.89
N PRO D 297 1.67 -9.98 -5.79
CA PRO D 297 0.67 -10.05 -4.71
C PRO D 297 1.27 -10.54 -3.39
N MET E 1 -12.31 14.04 41.10
CA MET E 1 -12.61 14.44 39.74
C MET E 1 -11.34 14.57 38.89
N ALA E 2 -10.54 13.54 38.91
CA ALA E 2 -9.41 13.33 38.04
C ALA E 2 -9.92 13.10 36.65
N ARG E 3 -9.21 13.58 35.64
CA ARG E 3 -9.70 13.42 34.29
C ARG E 3 -8.85 12.54 33.40
N ILE E 4 -9.49 11.90 32.43
CA ILE E 4 -8.83 11.19 31.37
C ILE E 4 -8.82 12.07 30.16
N GLY E 5 -7.65 12.47 29.74
CA GLY E 5 -7.52 13.43 28.65
C GLY E 5 -6.87 12.90 27.39
N ILE E 6 -6.67 13.80 26.43
CA ILE E 6 -6.09 13.46 25.14
C ILE E 6 -5.08 14.53 24.71
N HIS E 7 -4.04 14.09 24.01
CA HIS E 7 -3.02 14.97 23.48
C HIS E 7 -3.54 15.57 22.20
N SER E 8 -3.46 16.90 22.09
CA SER E 8 -4.05 17.64 20.95
C SER E 8 -3.46 17.29 19.58
N PHE E 9 -2.29 16.66 19.57
CA PHE E 9 -1.67 16.19 18.34
C PHE E 9 -2.36 15.01 17.64
N VAL E 10 -3.28 14.33 18.33
CA VAL E 10 -4.09 13.35 17.61
C VAL E 10 -5.17 14.07 16.77
N TRP E 11 -5.47 15.31 17.16
CA TRP E 11 -6.47 16.11 16.45
C TRP E 11 -5.88 17.06 15.44
N SER E 12 -4.84 17.79 15.82
CA SER E 12 -4.29 18.84 14.97
C SER E 12 -2.96 19.40 15.46
N ALA E 13 -2.14 19.82 14.50
CA ALA E 13 -0.87 20.48 14.78
C ALA E 13 -1.02 21.99 14.67
N SER E 14 -2.26 22.45 14.46
CA SER E 14 -2.52 23.85 14.18
C SER E 14 -2.92 24.62 15.43
N SER E 15 -2.39 25.84 15.50
CA SER E 15 -2.69 26.79 16.57
C SER E 15 -3.80 27.79 16.15
N ALA E 16 -4.32 27.65 14.93
CA ALA E 16 -5.39 28.49 14.40
C ALA E 16 -6.68 28.40 15.23
N GLN E 17 -7.34 29.53 15.42
CA GLN E 17 -8.54 29.60 16.27
C GLN E 17 -9.66 28.66 15.83
N SER E 18 -10.07 28.74 14.56
CA SER E 18 -11.16 27.89 14.05
C SER E 18 -10.79 26.42 14.19
N GLU E 19 -9.50 26.14 13.96
CA GLU E 19 -8.94 24.80 14.11
C GLU E 19 -8.86 24.40 15.58
N LEU E 20 -8.67 25.39 16.45
CA LEU E 20 -8.55 25.17 17.88
C LEU E 20 -9.89 24.81 18.54
N GLU E 21 -10.99 25.10 17.84
CA GLU E 21 -12.33 24.77 18.33
C GLU E 21 -12.71 23.33 17.95
N ARG E 22 -12.31 22.92 16.74
CA ARG E 22 -12.55 21.56 16.23
C ARG E 22 -11.95 20.52 17.19
N THR E 23 -10.72 20.81 17.63
CA THR E 23 -9.97 19.99 18.57
C THR E 23 -10.74 19.78 19.88
N LEU E 24 -11.30 20.89 20.38
CA LEU E 24 -12.10 20.90 21.60
C LEU E 24 -13.41 20.14 21.42
N ALA E 25 -14.03 20.31 20.25
CA ALA E 25 -15.23 19.57 19.90
C ALA E 25 -14.97 18.07 19.81
N ASN E 26 -13.84 17.70 19.20
CA ASN E 26 -13.51 16.29 18.99
C ASN E 26 -13.17 15.54 20.26
N THR E 27 -12.45 16.23 21.15
CA THR E 27 -12.13 15.72 22.50
C THR E 27 -13.43 15.28 23.18
N ARG E 28 -14.38 16.22 23.25
CA ARG E 28 -15.67 15.98 23.85
C ARG E 28 -16.38 14.78 23.23
N ASP E 29 -16.56 14.81 21.91
CA ASP E 29 -17.26 13.73 21.21
C ASP E 29 -16.63 12.36 21.43
N ALA E 30 -15.28 12.32 21.45
CA ALA E 30 -14.53 11.09 21.71
C ALA E 30 -14.61 10.63 23.17
N GLY E 31 -15.21 11.46 24.02
CA GLY E 31 -15.48 11.13 25.41
C GLY E 31 -14.36 11.41 26.40
N PHE E 32 -13.44 12.29 26.03
CA PHE E 32 -12.38 12.71 26.94
C PHE E 32 -12.79 13.92 27.79
N ASP E 33 -12.13 14.07 28.95
CA ASP E 33 -12.43 15.12 29.94
C ASP E 33 -11.46 16.29 29.89
N LEU E 34 -10.28 16.04 29.32
CA LEU E 34 -9.23 17.03 29.34
C LEU E 34 -8.54 17.09 28.00
N ILE E 35 -8.08 18.28 27.65
CA ILE E 35 -7.30 18.50 26.44
C ILE E 35 -5.91 18.97 26.85
N GLU E 36 -4.89 18.38 26.23
CA GLU E 36 -3.51 18.78 26.42
C GLU E 36 -2.98 19.42 25.14
N PHE E 37 -2.63 20.70 25.22
CA PHE E 37 -1.98 21.42 24.12
C PHE E 37 -0.47 21.34 24.29
N SER E 38 0.20 20.82 23.28
CA SER E 38 1.63 20.59 23.33
C SER E 38 2.28 21.37 22.20
N TYR E 39 3.20 22.26 22.56
CA TYR E 39 3.83 23.19 21.60
C TYR E 39 2.81 24.19 21.04
N LEU E 40 1.82 24.56 21.84
CA LEU E 40 0.88 25.60 21.43
C LEU E 40 1.55 26.98 21.44
N ASP E 41 1.39 27.70 20.33
CA ASP E 41 1.91 29.08 20.19
C ASP E 41 0.82 30.13 20.49
N PRO E 42 0.92 30.81 21.65
CA PRO E 42 -0.10 31.75 22.16
C PRO E 42 -0.24 33.02 21.33
N ALA E 43 0.82 33.38 20.61
CA ALA E 43 0.79 34.53 19.70
C ALA E 43 -0.28 34.30 18.64
N ASP E 44 -1.17 35.27 18.53
CA ASP E 44 -2.24 35.19 17.57
C ASP E 44 -3.32 34.19 17.98
N VAL E 45 -3.38 33.93 19.28
CA VAL E 45 -4.40 33.11 19.85
C VAL E 45 -5.12 33.87 20.93
N ASP E 46 -6.44 33.85 20.92
CA ASP E 46 -7.14 34.62 21.90
C ASP E 46 -7.23 33.75 23.09
N ILE E 47 -6.36 34.00 24.04
CA ILE E 47 -6.25 33.18 25.21
C ILE E 47 -7.47 33.21 26.08
N GLY E 48 -8.04 34.37 26.27
CA GLY E 48 -9.22 34.47 27.07
C GLY E 48 -10.40 33.75 26.46
N ARG E 49 -10.50 33.80 25.16
CA ARG E 49 -11.60 33.15 24.47
C ARG E 49 -11.55 31.64 24.65
N LEU E 50 -10.36 31.09 24.52
CA LEU E 50 -10.13 29.67 24.64
C LEU E 50 -10.46 29.17 26.01
N ALA E 51 -10.11 29.93 27.01
CA ALA E 51 -10.27 29.46 28.35
C ALA E 51 -11.73 29.24 28.59
N LYS E 52 -12.54 30.15 28.11
CA LYS E 52 -13.98 30.01 28.26
C LYS E 52 -14.55 28.86 27.47
N ARG E 53 -14.10 28.74 26.23
CA ARG E 53 -14.54 27.65 25.36
C ARG E 53 -14.29 26.28 25.99
N ILE E 54 -13.13 26.12 26.61
CA ILE E 54 -12.77 24.90 27.34
C ILE E 54 -13.77 24.62 28.47
N ALA E 55 -13.96 25.61 29.35
CA ALA E 55 -14.86 25.47 30.51
C ALA E 55 -16.33 25.29 30.10
N ASP E 56 -16.76 26.02 29.08
CA ASP E 56 -18.11 25.88 28.51
C ASP E 56 -18.40 24.44 28.09
N LEU E 57 -17.33 23.69 27.81
CA LEU E 57 -17.44 22.30 27.39
C LEU E 57 -17.26 21.30 28.54
N GLY E 58 -16.99 21.82 29.75
CA GLY E 58 -16.81 20.98 30.94
C GLY E 58 -15.49 20.22 30.93
N LEU E 59 -14.50 20.82 30.27
CA LEU E 59 -13.20 20.21 30.04
C LEU E 59 -12.10 20.82 30.90
N GLY E 60 -11.10 20.01 31.22
CA GLY E 60 -9.90 20.48 31.89
C GLY E 60 -8.90 20.88 30.84
N VAL E 61 -7.72 21.33 31.27
CA VAL E 61 -6.64 21.66 30.35
C VAL E 61 -5.25 21.54 30.99
N ALA E 62 -4.32 21.00 30.23
CA ALA E 62 -2.93 20.88 30.65
C ALA E 62 -2.08 21.39 29.50
N ILE E 63 -0.95 22.02 29.84
CA ILE E 63 0.00 22.44 28.80
C ILE E 63 1.31 21.68 28.95
N SER E 64 1.75 21.06 27.86
CA SER E 64 3.07 20.47 27.81
C SER E 64 3.86 21.09 26.68
N ILE E 65 5.16 21.21 26.91
CA ILE E 65 6.10 21.73 25.93
C ILE E 65 7.37 20.91 26.07
N GLY E 66 8.34 21.18 25.21
CA GLY E 66 9.67 20.59 25.33
C GLY E 66 10.65 21.72 25.15
N LEU E 67 11.75 21.71 25.88
CA LEU E 67 12.75 22.76 25.75
C LEU E 67 13.56 22.63 24.44
N PRO E 68 13.79 23.77 23.75
CA PRO E 68 14.60 23.80 22.53
C PRO E 68 16.07 23.86 22.88
N ALA E 69 16.94 23.54 21.92
CA ALA E 69 18.38 23.52 22.15
C ALA E 69 18.90 24.86 22.69
N ASP E 70 18.34 25.94 22.16
CA ASP E 70 18.74 27.29 22.55
C ASP E 70 18.03 27.79 23.80
N GLY E 71 17.17 26.95 24.38
CA GLY E 71 16.45 27.27 25.63
C GLY E 71 16.60 26.19 26.70
N ASP E 72 17.73 25.49 26.69
CA ASP E 72 17.99 24.40 27.63
C ASP E 72 18.44 24.96 28.99
N ILE E 73 17.57 24.85 30.00
CA ILE E 73 17.87 25.34 31.35
C ILE E 73 19.07 24.68 32.05
N SER E 74 19.48 23.50 31.59
CA SER E 74 20.60 22.76 32.18
C SER E 74 21.96 23.14 31.59
N SER E 75 21.93 23.95 30.53
CA SER E 75 23.12 24.43 29.84
C SER E 75 24.05 25.22 30.75
N ALA E 76 25.34 25.16 30.46
CA ALA E 76 26.33 25.96 31.17
C ALA E 76 26.22 27.42 30.71
N ASP E 77 25.69 27.61 29.50
CA ASP E 77 25.64 28.92 28.87
C ASP E 77 24.50 29.75 29.44
N LYS E 78 24.85 30.95 29.91
CA LYS E 78 23.92 31.87 30.58
C LYS E 78 22.75 32.34 29.70
N ALA E 79 23.02 32.59 28.42
CA ALA E 79 22.01 33.14 27.50
C ALA E 79 20.89 32.14 27.21
N VAL E 80 21.29 30.90 26.93
CA VAL E 80 20.33 29.81 26.70
C VAL E 80 19.60 29.39 27.98
N ALA E 81 20.33 29.33 29.09
CA ALA E 81 19.74 29.03 30.41
C ALA E 81 18.62 30.00 30.75
N ALA E 82 18.87 31.29 30.50
CA ALA E 82 17.89 32.35 30.76
C ALA E 82 16.67 32.25 29.86
N ARG E 83 16.87 31.78 28.62
CA ARG E 83 15.77 31.61 27.68
C ARG E 83 14.84 30.48 28.12
N GLY E 84 15.42 29.40 28.64
CA GLY E 84 14.65 28.32 29.22
C GLY E 84 13.73 28.88 30.29
N VAL E 85 14.34 29.54 31.28
CA VAL E 85 13.63 30.22 32.37
C VAL E 85 12.48 31.06 31.82
N GLU E 86 12.78 31.83 30.78
CA GLU E 86 11.79 32.68 30.14
C GLU E 86 10.64 31.82 29.61
N ILE E 87 10.96 30.80 28.83
CA ILE E 87 9.96 29.93 28.21
C ILE E 87 9.03 29.34 29.27
N LEU E 88 9.64 28.72 30.28
CA LEU E 88 8.92 28.18 31.43
C LEU E 88 7.94 29.17 32.05
N ASN E 89 8.44 30.35 32.45
CA ASN E 89 7.60 31.43 32.98
C ASN E 89 6.45 31.80 32.03
N GLN E 90 6.74 31.80 30.72
CA GLN E 90 5.76 32.08 29.69
C GLN E 90 4.70 30.97 29.59
N THR E 91 5.15 29.72 29.74
CA THR E 91 4.26 28.55 29.75
C THR E 91 3.37 28.56 31.00
N ILE E 92 3.97 28.85 32.14
CA ILE E 92 3.27 28.98 33.41
C ILE E 92 2.14 30.02 33.32
N ALA E 93 2.46 31.17 32.75
CA ALA E 93 1.50 32.25 32.53
C ALA E 93 0.34 31.77 31.64
N LEU E 94 0.68 31.09 30.55
CA LEU E 94 -0.31 30.57 29.61
C LEU E 94 -1.27 29.55 30.25
N THR E 95 -0.70 28.62 31.02
CA THR E 95 -1.46 27.57 31.71
C THR E 95 -2.45 28.15 32.73
N ARG E 96 -1.97 29.12 33.52
CA ARG E 96 -2.78 29.81 34.52
C ARG E 96 -3.96 30.53 33.86
N ASP E 97 -3.66 31.36 32.86
CA ASP E 97 -4.66 32.15 32.15
C ASP E 97 -5.69 31.25 31.47
N LEU E 98 -5.23 30.11 30.98
CA LEU E 98 -6.08 29.17 30.25
C LEU E 98 -7.00 28.37 31.19
N GLY E 99 -6.66 28.36 32.48
CA GLY E 99 -7.47 27.70 33.50
C GLY E 99 -6.99 26.30 33.87
N GLY E 100 -5.74 25.99 33.51
CA GLY E 100 -5.14 24.71 33.83
C GLY E 100 -4.34 24.78 35.11
N ARG E 101 -4.05 23.62 35.67
CA ARG E 101 -3.28 23.52 36.91
C ARG E 101 -1.96 22.74 36.73
N LYS E 102 -1.65 22.35 35.48
CA LYS E 102 -0.47 21.52 35.20
C LYS E 102 0.38 21.98 34.01
N VAL E 103 1.67 22.14 34.25
CA VAL E 103 2.66 22.29 33.18
C VAL E 103 3.49 21.01 33.13
N ALA E 104 3.61 20.43 31.93
CA ALA E 104 4.25 19.13 31.75
C ALA E 104 5.14 19.06 30.49
N GLY E 105 5.68 17.87 30.20
CA GLY E 105 6.61 17.69 29.10
C GLY E 105 8.06 17.77 29.56
N ILE E 106 8.98 17.88 28.62
CA ILE E 106 10.40 17.93 28.95
C ILE E 106 10.74 19.34 29.43
N LEU E 107 10.90 19.46 30.75
CA LEU E 107 11.07 20.76 31.39
C LEU E 107 12.47 20.96 31.96
N SER E 108 13.27 19.90 31.93
CA SER E 108 14.48 19.82 32.73
C SER E 108 15.77 19.90 31.91
N ALA E 109 15.59 19.87 30.59
CA ALA E 109 16.68 19.83 29.64
C ALA E 109 16.07 20.04 28.25
N GLY E 110 16.91 20.11 27.22
CA GLY E 110 16.43 20.24 25.86
C GLY E 110 15.79 18.94 25.36
N HIS E 111 14.68 19.09 24.62
CA HIS E 111 14.03 17.96 23.98
C HIS E 111 14.71 17.64 22.68
N GLY E 112 15.41 16.51 22.64
CA GLY E 112 16.11 16.08 21.43
C GLY E 112 17.18 15.05 21.65
N LEU E 113 17.76 14.54 20.56
CA LEU E 113 18.92 13.67 20.65
C LEU E 113 20.13 14.52 20.93
N GLN E 114 20.73 14.27 22.08
CA GLN E 114 21.80 15.11 22.60
C GLN E 114 23.13 14.55 22.09
N VAL E 115 24.06 15.44 21.76
CA VAL E 115 25.38 15.03 21.24
C VAL E 115 26.42 14.89 22.37
N GLU E 116 25.97 15.18 23.58
CA GLU E 116 26.80 15.35 24.75
C GLU E 116 26.39 14.36 25.81
N ALA E 117 27.35 13.65 26.39
CA ALA E 117 27.08 12.83 27.59
C ALA E 117 26.71 13.74 28.76
N PRO E 118 25.79 13.30 29.64
CA PRO E 118 25.34 14.21 30.69
C PRO E 118 26.34 14.29 31.87
N THR E 119 26.34 15.43 32.57
CA THR E 119 27.26 15.67 33.68
C THR E 119 26.48 16.03 34.93
N ARG E 120 27.08 15.80 36.11
CA ARG E 120 26.47 16.21 37.37
C ARG E 120 26.23 17.72 37.40
N ASP E 121 27.14 18.47 36.78
CA ASP E 121 26.99 19.91 36.73
C ASP E 121 25.74 20.30 35.94
N GLN E 122 25.44 19.52 34.90
CA GLN E 122 24.21 19.72 34.14
C GLN E 122 22.98 19.47 35.02
N TRP E 123 22.98 18.31 35.67
CA TRP E 123 21.96 17.92 36.65
C TRP E 123 21.71 19.02 37.65
N ASN E 124 22.76 19.45 38.37
CA ASN E 124 22.62 20.46 39.44
C ASN E 124 22.17 21.83 38.91
N ARG E 125 22.72 22.19 37.76
CA ARG E 125 22.38 23.45 37.12
C ARG E 125 20.88 23.48 36.80
N SER E 126 20.35 22.36 36.28
CA SER E 126 18.93 22.21 35.96
C SER E 126 18.05 22.23 37.22
N ALA E 127 18.39 21.37 38.18
CA ALA E 127 17.66 21.28 39.45
C ALA E 127 17.57 22.64 40.16
N ALA E 128 18.68 23.37 40.22
CA ALA E 128 18.72 24.69 40.87
C ALA E 128 17.82 25.71 40.17
N ALA E 129 17.86 25.70 38.84
CA ALA E 129 17.00 26.57 38.06
C ALA E 129 15.51 26.25 38.30
N LEU E 130 15.17 24.95 38.21
CA LEU E 130 13.77 24.49 38.37
C LEU E 130 13.20 24.72 39.76
N ALA E 131 14.05 24.60 40.78
CA ALA E 131 13.65 24.95 42.14
C ALA E 131 13.06 26.35 42.18
N LYS E 132 13.65 27.29 41.44
CA LYS E 132 13.14 28.66 41.37
C LYS E 132 11.89 28.81 40.49
N VAL E 133 11.86 28.07 39.37
CA VAL E 133 10.74 28.12 38.42
C VAL E 133 9.46 27.60 39.07
N ALA E 134 9.61 26.52 39.84
CA ALA E 134 8.51 25.93 40.59
C ALA E 134 7.75 26.97 41.42
N GLU E 135 8.47 27.88 42.07
CA GLU E 135 7.87 28.89 42.93
C GLU E 135 7.02 29.88 42.14
N THR E 136 7.50 30.26 40.95
CA THR E 136 6.74 31.11 40.04
C THR E 136 5.43 30.42 39.68
N ALA E 137 5.50 29.11 39.43
CA ALA E 137 4.32 28.29 39.15
C ALA E 137 3.41 28.14 40.37
N LYS E 138 4.01 27.90 41.54
CA LYS E 138 3.26 27.78 42.80
C LYS E 138 2.39 29.03 43.05
N ALA E 139 2.95 30.20 42.76
CA ALA E 139 2.21 31.46 42.86
C ALA E 139 1.11 31.52 41.82
N ALA E 140 1.32 30.84 40.68
CA ALA E 140 0.38 30.88 39.56
C ALA E 140 -0.76 29.87 39.68
N GLY E 141 -0.72 29.02 40.70
CA GLY E 141 -1.73 27.98 40.91
C GLY E 141 -1.46 26.74 40.06
N VAL E 142 -0.18 26.51 39.78
CA VAL E 142 0.23 25.53 38.78
C VAL E 142 1.37 24.64 39.32
N THR E 143 1.31 23.35 38.96
CA THR E 143 2.35 22.38 39.32
C THR E 143 3.31 22.21 38.15
N LEU E 144 4.56 21.85 38.45
CA LEU E 144 5.52 21.47 37.42
C LEU E 144 5.64 19.96 37.39
N ASN E 145 5.51 19.38 36.20
CA ASN E 145 5.49 17.94 36.02
C ASN E 145 6.52 17.48 35.00
N LEU E 146 7.65 17.01 35.50
CA LEU E 146 8.75 16.62 34.65
C LEU E 146 8.45 15.31 33.92
N GLU E 147 8.31 15.39 32.61
CA GLU E 147 8.19 14.18 31.81
C GLU E 147 9.52 13.44 31.79
N ILE E 148 9.44 12.12 31.99
CA ILE E 148 10.60 11.28 32.01
C ILE E 148 10.61 10.58 30.65
N VAL E 149 11.55 10.96 29.80
CA VAL E 149 11.55 10.51 28.41
C VAL E 149 12.72 9.59 28.05
N ASN E 150 12.70 9.05 26.85
CA ASN E 150 13.70 8.07 26.45
C ASN E 150 15.04 8.71 26.07
N ARG E 151 16.08 7.88 26.05
CA ARG E 151 17.45 8.29 25.76
C ARG E 151 17.61 9.20 24.52
N PHE E 152 16.78 8.97 23.50
CA PHE E 152 16.84 9.74 22.26
C PHE E 152 16.15 11.09 22.33
N GLU E 153 15.32 11.29 23.32
CA GLU E 153 14.59 12.53 23.43
C GLU E 153 15.04 13.47 24.51
N SER E 154 15.82 12.96 25.44
CA SER E 154 16.52 13.76 26.41
C SER E 154 17.66 13.07 27.05
N ASN E 155 18.45 13.87 27.71
CA ASN E 155 19.73 13.47 28.18
C ASN E 155 19.85 13.18 29.66
N LEU E 156 18.92 13.70 30.42
CA LEU E 156 19.01 13.72 31.85
C LEU E 156 18.14 12.71 32.52
N LEU E 157 16.85 12.98 32.58
CA LEU E 157 15.92 12.12 33.26
C LEU E 157 15.23 11.19 32.32
N ASN E 158 15.66 9.94 32.36
CA ASN E 158 15.16 8.91 31.49
C ASN E 158 14.47 7.89 32.33
N THR E 159 14.48 8.06 33.62
CA THR E 159 14.03 7.00 34.48
C THR E 159 13.35 7.60 35.67
N ALA E 160 12.38 6.93 36.23
CA ALA E 160 11.66 7.42 37.40
C ALA E 160 12.52 7.59 38.64
N ALA E 161 13.45 6.69 38.84
CA ALA E 161 14.36 6.78 39.94
C ALA E 161 15.14 8.02 39.77
N GLN E 162 15.54 8.30 38.55
CA GLN E 162 16.31 9.47 38.25
C GLN E 162 15.55 10.69 38.52
N GLY E 163 14.31 10.68 38.06
CA GLY E 163 13.40 11.79 38.27
C GLY E 163 13.13 11.98 39.74
N LEU E 164 13.12 10.87 40.47
CA LEU E 164 12.84 10.84 41.90
C LEU E 164 14.00 11.46 42.69
N ALA E 165 15.22 11.14 42.28
CA ALA E 165 16.42 11.68 42.89
C ALA E 165 16.60 13.13 42.49
N PHE E 166 16.15 13.46 41.29
CA PHE E 166 16.26 14.82 40.78
C PHE E 166 15.37 15.74 41.58
N ILE E 167 14.13 15.32 41.79
CA ILE E 167 13.13 16.11 42.52
C ILE E 167 13.60 16.42 43.95
N GLU E 168 14.23 15.45 44.57
CA GLU E 168 14.79 15.60 45.89
C GLU E 168 15.84 16.66 45.89
N ASP E 169 16.62 16.70 44.85
CA ASP E 169 17.58 17.76 44.68
C ASP E 169 17.07 19.13 44.48
N THR E 170 15.98 19.30 43.78
CA THR E 170 15.44 20.60 43.64
C THR E 170 15.10 21.02 45.02
N GLY E 171 14.65 20.09 45.82
CA GLY E 171 14.36 20.33 47.20
C GLY E 171 13.02 20.98 47.22
N SER E 172 12.44 21.03 46.05
CA SER E 172 11.15 21.66 45.84
C SER E 172 9.98 20.72 46.14
N ASP E 173 8.80 21.32 46.30
CA ASP E 173 7.61 20.60 46.74
C ASP E 173 6.47 20.84 45.77
N ASN E 174 6.77 21.50 44.66
CA ASN E 174 5.80 21.75 43.60
C ASN E 174 6.29 21.17 42.27
N ILE E 175 7.13 20.14 42.36
CA ILE E 175 7.64 19.46 41.17
C ILE E 175 7.37 17.96 41.30
N PHE E 176 6.64 17.43 40.34
CA PHE E 176 6.23 16.04 40.37
C PHE E 176 6.68 15.33 39.09
N LEU E 177 6.57 14.01 39.08
CA LEU E 177 6.93 13.23 37.89
C LEU E 177 5.79 13.18 36.89
N HIS E 178 6.10 13.46 35.63
CA HIS E 178 5.19 13.14 34.53
C HIS E 178 5.70 11.90 33.82
N LEU E 179 5.00 10.79 34.01
CA LEU E 179 5.36 9.52 33.41
C LEU E 179 4.65 9.27 32.08
N ASP E 180 5.32 8.59 31.17
CA ASP E 180 4.80 8.28 29.84
C ASP E 180 5.14 6.82 29.56
N THR E 181 4.13 5.99 29.25
CA THR E 181 4.35 4.53 29.13
C THR E 181 5.25 4.16 27.94
N PHE E 182 5.15 4.92 26.86
CA PHE E 182 6.00 4.77 25.67
C PHE E 182 7.47 4.87 26.05
N HIS E 183 7.83 5.93 26.77
CA HIS E 183 9.20 6.11 27.25
C HIS E 183 9.55 5.06 28.28
N MET E 184 8.64 4.85 29.24
CA MET E 184 8.88 3.87 30.30
C MET E 184 9.21 2.49 29.77
N ASN E 185 8.58 2.10 28.68
CA ASN E 185 8.81 0.76 28.18
C ASN E 185 10.22 0.57 27.59
N ILE E 186 10.77 1.67 27.06
CA ILE E 186 12.15 1.70 26.58
C ILE E 186 13.20 1.68 27.71
N GLU E 187 12.90 2.36 28.84
CA GLU E 187 13.94 2.70 29.83
C GLU E 187 13.81 2.03 31.21
N GLU E 188 12.59 1.74 31.64
CA GLU E 188 12.36 1.17 32.96
C GLU E 188 12.69 -0.31 33.02
N ALA E 189 13.06 -0.78 34.21
CA ALA E 189 13.32 -2.21 34.41
C ALA E 189 12.00 -2.95 34.29
N ASP E 190 10.96 -2.36 34.87
CA ASP E 190 9.61 -2.89 34.82
C ASP E 190 8.68 -1.71 34.99
N VAL E 191 7.90 -1.41 33.96
CA VAL E 191 6.95 -0.28 34.01
C VAL E 191 6.07 -0.34 35.27
N GLY E 192 5.65 -1.55 35.64
CA GLY E 192 4.83 -1.76 36.83
C GLY E 192 5.55 -1.35 38.11
N LEU E 193 6.67 -2.04 38.37
CA LEU E 193 7.53 -1.76 39.51
C LEU E 193 7.93 -0.30 39.55
N ALA E 194 8.17 0.29 38.38
CA ALA E 194 8.58 1.68 38.30
C ALA E 194 7.47 2.60 38.75
N ILE E 195 6.22 2.27 38.39
CA ILE E 195 5.06 3.03 38.85
C ILE E 195 4.92 2.98 40.38
N ARG E 196 5.13 1.78 40.95
CA ARG E 196 5.09 1.58 42.40
C ARG E 196 6.18 2.41 43.09
N HIS E 197 7.42 2.23 42.63
CA HIS E 197 8.57 2.94 43.19
C HIS E 197 8.41 4.45 43.17
N ALA E 198 7.49 4.93 42.33
CA ALA E 198 7.25 6.35 42.21
C ALA E 198 5.96 6.84 42.87
N ALA E 199 5.24 5.94 43.55
CA ALA E 199 4.01 6.29 44.29
C ALA E 199 4.10 7.60 45.07
N GLY E 200 3.04 8.41 45.00
CA GLY E 200 2.98 9.65 45.77
C GLY E 200 3.81 10.78 45.18
N LYS E 201 4.65 10.46 44.20
CA LYS E 201 5.42 11.47 43.51
C LYS E 201 5.03 11.67 42.05
N ILE E 202 3.85 11.17 41.67
CA ILE E 202 3.37 11.21 40.27
C ILE E 202 2.26 12.26 40.08
N GLY E 203 2.53 13.24 39.23
CA GLY E 203 1.54 14.26 38.92
C GLY E 203 0.82 14.08 37.60
N TYR E 204 1.37 13.32 36.67
CA TYR E 204 0.79 13.22 35.32
C TYR E 204 1.20 11.95 34.58
N VAL E 205 0.24 11.31 33.92
CA VAL E 205 0.53 10.07 33.19
C VAL E 205 0.11 10.15 31.72
N HIS E 206 1.04 9.81 30.82
CA HIS E 206 0.77 9.63 29.39
C HIS E 206 0.64 8.18 29.03
N ILE E 207 -0.52 7.83 28.48
CA ILE E 207 -0.76 6.48 28.00
C ILE E 207 -0.48 6.45 26.48
N GLY E 208 0.51 5.65 26.11
CA GLY E 208 0.93 5.53 24.74
C GLY E 208 1.47 4.17 24.45
N GLU E 209 1.05 3.58 23.35
CA GLU E 209 1.54 2.27 22.96
C GLU E 209 3.01 2.35 22.55
N SER E 210 3.69 1.19 22.58
CA SER E 210 5.13 1.09 22.28
C SER E 210 5.59 1.79 21.00
N HIS E 211 4.74 1.77 19.96
CA HIS E 211 5.03 2.41 18.68
C HIS E 211 4.28 3.71 18.52
N ARG E 212 3.51 4.08 19.56
CA ARG E 212 2.73 5.33 19.65
C ARG E 212 1.45 5.37 18.80
N GLY E 213 0.98 4.20 18.37
CA GLY E 213 -0.24 4.13 17.57
C GLY E 213 -1.43 3.78 18.44
N PHE E 214 -2.30 2.91 17.92
CA PHE E 214 -3.42 2.38 18.71
C PHE E 214 -2.94 1.68 19.97
N LEU E 215 -3.53 2.04 21.11
CA LEU E 215 -3.38 1.29 22.35
C LEU E 215 -3.75 -0.16 22.10
N GLY E 216 -2.91 -1.08 22.58
CA GLY E 216 -3.17 -2.51 22.47
C GLY E 216 -2.57 -3.15 21.22
N THR E 217 -2.17 -2.32 20.27
CA THR E 217 -1.62 -2.84 19.01
C THR E 217 -0.09 -2.94 19.04
N GLY E 218 0.48 -2.83 20.24
CA GLY E 218 1.92 -2.87 20.43
C GLY E 218 2.34 -3.86 21.50
N ASN E 219 3.47 -3.56 22.15
CA ASN E 219 4.15 -4.54 23.00
C ASN E 219 4.00 -4.29 24.50
N ILE E 220 3.44 -3.13 24.87
CA ILE E 220 3.27 -2.72 26.27
C ILE E 220 2.21 -3.50 27.05
N ASP E 221 2.61 -4.06 28.18
CA ASP E 221 1.72 -4.81 29.06
C ASP E 221 0.86 -3.82 29.83
N PHE E 222 -0.21 -3.32 29.20
CA PHE E 222 -1.08 -2.34 29.83
C PHE E 222 -1.86 -2.86 31.04
N ALA E 223 -2.10 -4.17 31.10
CA ALA E 223 -2.68 -4.75 32.31
C ALA E 223 -1.80 -4.46 33.54
N ALA E 224 -0.50 -4.78 33.45
CA ALA E 224 0.44 -4.55 34.55
C ALA E 224 0.45 -3.08 34.98
N ILE E 225 0.36 -2.18 33.99
CA ILE E 225 0.33 -0.75 34.22
C ILE E 225 -0.90 -0.33 35.03
N PHE E 226 -2.08 -0.79 34.60
CA PHE E 226 -3.31 -0.37 35.26
C PHE E 226 -3.42 -0.97 36.68
N ASP E 227 -2.84 -2.16 36.85
CA ASP E 227 -2.73 -2.79 38.15
C ASP E 227 -1.86 -1.97 39.08
N ALA E 228 -0.76 -1.45 38.55
CA ALA E 228 0.19 -0.68 39.34
C ALA E 228 -0.39 0.68 39.77
N LEU E 229 -1.04 1.36 38.84
CA LEU E 229 -1.71 2.61 39.14
C LEU E 229 -2.83 2.40 40.16
N THR E 230 -3.55 1.29 40.01
CA THR E 230 -4.62 0.93 40.96
C THR E 230 -4.02 0.67 42.36
N ALA E 231 -2.94 -0.13 42.40
CA ALA E 231 -2.24 -0.44 43.65
C ALA E 231 -1.84 0.80 44.44
N ILE E 232 -1.19 1.75 43.77
CA ILE E 232 -0.72 2.99 44.42
C ILE E 232 -1.83 4.04 44.58
N GLY E 233 -3.03 3.70 44.21
CA GLY E 233 -4.15 4.59 44.32
C GLY E 233 -4.09 5.88 43.58
N TYR E 234 -3.57 5.85 42.38
CA TYR E 234 -3.38 7.04 41.63
C TYR E 234 -4.71 7.65 41.35
N ALA E 235 -4.84 8.92 41.63
CA ALA E 235 -6.06 9.60 41.42
C ALA E 235 -5.86 10.89 40.70
N ASP E 236 -4.84 10.99 39.90
CA ASP E 236 -4.61 12.20 39.16
C ASP E 236 -4.90 12.04 37.69
N ASP E 237 -4.60 13.07 36.91
CA ASP E 237 -4.90 13.06 35.48
C ASP E 237 -4.00 12.13 34.69
N LEU E 238 -4.59 11.45 33.71
CA LEU E 238 -3.81 10.76 32.68
C LEU E 238 -4.35 11.05 31.27
N SER E 239 -3.44 11.11 30.29
CA SER E 239 -3.84 11.45 28.92
C SER E 239 -3.35 10.50 27.84
N PHE E 240 -4.21 10.30 26.85
CA PHE E 240 -3.87 9.52 25.67
C PHE E 240 -2.94 10.26 24.72
N GLU E 241 -1.83 9.62 24.38
CA GLU E 241 -0.86 10.17 23.44
C GLU E 241 -0.65 9.19 22.30
N SER E 242 -0.74 9.70 21.07
CA SER E 242 -0.51 8.92 19.88
C SER E 242 -0.09 9.83 18.73
N PHE E 243 0.84 9.35 17.91
CA PHE E 243 1.45 10.13 16.84
C PHE E 243 1.51 9.34 15.53
N SER E 244 1.05 9.98 14.46
CA SER E 244 1.04 9.39 13.11
C SER E 244 1.39 10.46 12.07
N SER E 245 2.07 10.05 10.99
CA SER E 245 2.51 11.01 9.96
C SER E 245 1.33 11.79 9.35
N GLU E 246 0.12 11.26 9.57
CA GLU E 246 -1.14 11.96 9.31
C GLU E 246 -1.18 13.42 9.83
N ILE E 247 -0.94 13.60 11.12
CA ILE E 247 -0.74 14.93 11.70
C ILE E 247 0.71 15.08 12.16
N VAL E 248 1.41 16.03 11.61
CA VAL E 248 2.79 16.18 11.96
C VAL E 248 3.12 17.62 12.16
N ASP E 249 4.35 17.79 12.57
CA ASP E 249 4.93 19.06 12.88
C ASP E 249 6.28 19.11 12.19
N GLU E 250 6.87 20.26 12.10
CA GLU E 250 8.22 20.36 11.61
C GLU E 250 9.09 20.41 12.84
N ASN E 251 8.45 20.21 13.98
CA ASN E 251 9.07 20.32 15.28
C ASN E 251 9.00 19.00 15.99
N LEU E 252 7.87 18.71 16.61
CA LEU E 252 7.68 17.55 17.46
C LEU E 252 7.83 16.29 16.65
N SER E 253 7.40 16.35 15.40
CA SER E 253 7.40 15.18 14.52
C SER E 253 8.80 14.72 14.11
N LYS E 254 9.73 15.66 13.95
CA LYS E 254 11.12 15.31 13.69
C LYS E 254 11.86 14.97 14.96
N LYS E 255 11.42 15.56 16.07
CA LYS E 255 12.00 15.32 17.40
C LYS E 255 11.62 13.94 17.94
N THR E 256 10.37 13.52 17.72
CA THR E 256 9.87 12.19 18.09
C THR E 256 9.98 11.18 16.94
N ALA E 257 10.61 11.63 15.85
CA ALA E 257 10.90 10.81 14.65
C ALA E 257 9.70 10.05 14.08
N ILE E 258 8.60 10.78 13.86
CA ILE E 258 7.36 10.20 13.33
C ILE E 258 7.46 9.96 11.83
N TRP E 259 7.70 8.70 11.44
CA TRP E 259 7.91 8.35 10.03
C TRP E 259 6.73 7.66 9.39
N ARG E 260 6.03 6.84 10.16
CA ARG E 260 4.95 5.99 9.65
C ARG E 260 3.59 6.50 10.11
N ASN E 261 2.58 6.39 9.24
CA ASN E 261 1.19 6.61 9.65
C ASN E 261 0.47 5.32 10.06
N LEU E 262 0.33 5.16 11.37
CA LEU E 262 -0.24 3.96 11.98
C LEU E 262 -1.76 4.05 12.05
N TRP E 263 -2.25 5.27 11.84
CA TRP E 263 -3.67 5.53 11.76
C TRP E 263 -3.94 6.66 10.81
N THR E 264 -5.15 6.64 10.22
CA THR E 264 -5.66 7.77 9.43
C THR E 264 -6.93 8.39 10.02
N ASP E 265 -7.76 7.57 10.66
CA ASP E 265 -9.00 8.01 11.29
C ASP E 265 -8.80 8.31 12.79
N ASN E 266 -8.51 9.57 13.10
CA ASN E 266 -8.25 9.96 14.49
C ASN E 266 -9.42 9.87 15.47
N MET E 267 -10.64 9.98 14.97
CA MET E 267 -11.80 9.81 15.85
C MET E 267 -11.91 8.34 16.28
N ALA E 268 -11.75 7.42 15.33
CA ALA E 268 -11.74 5.99 15.64
C ALA E 268 -10.64 5.66 16.63
N LEU E 269 -9.45 6.25 16.43
CA LEU E 269 -8.31 6.04 17.31
C LEU E 269 -8.63 6.49 18.73
N ALA E 270 -9.15 7.70 18.85
CA ALA E 270 -9.51 8.26 20.16
C ALA E 270 -10.65 7.53 20.85
N LYS E 271 -11.69 7.13 20.10
CA LYS E 271 -12.81 6.35 20.66
C LYS E 271 -12.31 5.02 21.21
N HIS E 272 -11.38 4.42 20.47
CA HIS E 272 -10.77 3.17 20.87
C HIS E 272 -9.94 3.31 22.11
N ALA E 273 -9.13 4.36 22.17
CA ALA E 273 -8.24 4.57 23.33
C ALA E 273 -9.05 4.83 24.59
N ARG E 274 -10.16 5.56 24.43
CA ARG E 274 -11.04 5.91 25.53
C ARG E 274 -11.68 4.66 26.12
N ALA E 275 -12.10 3.73 25.27
CA ALA E 275 -12.72 2.50 25.75
C ALA E 275 -11.66 1.59 26.32
N PHE E 276 -10.45 1.67 25.79
CA PHE E 276 -9.34 0.86 26.26
C PHE E 276 -8.93 1.25 27.69
N ILE E 277 -8.63 2.53 27.88
CA ILE E 277 -8.25 3.04 29.20
C ILE E 277 -9.41 2.81 30.18
N GLY E 278 -10.62 3.15 29.73
CA GLY E 278 -11.84 2.98 30.52
C GLY E 278 -12.02 1.58 31.06
N LEU E 279 -12.07 0.58 30.18
CA LEU E 279 -12.31 -0.81 30.58
C LEU E 279 -11.10 -1.38 31.32
N GLY E 280 -9.90 -0.99 30.86
CA GLY E 280 -8.67 -1.44 31.45
C GLY E 280 -8.58 -1.09 32.92
N LEU E 281 -8.84 0.18 33.24
CA LEU E 281 -8.96 0.64 34.63
C LEU E 281 -10.07 -0.05 35.41
N GLU E 282 -11.25 -0.24 34.81
CA GLU E 282 -12.33 -0.90 35.54
C GLU E 282 -11.93 -2.35 35.89
N THR E 283 -11.27 -3.03 34.96
CA THR E 283 -10.85 -4.40 35.20
C THR E 283 -9.82 -4.45 36.33
N ALA E 284 -8.80 -3.58 36.25
CA ALA E 284 -7.80 -3.46 37.30
C ALA E 284 -8.44 -3.21 38.67
N ARG E 285 -9.50 -2.41 38.69
CA ARG E 285 -10.24 -2.05 39.90
C ARG E 285 -10.86 -3.32 40.47
N ARG E 286 -11.67 -4.00 39.65
CA ARG E 286 -12.37 -5.22 40.06
C ARG E 286 -11.41 -6.31 40.50
N LYS E 287 -10.26 -6.40 39.82
CA LYS E 287 -9.25 -7.40 40.14
C LYS E 287 -8.62 -7.15 41.49
N ALA E 288 -8.25 -5.90 41.75
CA ALA E 288 -7.64 -5.52 43.02
C ALA E 288 -8.62 -5.72 44.17
N GLU E 289 -9.88 -5.40 43.95
CA GLU E 289 -10.92 -5.61 44.94
C GLU E 289 -11.11 -7.09 45.28
N LEU E 290 -10.98 -7.94 44.27
CA LEU E 290 -11.11 -9.39 44.45
C LEU E 290 -9.96 -9.97 45.25
N VAL E 291 -8.73 -9.54 44.94
CA VAL E 291 -7.50 -10.07 45.55
C VAL E 291 -7.61 -10.18 47.09
N SER E 292 -8.34 -9.25 47.68
CA SER E 292 -8.44 -9.16 49.12
C SER E 292 -9.85 -9.39 49.65
N ALA E 293 -10.76 -9.85 48.77
CA ALA E 293 -12.05 -10.30 49.23
C ALA E 293 -11.78 -11.44 50.20
N ARG E 294 -12.44 -11.44 51.35
CA ARG E 294 -12.21 -12.50 52.34
C ARG E 294 -12.81 -13.84 51.91
N HIS E 295 -13.99 -13.79 51.32
CA HIS E 295 -14.75 -14.98 50.90
C HIS E 295 -15.00 -15.97 52.01
N LYS E 296 -15.44 -15.43 53.15
CA LYS E 296 -15.82 -16.20 54.32
C LYS E 296 -17.17 -16.86 54.07
N PRO E 297 -17.24 -18.21 54.18
CA PRO E 297 -18.56 -18.85 54.22
C PRO E 297 -19.28 -18.57 55.55
N MET F 1 -17.84 -13.21 10.66
CA MET F 1 -18.98 -13.65 11.45
C MET F 1 -18.57 -14.39 12.72
N ALA F 2 -17.74 -13.78 13.54
CA ALA F 2 -17.47 -14.38 14.84
C ALA F 2 -18.62 -13.90 15.67
N ARG F 3 -19.48 -14.84 16.04
CA ARG F 3 -20.75 -14.54 16.69
C ARG F 3 -20.60 -14.85 18.14
N ILE F 4 -20.91 -13.88 18.98
CA ILE F 4 -20.49 -13.90 20.37
C ILE F 4 -21.62 -14.20 21.26
N GLY F 5 -21.50 -15.27 21.99
CA GLY F 5 -22.61 -15.75 22.79
C GLY F 5 -22.35 -15.70 24.28
N ILE F 6 -23.30 -16.24 25.04
CA ILE F 6 -23.21 -16.29 26.48
C ILE F 6 -23.94 -17.55 26.97
N HIS F 7 -23.42 -18.14 28.05
CA HIS F 7 -24.05 -19.30 28.64
C HIS F 7 -25.22 -18.90 29.49
N SER F 8 -26.33 -19.62 29.35
CA SER F 8 -27.56 -19.34 30.09
C SER F 8 -27.34 -19.31 31.61
N PHE F 9 -26.38 -20.09 32.08
CA PHE F 9 -26.10 -20.15 33.52
C PHE F 9 -25.63 -18.82 34.12
N VAL F 10 -25.09 -17.93 33.29
CA VAL F 10 -24.78 -16.57 33.75
C VAL F 10 -26.03 -15.89 34.29
N TRP F 11 -27.18 -16.23 33.73
CA TRP F 11 -28.42 -15.53 34.03
C TRP F 11 -29.28 -16.20 35.08
N SER F 12 -29.45 -17.52 34.95
CA SER F 12 -30.31 -18.28 35.83
C SER F 12 -29.95 -19.76 35.76
N ALA F 13 -30.26 -20.48 36.83
CA ALA F 13 -30.06 -21.91 36.89
C ALA F 13 -31.38 -22.57 36.58
N SER F 14 -32.42 -21.78 36.38
CA SER F 14 -33.78 -22.31 36.23
C SER F 14 -34.04 -22.91 34.86
N SER F 15 -34.73 -24.05 34.87
CA SER F 15 -35.05 -24.78 33.65
C SER F 15 -36.48 -24.53 33.19
N ALA F 16 -37.12 -23.50 33.75
CA ALA F 16 -38.51 -23.20 33.41
C ALA F 16 -38.62 -22.35 32.15
N GLN F 17 -39.63 -22.66 31.34
CA GLN F 17 -39.84 -22.01 30.05
C GLN F 17 -39.87 -20.48 30.14
N SER F 18 -40.66 -19.93 31.05
CA SER F 18 -40.69 -18.48 31.28
C SER F 18 -39.31 -17.92 31.52
N GLU F 19 -38.56 -18.58 32.39
CA GLU F 19 -37.23 -18.11 32.75
C GLU F 19 -36.26 -18.26 31.57
N LEU F 20 -36.42 -19.34 30.79
CA LEU F 20 -35.67 -19.49 29.56
C LEU F 20 -35.93 -18.31 28.63
N GLU F 21 -37.18 -17.84 28.61
CA GLU F 21 -37.55 -16.66 27.82
C GLU F 21 -36.93 -15.35 28.35
N ARG F 22 -36.87 -15.18 29.68
CA ARG F 22 -36.19 -14.01 30.28
C ARG F 22 -34.67 -14.02 29.99
N THR F 23 -34.08 -15.20 29.95
CA THR F 23 -32.66 -15.34 29.59
C THR F 23 -32.34 -14.74 28.21
N LEU F 24 -33.22 -15.00 27.24
CA LEU F 24 -33.14 -14.42 25.89
C LEU F 24 -33.16 -12.88 25.90
N ALA F 25 -34.11 -12.32 26.65
CA ALA F 25 -34.23 -10.86 26.80
C ALA F 25 -32.96 -10.27 27.41
N ASN F 26 -32.40 -10.95 28.41
CA ASN F 26 -31.15 -10.54 29.05
C ASN F 26 -29.95 -10.64 28.11
N THR F 27 -29.82 -11.76 27.41
CA THR F 27 -28.80 -11.96 26.39
C THR F 27 -28.82 -10.85 25.35
N ARG F 28 -29.99 -10.55 24.78
CA ARG F 28 -30.14 -9.41 23.89
C ARG F 28 -29.65 -8.12 24.53
N ASP F 29 -30.18 -7.81 25.71
CA ASP F 29 -29.84 -6.57 26.40
C ASP F 29 -28.35 -6.42 26.71
N ALA F 30 -27.68 -7.55 26.98
CA ALA F 30 -26.26 -7.55 27.27
C ALA F 30 -25.45 -7.37 25.98
N GLY F 31 -26.11 -7.49 24.84
CA GLY F 31 -25.47 -7.30 23.54
C GLY F 31 -24.84 -8.56 22.95
N PHE F 32 -25.25 -9.73 23.43
CA PHE F 32 -24.79 -11.00 22.87
C PHE F 32 -25.68 -11.48 21.73
N ASP F 33 -25.09 -12.22 20.79
CA ASP F 33 -25.76 -12.69 19.57
C ASP F 33 -26.26 -14.12 19.66
N LEU F 34 -25.91 -14.79 20.75
CA LEU F 34 -26.15 -16.21 20.88
C LEU F 34 -26.41 -16.59 22.35
N ILE F 35 -27.20 -17.64 22.55
CA ILE F 35 -27.42 -18.22 23.87
C ILE F 35 -27.00 -19.69 23.86
N GLU F 36 -26.46 -20.16 24.99
CA GLU F 36 -26.14 -21.57 25.14
C GLU F 36 -26.85 -22.12 26.36
N PHE F 37 -27.77 -23.07 26.12
CA PHE F 37 -28.47 -23.77 27.18
C PHE F 37 -27.78 -25.08 27.47
N SER F 38 -27.95 -25.56 28.71
CA SER F 38 -27.32 -26.78 29.16
C SER F 38 -28.28 -27.64 29.95
N TYR F 39 -28.17 -28.95 29.77
CA TYR F 39 -29.01 -29.93 30.47
C TYR F 39 -30.51 -29.69 30.26
N LEU F 40 -30.91 -29.39 29.03
CA LEU F 40 -32.35 -29.22 28.76
C LEU F 40 -33.10 -30.54 28.54
N ASP F 41 -34.06 -30.81 29.42
CA ASP F 41 -35.00 -31.90 29.24
C ASP F 41 -36.12 -31.36 28.33
N PRO F 42 -36.46 -32.07 27.24
CA PRO F 42 -37.55 -31.65 26.35
C PRO F 42 -38.91 -31.57 27.04
N ALA F 43 -39.05 -32.27 28.18
CA ALA F 43 -40.27 -32.17 28.98
C ALA F 43 -40.36 -30.83 29.75
N ASP F 44 -39.22 -30.24 30.10
CA ASP F 44 -39.18 -28.95 30.81
C ASP F 44 -39.41 -27.75 29.89
N VAL F 45 -39.41 -28.00 28.57
CA VAL F 45 -39.44 -26.94 27.56
C VAL F 45 -40.64 -27.06 26.63
N ASP F 46 -41.20 -25.91 26.26
CA ASP F 46 -42.12 -25.82 25.13
C ASP F 46 -41.28 -25.56 23.86
N ILE F 47 -40.91 -26.64 23.18
CA ILE F 47 -39.94 -26.57 22.09
C ILE F 47 -40.30 -25.58 20.97
N GLY F 48 -41.54 -25.63 20.51
CA GLY F 48 -42.02 -24.69 19.49
C GLY F 48 -41.91 -23.23 19.90
N ARG F 49 -42.36 -22.92 21.11
CA ARG F 49 -42.33 -21.54 21.62
C ARG F 49 -40.89 -21.01 21.81
N LEU F 50 -39.98 -21.84 22.34
CA LEU F 50 -38.60 -21.41 22.59
C LEU F 50 -37.86 -21.13 21.29
N ALA F 51 -38.06 -21.99 20.30
CA ALA F 51 -37.51 -21.83 18.95
C ALA F 51 -37.90 -20.51 18.32
N LYS F 52 -39.18 -20.16 18.39
CA LYS F 52 -39.65 -18.91 17.77
C LYS F 52 -39.07 -17.68 18.44
N ARG F 53 -39.01 -17.67 19.77
CA ARG F 53 -38.45 -16.52 20.48
C ARG F 53 -36.95 -16.32 20.27
N ILE F 54 -36.21 -17.42 20.14
CA ILE F 54 -34.78 -17.34 19.80
C ILE F 54 -34.65 -16.58 18.47
N ALA F 55 -35.38 -17.05 17.46
CA ALA F 55 -35.42 -16.38 16.16
C ALA F 55 -35.94 -14.93 16.27
N ASP F 56 -37.05 -14.75 16.98
CA ASP F 56 -37.68 -13.43 17.13
C ASP F 56 -36.69 -12.38 17.60
N LEU F 57 -35.86 -12.78 18.57
CA LEU F 57 -34.90 -11.86 19.19
C LEU F 57 -33.60 -11.77 18.40
N GLY F 58 -33.52 -12.51 17.30
CA GLY F 58 -32.39 -12.44 16.37
C GLY F 58 -31.17 -13.18 16.86
N LEU F 59 -31.38 -14.15 17.74
CA LEU F 59 -30.31 -14.92 18.37
C LEU F 59 -30.09 -16.27 17.69
N GLY F 60 -28.85 -16.74 17.71
CA GLY F 60 -28.55 -18.13 17.41
C GLY F 60 -28.61 -18.87 18.72
N VAL F 61 -28.45 -20.20 18.68
CA VAL F 61 -28.52 -21.03 19.88
C VAL F 61 -27.61 -22.24 19.79
N ALA F 62 -26.75 -22.40 20.79
CA ALA F 62 -26.01 -23.62 20.99
C ALA F 62 -26.64 -24.38 22.14
N ILE F 63 -26.47 -25.70 22.13
CA ILE F 63 -26.91 -26.56 23.23
C ILE F 63 -25.73 -27.40 23.68
N SER F 64 -25.51 -27.46 25.00
CA SER F 64 -24.46 -28.30 25.56
C SER F 64 -24.98 -29.13 26.73
N ILE F 65 -24.16 -30.09 27.18
CA ILE F 65 -24.54 -31.06 28.19
C ILE F 65 -23.27 -31.68 28.75
N GLY F 66 -23.32 -32.08 30.02
CA GLY F 66 -22.27 -32.90 30.60
C GLY F 66 -22.86 -34.26 30.93
N LEU F 67 -22.25 -35.33 30.40
CA LEU F 67 -22.68 -36.70 30.67
C LEU F 67 -22.53 -37.05 32.15
N PRO F 68 -23.54 -37.74 32.73
CA PRO F 68 -23.44 -38.16 34.13
C PRO F 68 -22.79 -39.55 34.26
N ALA F 69 -22.69 -40.06 35.48
CA ALA F 69 -22.12 -41.39 35.75
C ALA F 69 -22.85 -42.48 34.97
N ASP F 70 -24.17 -42.50 35.09
CA ASP F 70 -25.06 -43.41 34.39
C ASP F 70 -25.01 -43.26 32.87
N GLY F 71 -24.31 -42.24 32.43
CA GLY F 71 -24.21 -41.95 31.03
C GLY F 71 -22.87 -42.09 30.36
N ASP F 72 -21.89 -42.69 30.97
CA ASP F 72 -20.60 -42.57 30.36
C ASP F 72 -20.50 -43.50 29.19
N ILE F 73 -20.47 -42.92 28.01
CA ILE F 73 -20.50 -43.70 26.80
C ILE F 73 -19.20 -44.40 26.59
N SER F 74 -18.21 -44.07 27.38
CA SER F 74 -16.90 -44.70 27.29
C SER F 74 -16.71 -45.75 28.41
N SER F 75 -17.79 -46.05 29.13
CA SER F 75 -17.81 -47.13 30.12
C SER F 75 -17.78 -48.50 29.44
N ALA F 76 -17.36 -49.53 30.18
CA ALA F 76 -17.38 -50.92 29.72
C ALA F 76 -18.79 -51.52 29.83
N ASP F 77 -19.61 -50.93 30.71
CA ASP F 77 -21.00 -51.31 30.94
C ASP F 77 -21.88 -51.19 29.68
N LYS F 78 -22.88 -52.07 29.59
CA LYS F 78 -23.84 -52.09 28.48
C LYS F 78 -24.97 -51.08 28.66
N ALA F 79 -25.58 -51.08 29.84
CA ALA F 79 -26.74 -50.22 30.14
C ALA F 79 -26.34 -48.75 30.21
N VAL F 80 -25.19 -48.47 30.82
CA VAL F 80 -24.66 -47.11 30.95
C VAL F 80 -24.38 -46.47 29.58
N ALA F 81 -23.52 -47.11 28.77
CA ALA F 81 -23.13 -46.58 27.46
C ALA F 81 -24.30 -46.29 26.50
N ALA F 82 -25.37 -47.08 26.59
CA ALA F 82 -26.57 -46.86 25.79
C ALA F 82 -27.40 -45.70 26.33
N ARG F 83 -27.40 -45.54 27.66
CA ARG F 83 -28.13 -44.45 28.32
C ARG F 83 -27.50 -43.11 27.94
N GLY F 84 -26.19 -43.11 27.79
CA GLY F 84 -25.46 -41.94 27.29
C GLY F 84 -25.81 -41.62 25.86
N VAL F 85 -25.93 -42.67 25.04
CA VAL F 85 -26.31 -42.55 23.63
C VAL F 85 -27.72 -41.96 23.47
N GLU F 86 -28.63 -42.38 24.35
CA GLU F 86 -30.00 -41.83 24.38
C GLU F 86 -29.94 -40.32 24.56
N ILE F 87 -29.21 -39.90 25.60
CA ILE F 87 -29.05 -38.49 25.94
C ILE F 87 -28.55 -37.67 24.74
N LEU F 88 -27.50 -38.15 24.08
CA LEU F 88 -26.96 -37.47 22.90
C LEU F 88 -27.95 -37.36 21.75
N ASN F 89 -28.66 -38.45 21.46
CA ASN F 89 -29.74 -38.45 20.48
C ASN F 89 -30.81 -37.46 20.89
N GLN F 90 -31.17 -37.50 22.17
CA GLN F 90 -32.21 -36.62 22.70
C GLN F 90 -31.80 -35.15 22.56
N THR F 91 -30.56 -34.85 22.94
CA THR F 91 -29.99 -33.50 22.83
C THR F 91 -29.95 -33.01 21.38
N ILE F 92 -29.49 -33.88 20.48
CA ILE F 92 -29.48 -33.58 19.04
C ILE F 92 -30.87 -33.17 18.55
N ALA F 93 -31.88 -33.99 18.89
CA ALA F 93 -33.27 -33.78 18.49
C ALA F 93 -33.79 -32.44 18.98
N LEU F 94 -33.48 -32.12 20.25
CA LEU F 94 -33.79 -30.82 20.84
C LEU F 94 -33.05 -29.70 20.11
N THR F 95 -31.76 -29.91 19.86
CA THR F 95 -30.95 -28.93 19.13
C THR F 95 -31.54 -28.64 17.74
N ARG F 96 -31.73 -29.70 16.95
CA ARG F 96 -32.39 -29.58 15.65
C ARG F 96 -33.67 -28.76 15.78
N ASP F 97 -34.59 -29.21 16.63
CA ASP F 97 -35.92 -28.59 16.77
C ASP F 97 -35.86 -27.15 17.26
N LEU F 98 -34.81 -26.81 18.01
CA LEU F 98 -34.60 -25.46 18.54
C LEU F 98 -33.97 -24.50 17.55
N GLY F 99 -33.28 -25.04 16.54
CA GLY F 99 -32.65 -24.23 15.51
C GLY F 99 -31.16 -24.15 15.70
N GLY F 100 -30.65 -25.01 16.58
CA GLY F 100 -29.21 -25.07 16.86
C GLY F 100 -28.51 -25.95 15.85
N ARG F 101 -27.34 -25.51 15.42
CA ARG F 101 -26.53 -26.30 14.49
C ARG F 101 -25.26 -26.77 15.18
N LYS F 102 -25.33 -26.87 16.51
CA LYS F 102 -24.14 -27.11 17.32
C LYS F 102 -24.49 -27.79 18.65
N VAL F 103 -23.92 -28.96 18.89
CA VAL F 103 -24.03 -29.62 20.17
C VAL F 103 -22.62 -29.67 20.77
N ALA F 104 -22.49 -29.08 21.95
CA ALA F 104 -21.20 -28.95 22.60
C ALA F 104 -21.22 -29.54 24.01
N GLY F 105 -20.12 -29.33 24.72
CA GLY F 105 -19.98 -29.83 26.08
C GLY F 105 -19.18 -31.12 26.09
N ILE F 106 -19.29 -31.85 27.19
CA ILE F 106 -18.54 -33.08 27.36
C ILE F 106 -19.38 -34.24 26.85
N LEU F 107 -19.12 -34.61 25.62
CA LEU F 107 -19.85 -35.60 24.92
C LEU F 107 -19.04 -36.89 24.91
N SER F 108 -17.88 -36.85 25.52
CA SER F 108 -16.90 -37.92 25.41
C SER F 108 -16.84 -38.95 26.50
N ALA F 109 -17.18 -38.56 27.72
CA ALA F 109 -17.03 -39.38 28.87
C ALA F 109 -17.80 -38.71 29.95
N GLY F 110 -17.90 -39.33 31.10
CA GLY F 110 -18.60 -38.71 32.19
C GLY F 110 -17.89 -37.51 32.73
N HIS F 111 -18.66 -36.52 33.18
CA HIS F 111 -18.12 -35.30 33.69
C HIS F 111 -18.08 -35.34 35.19
N GLY F 112 -16.89 -35.23 35.73
CA GLY F 112 -16.61 -35.40 37.16
C GLY F 112 -15.17 -35.80 37.40
N LEU F 113 -14.80 -35.97 38.66
CA LEU F 113 -13.45 -36.42 39.02
C LEU F 113 -13.35 -37.94 39.11
N GLN F 114 -12.57 -38.52 38.20
CA GLN F 114 -12.44 -39.97 38.03
C GLN F 114 -11.60 -40.68 39.09
N VAL F 115 -11.98 -41.92 39.40
CA VAL F 115 -11.26 -42.77 40.38
C VAL F 115 -10.37 -43.83 39.75
N GLU F 116 -10.19 -43.73 38.43
CA GLU F 116 -9.34 -44.66 37.68
C GLU F 116 -8.80 -43.97 36.44
N ALA F 117 -7.55 -44.29 36.10
CA ALA F 117 -6.86 -43.70 34.96
C ALA F 117 -7.51 -44.05 33.62
N PRO F 118 -7.29 -43.23 32.57
CA PRO F 118 -7.84 -43.57 31.25
C PRO F 118 -7.19 -44.83 30.69
N THR F 119 -7.94 -45.53 29.85
CA THR F 119 -7.50 -46.79 29.25
C THR F 119 -7.74 -46.72 27.73
N ARG F 120 -6.89 -47.41 26.96
CA ARG F 120 -7.06 -47.51 25.51
C ARG F 120 -8.46 -48.00 25.11
N ASP F 121 -9.03 -48.89 25.91
CA ASP F 121 -10.36 -49.43 25.68
C ASP F 121 -11.46 -48.37 25.88
N GLN F 122 -11.36 -47.60 26.96
CA GLN F 122 -12.28 -46.48 27.23
C GLN F 122 -12.26 -45.45 26.10
N TRP F 123 -11.07 -45.16 25.60
CA TRP F 123 -10.85 -44.24 24.49
C TRP F 123 -11.44 -44.79 23.21
N ASN F 124 -11.22 -46.09 22.98
CA ASN F 124 -11.70 -46.77 21.77
C ASN F 124 -13.23 -46.92 21.70
N ARG F 125 -13.85 -47.31 22.82
CA ARG F 125 -15.31 -47.38 22.94
C ARG F 125 -15.96 -46.05 22.59
N SER F 126 -15.49 -44.99 23.26
CA SER F 126 -15.93 -43.61 23.05
C SER F 126 -15.87 -43.17 21.59
N ALA F 127 -14.73 -43.39 20.94
CA ALA F 127 -14.50 -42.97 19.57
C ALA F 127 -15.48 -43.61 18.58
N ALA F 128 -15.70 -44.91 18.73
CA ALA F 128 -16.64 -45.64 17.86
C ALA F 128 -18.08 -45.27 18.17
N ALA F 129 -18.41 -45.16 19.47
CA ALA F 129 -19.74 -44.77 19.90
C ALA F 129 -20.15 -43.37 19.45
N LEU F 130 -19.18 -42.45 19.37
CA LEU F 130 -19.44 -41.08 18.91
C LEU F 130 -19.55 -40.95 17.39
N ALA F 131 -18.81 -41.81 16.68
CA ALA F 131 -18.75 -41.76 15.22
C ALA F 131 -20.10 -42.04 14.55
N LYS F 132 -20.93 -42.86 15.19
CA LYS F 132 -22.29 -43.10 14.71
C LYS F 132 -23.23 -41.95 15.10
N VAL F 133 -23.03 -41.44 16.32
CA VAL F 133 -23.79 -40.29 16.81
C VAL F 133 -23.56 -39.08 15.91
N ALA F 134 -22.32 -38.88 15.48
CA ALA F 134 -21.98 -37.78 14.56
C ALA F 134 -22.71 -37.86 13.21
N GLU F 135 -23.08 -39.08 12.81
CA GLU F 135 -23.86 -39.27 11.59
C GLU F 135 -25.33 -38.93 11.86
N THR F 136 -25.83 -39.38 13.02
CA THR F 136 -27.17 -39.02 13.50
C THR F 136 -27.32 -37.51 13.49
N ALA F 137 -26.34 -36.82 14.08
CA ALA F 137 -26.31 -35.36 14.17
C ALA F 137 -26.26 -34.70 12.79
N LYS F 138 -25.57 -35.34 11.84
CA LYS F 138 -25.42 -34.85 10.48
C LYS F 138 -26.75 -34.77 9.73
N ALA F 139 -27.56 -35.82 9.86
CA ALA F 139 -28.91 -35.85 9.27
C ALA F 139 -29.81 -34.78 9.89
N ALA F 140 -29.48 -34.39 11.12
CA ALA F 140 -30.19 -33.34 11.86
C ALA F 140 -29.71 -31.91 11.52
N GLY F 141 -28.63 -31.80 10.74
CA GLY F 141 -28.00 -30.51 10.39
C GLY F 141 -27.13 -29.96 11.52
N VAL F 142 -26.70 -30.85 12.40
CA VAL F 142 -26.04 -30.49 13.65
C VAL F 142 -24.62 -31.05 13.68
N THR F 143 -23.64 -30.21 14.02
CA THR F 143 -22.27 -30.66 14.24
C THR F 143 -22.12 -31.14 15.68
N LEU F 144 -21.19 -32.06 15.91
CA LEU F 144 -20.80 -32.43 17.26
C LEU F 144 -19.51 -31.71 17.61
N ASN F 145 -19.40 -31.27 18.87
CA ASN F 145 -18.29 -30.45 19.30
C ASN F 145 -17.86 -30.87 20.71
N LEU F 146 -16.58 -31.14 20.86
CA LEU F 146 -16.07 -31.82 22.05
C LEU F 146 -15.36 -30.86 23.00
N GLU F 147 -15.98 -30.59 24.14
CA GLU F 147 -15.33 -29.76 25.13
C GLU F 147 -14.15 -30.50 25.75
N ILE F 148 -13.00 -29.85 25.69
CA ILE F 148 -11.76 -30.39 26.23
C ILE F 148 -11.58 -29.79 27.63
N VAL F 149 -11.85 -30.59 28.64
CA VAL F 149 -11.84 -30.08 30.02
C VAL F 149 -10.59 -30.44 30.78
N ASN F 150 -10.44 -29.83 31.97
CA ASN F 150 -9.26 -30.06 32.78
C ASN F 150 -9.30 -31.43 33.48
N ARG F 151 -8.13 -31.89 33.90
CA ARG F 151 -7.94 -33.19 34.54
C ARG F 151 -9.01 -33.60 35.58
N PHE F 152 -9.57 -32.61 36.28
CA PHE F 152 -10.48 -32.89 37.40
C PHE F 152 -11.93 -33.01 36.96
N GLU F 153 -12.21 -32.72 35.69
CA GLU F 153 -13.59 -32.75 35.18
C GLU F 153 -13.83 -33.91 34.19
N SER F 154 -12.81 -34.36 33.50
CA SER F 154 -12.83 -35.63 32.80
C SER F 154 -11.44 -36.17 32.72
N ASN F 155 -11.31 -37.48 32.68
CA ASN F 155 -10.01 -38.11 32.63
C ASN F 155 -9.55 -38.49 31.23
N LEU F 156 -10.37 -38.19 30.26
CA LEU F 156 -10.06 -38.60 28.92
C LEU F 156 -9.47 -37.52 28.06
N LEU F 157 -10.26 -36.49 27.77
CA LEU F 157 -9.79 -35.46 26.86
C LEU F 157 -9.45 -34.20 27.59
N ASN F 158 -8.16 -33.90 27.67
CA ASN F 158 -7.68 -32.79 28.45
C ASN F 158 -6.82 -31.89 27.63
N THR F 159 -6.53 -32.31 26.42
CA THR F 159 -5.69 -31.53 25.51
C THR F 159 -6.29 -31.46 24.10
N ALA F 160 -6.09 -30.34 23.44
CA ALA F 160 -6.47 -30.17 22.05
C ALA F 160 -5.81 -31.23 21.15
N ALA F 161 -4.56 -31.58 21.44
CA ALA F 161 -3.88 -32.64 20.73
C ALA F 161 -4.62 -33.97 20.97
N GLN F 162 -4.86 -34.28 22.24
CA GLN F 162 -5.64 -35.46 22.60
C GLN F 162 -6.96 -35.49 21.84
N GLY F 163 -7.65 -34.35 21.83
CA GLY F 163 -8.92 -34.20 21.12
C GLY F 163 -8.74 -34.32 19.61
N LEU F 164 -7.57 -33.93 19.13
CA LEU F 164 -7.26 -33.96 17.70
C LEU F 164 -6.93 -35.38 17.23
N ALA F 165 -6.33 -36.17 18.12
CA ALA F 165 -6.03 -37.56 17.86
C ALA F 165 -7.31 -38.41 17.95
N PHE F 166 -8.21 -37.99 18.84
CA PHE F 166 -9.51 -38.61 19.01
C PHE F 166 -10.38 -38.46 17.76
N ILE F 167 -10.44 -37.24 17.21
CA ILE F 167 -11.15 -36.97 15.95
C ILE F 167 -10.59 -37.80 14.77
N GLU F 168 -9.29 -38.10 14.81
CA GLU F 168 -8.70 -39.03 13.84
C GLU F 168 -9.33 -40.42 13.98
N ASP F 169 -9.28 -40.97 15.20
CA ASP F 169 -9.74 -42.32 15.50
C ASP F 169 -11.24 -42.57 15.30
N THR F 170 -12.04 -41.51 15.37
CA THR F 170 -13.49 -41.63 15.14
C THR F 170 -13.78 -41.90 13.68
N GLY F 171 -13.05 -41.21 12.80
CA GLY F 171 -13.25 -41.31 11.35
C GLY F 171 -14.18 -40.25 10.80
N SER F 172 -14.95 -39.64 11.70
CA SER F 172 -16.01 -38.69 11.33
C SER F 172 -15.51 -37.35 10.79
N ASP F 173 -16.27 -36.79 9.85
CA ASP F 173 -16.07 -35.41 9.37
C ASP F 173 -17.13 -34.47 9.99
N ASN F 174 -17.66 -34.88 11.14
CA ASN F 174 -18.72 -34.12 11.81
C ASN F 174 -18.48 -33.99 13.30
N ILE F 175 -17.28 -34.35 13.75
CA ILE F 175 -16.88 -34.13 15.13
C ILE F 175 -15.80 -33.05 15.16
N PHE F 176 -16.04 -32.02 15.97
CA PHE F 176 -15.11 -30.91 16.08
C PHE F 176 -14.66 -30.67 17.51
N LEU F 177 -13.74 -29.73 17.66
CA LEU F 177 -13.22 -29.37 18.97
C LEU F 177 -14.01 -28.24 19.59
N HIS F 178 -14.28 -28.38 20.89
CA HIS F 178 -14.84 -27.32 21.70
C HIS F 178 -13.86 -26.98 22.81
N LEU F 179 -13.18 -25.85 22.62
CA LEU F 179 -12.11 -25.42 23.51
C LEU F 179 -12.63 -24.44 24.54
N ASP F 180 -12.20 -24.63 25.79
CA ASP F 180 -12.59 -23.78 26.89
C ASP F 180 -11.32 -23.19 27.52
N THR F 181 -11.19 -21.88 27.34
CA THR F 181 -10.08 -21.09 27.86
C THR F 181 -9.73 -21.40 29.32
N PHE F 182 -10.74 -21.63 30.15
CA PHE F 182 -10.53 -21.95 31.56
C PHE F 182 -9.79 -23.27 31.76
N HIS F 183 -10.18 -24.30 31.00
CA HIS F 183 -9.53 -25.59 31.06
C HIS F 183 -8.20 -25.58 30.38
N MET F 184 -8.15 -24.93 29.22
CA MET F 184 -6.93 -24.79 28.41
C MET F 184 -5.75 -24.18 29.16
N ASN F 185 -6.03 -23.22 30.06
CA ASN F 185 -4.99 -22.56 30.85
C ASN F 185 -4.24 -23.51 31.79
N ILE F 186 -4.96 -24.48 32.37
CA ILE F 186 -4.36 -25.53 33.19
C ILE F 186 -3.61 -26.57 32.36
N GLU F 187 -4.29 -27.17 31.38
CA GLU F 187 -3.78 -28.37 30.70
C GLU F 187 -2.79 -28.13 29.56
N GLU F 188 -3.03 -27.14 28.71
CA GLU F 188 -2.18 -26.86 27.56
C GLU F 188 -0.87 -26.21 27.90
N ALA F 189 0.09 -26.38 27.03
CA ALA F 189 1.33 -25.69 27.17
C ALA F 189 1.24 -24.19 26.94
N ASP F 190 0.50 -23.79 25.93
CA ASP F 190 0.34 -22.41 25.65
C ASP F 190 -1.03 -22.45 25.09
N VAL F 191 -1.93 -21.60 25.54
CA VAL F 191 -3.26 -21.62 24.97
C VAL F 191 -3.24 -21.19 23.54
N GLY F 192 -2.49 -20.15 23.24
CA GLY F 192 -2.44 -19.66 21.89
C GLY F 192 -1.83 -20.62 20.94
N LEU F 193 -0.76 -21.23 21.38
CA LEU F 193 -0.07 -22.24 20.60
C LEU F 193 -1.02 -23.43 20.34
N ALA F 194 -1.77 -23.82 21.36
CA ALA F 194 -2.78 -24.89 21.22
C ALA F 194 -3.86 -24.53 20.21
N ILE F 195 -4.35 -23.28 20.27
CA ILE F 195 -5.31 -22.75 19.29
C ILE F 195 -4.78 -22.85 17.85
N ARG F 196 -3.50 -22.53 17.66
CA ARG F 196 -2.85 -22.63 16.34
C ARG F 196 -2.75 -24.06 15.83
N HIS F 197 -2.60 -25.00 16.77
CA HIS F 197 -2.44 -26.40 16.46
C HIS F 197 -3.74 -27.07 16.13
N ALA F 198 -4.83 -26.60 16.74
CA ALA F 198 -6.16 -27.15 16.51
C ALA F 198 -6.88 -26.50 15.31
N ALA F 199 -6.24 -25.48 14.73
CA ALA F 199 -6.80 -24.74 13.61
C ALA F 199 -7.44 -25.66 12.57
N GLY F 200 -8.68 -25.33 12.19
CA GLY F 200 -9.41 -26.12 11.20
C GLY F 200 -10.32 -27.18 11.82
N LYS F 201 -10.13 -27.46 13.11
CA LYS F 201 -10.94 -28.46 13.80
C LYS F 201 -11.65 -27.88 15.02
N ILE F 202 -11.49 -26.56 15.22
CA ILE F 202 -12.16 -25.86 16.32
C ILE F 202 -13.57 -25.50 15.89
N GLY F 203 -14.56 -26.16 16.50
CA GLY F 203 -15.95 -25.90 16.18
C GLY F 203 -16.64 -24.91 17.11
N TYR F 204 -16.10 -24.75 18.32
CA TYR F 204 -16.73 -23.94 19.38
C TYR F 204 -15.74 -23.56 20.49
N VAL F 205 -15.83 -22.32 20.97
CA VAL F 205 -14.97 -21.86 22.07
C VAL F 205 -15.75 -21.26 23.24
N HIS F 206 -15.32 -21.64 24.45
CA HIS F 206 -15.71 -20.94 25.68
C HIS F 206 -14.64 -19.97 26.14
N ILE F 207 -15.01 -18.70 26.28
CA ILE F 207 -14.15 -17.73 26.96
C ILE F 207 -14.48 -17.71 28.44
N GLY F 208 -13.51 -18.14 29.25
CA GLY F 208 -13.68 -18.14 30.71
C GLY F 208 -12.38 -17.78 31.40
N GLU F 209 -12.46 -16.95 32.42
CA GLU F 209 -11.28 -16.56 33.19
C GLU F 209 -10.81 -17.73 34.08
N SER F 210 -9.56 -17.66 34.50
CA SER F 210 -8.91 -18.71 35.29
C SER F 210 -9.70 -19.17 36.52
N HIS F 211 -10.40 -18.24 37.18
CA HIS F 211 -11.23 -18.57 38.35
C HIS F 211 -12.71 -18.62 38.06
N ARG F 212 -13.06 -18.56 36.78
CA ARG F 212 -14.45 -18.62 36.29
C ARG F 212 -15.30 -17.36 36.61
N GLY F 213 -14.67 -16.26 37.01
CA GLY F 213 -15.39 -15.00 37.31
C GLY F 213 -15.18 -14.00 36.17
N PHE F 214 -15.15 -12.71 36.50
CA PHE F 214 -14.97 -11.64 35.50
C PHE F 214 -13.76 -11.88 34.61
N LEU F 215 -13.94 -11.61 33.32
CA LEU F 215 -12.84 -11.68 32.37
C LEU F 215 -11.82 -10.62 32.76
N GLY F 216 -10.54 -10.96 32.69
CA GLY F 216 -9.47 -10.02 33.04
C GLY F 216 -9.19 -9.82 34.53
N THR F 217 -10.03 -10.39 35.39
CA THR F 217 -9.79 -10.35 36.84
C THR F 217 -9.06 -11.60 37.32
N GLY F 218 -8.38 -12.31 36.40
CA GLY F 218 -7.65 -13.52 36.74
C GLY F 218 -6.29 -13.59 36.07
N ASN F 219 -5.85 -14.81 35.76
CA ASN F 219 -4.47 -15.04 35.33
C ASN F 219 -4.26 -15.32 33.84
N ILE F 220 -5.34 -15.39 33.08
CA ILE F 220 -5.26 -15.75 31.67
C ILE F 220 -4.90 -14.57 30.75
N ASP F 221 -4.03 -14.84 29.79
CA ASP F 221 -3.55 -13.89 28.80
C ASP F 221 -4.46 -13.86 27.57
N PHE F 222 -5.61 -13.20 27.70
CA PHE F 222 -6.63 -13.22 26.63
C PHE F 222 -6.22 -12.51 25.33
N ALA F 223 -5.34 -11.52 25.42
CA ALA F 223 -4.82 -10.89 24.20
C ALA F 223 -4.05 -11.91 23.39
N ALA F 224 -3.38 -12.83 24.08
CA ALA F 224 -2.71 -13.94 23.39
C ALA F 224 -3.73 -14.83 22.68
N ILE F 225 -4.82 -15.15 23.39
CA ILE F 225 -5.93 -15.93 22.83
C ILE F 225 -6.59 -15.26 21.63
N PHE F 226 -6.88 -13.97 21.74
CA PHE F 226 -7.49 -13.24 20.63
C PHE F 226 -6.53 -13.11 19.43
N ASP F 227 -5.23 -12.94 19.70
CA ASP F 227 -4.20 -12.95 18.64
C ASP F 227 -4.14 -14.28 17.88
N ALA F 228 -4.30 -15.39 18.61
CA ALA F 228 -4.20 -16.71 18.03
C ALA F 228 -5.46 -17.01 17.19
N LEU F 229 -6.62 -16.68 17.74
CA LEU F 229 -7.89 -16.83 17.05
C LEU F 229 -7.92 -16.00 15.76
N THR F 230 -7.27 -14.83 15.80
CA THR F 230 -7.23 -13.93 14.65
C THR F 230 -6.28 -14.49 13.60
N ALA F 231 -5.20 -15.11 14.08
CA ALA F 231 -4.15 -15.62 13.20
C ALA F 231 -4.69 -16.74 12.32
N ILE F 232 -5.32 -17.73 12.97
CA ILE F 232 -5.88 -18.88 12.29
C ILE F 232 -7.21 -18.57 11.62
N GLY F 233 -7.73 -17.37 11.86
CA GLY F 233 -8.93 -16.90 11.17
C GLY F 233 -10.23 -17.55 11.62
N TYR F 234 -10.33 -17.84 12.90
CA TYR F 234 -11.52 -18.43 13.46
C TYR F 234 -12.69 -17.50 13.31
N ALA F 235 -13.75 -18.01 12.72
CA ALA F 235 -14.94 -17.24 12.48
C ALA F 235 -16.19 -17.99 12.85
N ASP F 236 -16.16 -18.69 13.95
CA ASP F 236 -17.33 -19.38 14.40
C ASP F 236 -17.73 -18.83 15.74
N ASP F 237 -18.72 -19.43 16.35
CA ASP F 237 -19.27 -18.96 17.59
C ASP F 237 -18.35 -19.17 18.78
N LEU F 238 -18.28 -18.20 19.67
CA LEU F 238 -17.66 -18.35 20.97
C LEU F 238 -18.51 -17.67 22.02
N SER F 239 -18.59 -18.24 23.21
CA SER F 239 -19.47 -17.77 24.25
C SER F 239 -18.76 -17.57 25.55
N PHE F 240 -19.21 -16.59 26.32
CA PHE F 240 -18.68 -16.29 27.63
C PHE F 240 -19.30 -17.20 28.68
N GLU F 241 -18.48 -17.65 29.62
CA GLU F 241 -18.92 -18.59 30.63
C GLU F 241 -18.35 -18.19 31.99
N SER F 242 -19.21 -18.19 33.01
CA SER F 242 -18.82 -17.82 34.36
C SER F 242 -19.72 -18.48 35.40
N PHE F 243 -19.12 -18.87 36.52
CA PHE F 243 -19.89 -19.43 37.63
C PHE F 243 -19.58 -18.76 38.98
N SER F 244 -20.63 -18.44 39.72
CA SER F 244 -20.53 -17.90 41.07
C SER F 244 -21.52 -18.64 41.94
N SER F 245 -21.14 -18.86 43.19
CA SER F 245 -21.86 -19.76 44.11
C SER F 245 -23.36 -19.46 44.33
N GLU F 246 -23.71 -18.18 44.41
CA GLU F 246 -25.11 -17.77 44.66
C GLU F 246 -26.02 -17.91 43.41
N ILE F 247 -25.43 -18.23 42.27
CA ILE F 247 -26.14 -18.23 40.99
C ILE F 247 -26.23 -19.62 40.35
N VAL F 248 -25.21 -20.42 40.58
CA VAL F 248 -25.13 -21.76 40.01
C VAL F 248 -26.04 -22.82 40.63
N ASP F 249 -26.38 -23.82 39.83
CA ASP F 249 -27.17 -24.99 40.19
C ASP F 249 -26.48 -25.88 41.21
N GLU F 250 -27.23 -26.42 42.14
CA GLU F 250 -26.66 -27.10 43.27
C GLU F 250 -25.85 -28.27 42.81
N ASN F 251 -26.39 -29.00 41.88
CA ASN F 251 -25.72 -30.18 41.40
C ASN F 251 -24.42 -29.96 40.64
N LEU F 252 -24.38 -28.91 39.84
CA LEU F 252 -23.19 -28.46 39.11
C LEU F 252 -22.06 -27.97 40.00
N SER F 253 -22.43 -27.32 41.09
CA SER F 253 -21.47 -26.70 41.93
C SER F 253 -20.52 -27.73 42.41
N LYS F 254 -21.01 -28.92 42.66
CA LYS F 254 -20.17 -30.02 43.05
C LYS F 254 -19.19 -30.57 42.02
N LYS F 255 -19.60 -30.68 40.78
CA LYS F 255 -18.70 -31.14 39.74
C LYS F 255 -17.61 -30.17 39.38
N THR F 256 -17.97 -28.91 39.33
CA THR F 256 -17.12 -27.79 38.93
C THR F 256 -16.55 -27.06 40.14
N ALA F 257 -16.99 -27.47 41.32
CA ALA F 257 -16.48 -27.02 42.61
C ALA F 257 -16.56 -25.51 42.81
N ILE F 258 -17.72 -24.94 42.48
CA ILE F 258 -17.96 -23.51 42.67
C ILE F 258 -18.28 -23.28 44.14
N TRP F 259 -17.33 -22.69 44.87
CA TRP F 259 -17.43 -22.57 46.34
C TRP F 259 -17.69 -21.17 46.82
N ARG F 260 -17.21 -20.18 46.06
CA ARG F 260 -17.19 -18.77 46.48
C ARG F 260 -18.07 -17.92 45.58
N ASN F 261 -18.68 -16.88 46.14
CA ASN F 261 -19.38 -15.92 45.28
C ASN F 261 -18.47 -14.78 44.84
N LEU F 262 -18.02 -14.88 43.59
CA LEU F 262 -17.14 -13.89 43.00
C LEU F 262 -17.92 -12.65 42.51
N TRP F 263 -19.23 -12.82 42.31
CA TRP F 263 -20.07 -11.76 41.77
C TRP F 263 -21.51 -12.10 41.96
N THR F 264 -22.34 -11.07 42.07
CA THR F 264 -23.78 -11.27 42.20
C THR F 264 -24.59 -10.53 41.13
N ASP F 265 -23.98 -9.55 40.48
CA ASP F 265 -24.67 -8.72 39.48
C ASP F 265 -24.50 -9.26 38.06
N ASN F 266 -25.42 -10.14 37.66
CA ASN F 266 -25.43 -10.79 36.34
C ASN F 266 -25.16 -9.84 35.16
N MET F 267 -25.96 -8.79 35.08
CA MET F 267 -25.92 -7.87 33.96
C MET F 267 -24.55 -7.19 33.88
N ALA F 268 -24.07 -6.67 35.01
CA ALA F 268 -22.74 -6.06 35.08
C ALA F 268 -21.66 -7.01 34.56
N LEU F 269 -21.79 -8.30 34.89
CA LEU F 269 -20.84 -9.33 34.48
C LEU F 269 -20.95 -9.56 32.99
N ALA F 270 -22.18 -9.81 32.52
CA ALA F 270 -22.48 -10.04 31.12
C ALA F 270 -21.95 -8.91 30.24
N LYS F 271 -22.39 -7.68 30.54
CA LYS F 271 -22.00 -6.49 29.77
C LYS F 271 -20.50 -6.23 29.78
N HIS F 272 -19.85 -6.47 30.91
CA HIS F 272 -18.40 -6.33 30.98
C HIS F 272 -17.73 -7.33 30.06
N ALA F 273 -18.23 -8.56 30.05
CA ALA F 273 -17.65 -9.61 29.23
C ALA F 273 -17.83 -9.30 27.75
N ARG F 274 -19.00 -8.80 27.38
CA ARG F 274 -19.24 -8.40 26.00
C ARG F 274 -18.20 -7.35 25.56
N ALA F 275 -18.08 -6.27 26.35
CA ALA F 275 -17.12 -5.20 26.04
C ALA F 275 -15.70 -5.72 25.98
N PHE F 276 -15.34 -6.59 26.93
CA PHE F 276 -14.01 -7.18 26.99
C PHE F 276 -13.70 -8.00 25.74
N ILE F 277 -14.60 -8.92 25.39
CA ILE F 277 -14.41 -9.76 24.20
C ILE F 277 -14.43 -8.93 22.91
N GLY F 278 -15.45 -8.09 22.77
CA GLY F 278 -15.59 -7.22 21.61
C GLY F 278 -14.38 -6.35 21.32
N LEU F 279 -13.94 -5.60 22.33
CA LEU F 279 -12.74 -4.77 22.21
C LEU F 279 -11.47 -5.63 22.12
N GLY F 280 -11.48 -6.79 22.77
CA GLY F 280 -10.37 -7.74 22.68
C GLY F 280 -10.12 -8.06 21.22
N LEU F 281 -11.15 -8.64 20.59
CA LEU F 281 -11.08 -9.03 19.18
C LEU F 281 -10.75 -7.87 18.24
N GLU F 282 -11.37 -6.70 18.45
CA GLU F 282 -11.11 -5.53 17.60
C GLU F 282 -9.64 -5.14 17.65
N THR F 283 -9.07 -5.19 18.85
CA THR F 283 -7.67 -4.88 19.05
C THR F 283 -6.76 -5.88 18.33
N ALA F 284 -7.05 -7.17 18.49
CA ALA F 284 -6.29 -8.24 17.84
C ALA F 284 -6.29 -8.10 16.32
N ARG F 285 -7.45 -7.74 15.80
CA ARG F 285 -7.68 -7.55 14.38
C ARG F 285 -6.86 -6.37 13.86
N ARG F 286 -6.96 -5.23 14.55
CA ARG F 286 -6.21 -4.04 14.19
C ARG F 286 -4.72 -4.32 14.27
N LYS F 287 -4.33 -5.09 15.28
CA LYS F 287 -2.94 -5.48 15.51
C LYS F 287 -2.39 -6.40 14.40
N ALA F 288 -3.18 -7.39 13.98
CA ALA F 288 -2.81 -8.28 12.87
C ALA F 288 -2.57 -7.54 11.55
N GLU F 289 -3.49 -6.65 11.19
CA GLU F 289 -3.34 -5.80 10.00
C GLU F 289 -2.06 -4.97 10.01
N LEU F 290 -1.68 -4.48 11.19
CA LEU F 290 -0.50 -3.62 11.34
C LEU F 290 0.82 -4.38 11.10
N VAL F 291 0.90 -5.62 11.61
CA VAL F 291 2.06 -6.50 11.39
C VAL F 291 2.47 -6.55 9.90
N SER F 292 1.48 -6.53 9.01
CA SER F 292 1.67 -6.73 7.58
C SER F 292 1.80 -5.44 6.78
N ALA F 293 1.51 -4.31 7.41
CA ALA F 293 1.55 -3.02 6.73
C ALA F 293 2.91 -2.77 6.10
N ARG F 294 2.90 -2.27 4.86
CA ARG F 294 4.12 -1.98 4.14
C ARG F 294 4.85 -0.75 4.68
N HIS F 295 4.10 0.30 4.97
CA HIS F 295 4.68 1.60 5.35
C HIS F 295 5.83 1.99 4.47
N LYS F 296 5.63 1.85 3.16
CA LYS F 296 6.56 2.37 2.17
C LYS F 296 5.96 3.67 1.61
N PRO F 297 6.72 4.78 1.64
CA PRO F 297 6.16 6.10 1.30
C PRO F 297 5.66 6.24 -0.15
N MET G 1 18.51 -15.89 53.86
CA MET G 1 18.66 -16.07 52.43
C MET G 1 17.88 -17.29 51.93
N ALA G 2 18.16 -17.73 50.71
CA ALA G 2 17.24 -18.63 50.01
C ALA G 2 17.54 -20.14 50.00
N ARG G 3 16.55 -20.94 50.39
CA ARG G 3 16.68 -22.38 50.36
C ARG G 3 15.75 -22.92 49.29
N ILE G 4 16.34 -23.34 48.18
CA ILE G 4 15.63 -23.91 47.03
C ILE G 4 15.54 -25.43 47.17
N GLY G 5 14.31 -25.94 47.32
CA GLY G 5 14.07 -27.37 47.52
C GLY G 5 13.39 -28.12 46.38
N ILE G 6 13.15 -29.41 46.61
CA ILE G 6 12.50 -30.29 45.65
C ILE G 6 11.69 -31.33 46.43
N HIS G 7 10.62 -31.85 45.81
CA HIS G 7 9.78 -32.82 46.51
C HIS G 7 10.18 -34.25 46.29
N SER G 8 10.09 -35.03 47.38
CA SER G 8 10.53 -36.43 47.41
C SER G 8 9.85 -37.29 46.35
N PHE G 9 8.56 -37.05 46.14
CA PHE G 9 7.76 -37.85 45.21
C PHE G 9 8.14 -37.63 43.75
N VAL G 10 9.03 -36.67 43.48
CA VAL G 10 9.58 -36.50 42.14
C VAL G 10 10.52 -37.67 41.87
N TRP G 11 11.28 -38.05 42.89
CA TRP G 11 12.24 -39.14 42.77
C TRP G 11 11.62 -40.50 43.01
N SER G 12 10.91 -40.65 44.13
CA SER G 12 10.24 -41.91 44.48
C SER G 12 9.19 -41.75 45.58
N ALA G 13 8.21 -42.65 45.60
CA ALA G 13 7.20 -42.71 46.64
C ALA G 13 7.64 -43.63 47.78
N SER G 14 8.71 -44.37 47.52
CA SER G 14 9.25 -45.37 48.44
C SER G 14 9.93 -44.75 49.66
N SER G 15 9.72 -45.39 50.82
CA SER G 15 10.39 -44.99 52.07
C SER G 15 11.40 -46.07 52.56
N ALA G 16 11.67 -47.05 51.70
CA ALA G 16 12.70 -48.05 51.95
C ALA G 16 14.08 -47.41 51.88
N GLN G 17 15.03 -47.92 52.65
CA GLN G 17 16.37 -47.33 52.78
C GLN G 17 17.19 -47.30 51.47
N SER G 18 17.04 -48.33 50.64
CA SER G 18 17.73 -48.40 49.34
C SER G 18 17.21 -47.38 48.31
N GLU G 19 16.01 -46.85 48.55
CA GLU G 19 15.41 -45.82 47.70
C GLU G 19 15.40 -44.44 48.38
N LEU G 20 15.44 -44.42 49.71
CA LEU G 20 15.38 -43.20 50.51
C LEU G 20 16.66 -42.36 50.38
N GLU G 21 17.80 -43.03 50.27
CA GLU G 21 19.08 -42.35 50.07
C GLU G 21 19.29 -41.94 48.61
N ARG G 22 18.76 -42.74 47.69
CA ARG G 22 18.77 -42.41 46.26
C ARG G 22 18.08 -41.05 46.01
N THR G 23 16.97 -40.83 46.71
CA THR G 23 16.26 -39.56 46.69
C THR G 23 17.18 -38.43 47.16
N LEU G 24 17.87 -38.67 48.28
CA LEU G 24 18.81 -37.69 48.86
C LEU G 24 20.01 -37.39 47.95
N ALA G 25 20.46 -38.41 47.24
CA ALA G 25 21.65 -38.30 46.40
C ALA G 25 21.33 -37.70 45.03
N ASN G 26 20.13 -37.98 44.52
CA ASN G 26 19.65 -37.36 43.28
C ASN G 26 19.31 -35.88 43.45
N THR G 27 19.11 -35.46 44.70
CA THR G 27 18.88 -34.06 45.05
C THR G 27 20.14 -33.21 44.86
N ARG G 28 21.27 -33.68 45.41
CA ARG G 28 22.57 -33.02 45.30
C ARG G 28 23.01 -32.75 43.85
N ASP G 29 22.83 -33.75 43.00
CA ASP G 29 23.25 -33.68 41.60
C ASP G 29 22.52 -32.61 40.78
N ALA G 30 21.21 -32.51 40.98
CA ALA G 30 20.36 -31.54 40.28
C ALA G 30 20.58 -30.11 40.77
N GLY G 31 20.84 -29.95 42.07
CA GLY G 31 21.33 -28.70 42.62
C GLY G 31 20.58 -28.15 43.82
N PHE G 32 19.74 -28.98 44.45
CA PHE G 32 18.82 -28.49 45.49
C PHE G 32 19.38 -28.48 46.90
N ASP G 33 18.89 -27.53 47.70
CA ASP G 33 19.36 -27.27 49.07
C ASP G 33 18.46 -27.92 50.12
N LEU G 34 17.42 -28.60 49.66
CA LEU G 34 16.35 -29.06 50.55
C LEU G 34 15.58 -30.21 49.92
N ILE G 35 15.10 -31.10 50.78
CA ILE G 35 14.20 -32.18 50.38
C ILE G 35 12.87 -32.06 51.14
N GLU G 36 11.78 -32.30 50.43
CA GLU G 36 10.45 -32.23 51.01
C GLU G 36 9.77 -33.59 50.96
N PHE G 37 9.59 -34.19 52.13
CA PHE G 37 8.94 -35.50 52.23
C PHE G 37 7.48 -35.33 52.60
N SER G 38 6.63 -36.20 52.07
CA SER G 38 5.21 -36.15 52.36
C SER G 38 4.67 -37.44 52.98
N TYR G 39 5.53 -38.46 53.04
CA TYR G 39 5.10 -39.81 53.43
C TYR G 39 6.26 -40.62 54.00
N LEU G 40 6.22 -40.82 55.32
CA LEU G 40 7.22 -41.62 56.07
C LEU G 40 6.59 -42.36 57.25
N ASP G 41 7.00 -43.61 57.43
CA ASP G 41 6.64 -44.33 58.64
C ASP G 41 7.81 -44.50 59.61
N PRO G 42 7.73 -43.80 60.73
CA PRO G 42 8.78 -43.80 61.78
C PRO G 42 8.87 -45.16 62.39
N ALA G 43 7.69 -45.74 62.52
CA ALA G 43 7.59 -47.04 63.10
C ALA G 43 8.28 -47.98 62.14
N ASP G 44 8.62 -47.47 60.96
CA ASP G 44 9.48 -48.22 60.08
C ASP G 44 10.95 -47.84 60.00
N VAL G 45 11.26 -46.57 59.72
CA VAL G 45 12.63 -46.25 59.44
C VAL G 45 13.31 -45.20 60.30
N ASP G 46 14.61 -45.08 60.15
CA ASP G 46 15.43 -44.47 61.17
C ASP G 46 15.37 -42.97 61.09
N ILE G 47 14.55 -42.37 61.94
CA ILE G 47 14.44 -40.94 61.92
C ILE G 47 15.74 -40.34 62.33
N GLY G 48 16.32 -40.84 63.42
CA GLY G 48 17.57 -40.23 63.87
C GLY G 48 18.67 -40.30 62.82
N ARG G 49 18.75 -41.44 62.13
CA ARG G 49 19.83 -41.70 61.17
C ARG G 49 19.56 -41.11 59.79
N LEU G 50 18.35 -40.57 59.60
CA LEU G 50 18.04 -39.74 58.45
C LEU G 50 18.26 -38.27 58.81
N ALA G 51 17.87 -37.89 60.04
CA ALA G 51 18.07 -36.54 60.57
C ALA G 51 19.55 -36.14 60.57
N LYS G 52 20.42 -37.11 60.82
CA LYS G 52 21.87 -36.90 60.78
C LYS G 52 22.38 -36.91 59.34
N ARG G 53 21.80 -37.76 58.50
CA ARG G 53 22.23 -37.91 57.10
C ARG G 53 21.96 -36.67 56.24
N ILE G 54 20.76 -36.10 56.38
CA ILE G 54 20.42 -34.84 55.69
C ILE G 54 21.23 -33.70 56.30
N ALA G 55 21.44 -33.74 57.61
CA ALA G 55 22.28 -32.76 58.30
C ALA G 55 23.69 -32.74 57.72
N ASP G 56 24.19 -33.92 57.34
CA ASP G 56 25.53 -34.07 56.77
C ASP G 56 25.64 -33.58 55.32
N LEU G 57 24.67 -33.95 54.49
CA LEU G 57 24.64 -33.51 53.09
C LEU G 57 24.49 -31.99 52.93
N GLY G 58 24.14 -31.30 54.02
CA GLY G 58 23.97 -29.84 54.01
C GLY G 58 22.55 -29.41 53.69
N LEU G 59 21.75 -30.37 53.26
CA LEU G 59 20.37 -30.15 52.85
C LEU G 59 19.44 -29.80 54.03
N GLY G 60 18.49 -28.91 53.78
CA GLY G 60 17.41 -28.62 54.72
C GLY G 60 16.31 -29.66 54.54
N VAL G 61 15.29 -29.59 55.39
CA VAL G 61 14.18 -30.55 55.30
C VAL G 61 12.83 -29.98 55.76
N ALA G 62 11.80 -30.31 54.99
CA ALA G 62 10.42 -30.01 55.34
C ALA G 62 9.53 -31.22 55.07
N ILE G 63 8.55 -31.43 55.94
CA ILE G 63 7.57 -32.50 55.73
C ILE G 63 6.19 -31.86 55.54
N SER G 64 5.51 -32.27 54.47
CA SER G 64 4.19 -31.72 54.10
C SER G 64 3.15 -32.82 53.86
N ILE G 65 1.99 -32.73 54.52
CA ILE G 65 0.94 -33.75 54.36
C ILE G 65 -0.44 -33.20 53.99
N GLY G 66 -1.26 -34.09 53.42
CA GLY G 66 -2.65 -33.80 53.13
C GLY G 66 -3.53 -34.77 53.88
N LEU G 67 -4.31 -34.25 54.83
CA LEU G 67 -5.22 -35.05 55.62
C LEU G 67 -6.12 -35.91 54.73
N PRO G 68 -6.42 -37.16 55.18
CA PRO G 68 -7.45 -37.93 54.48
C PRO G 68 -8.83 -37.45 54.92
N ALA G 69 -9.88 -37.95 54.25
CA ALA G 69 -11.25 -37.69 54.66
C ALA G 69 -11.49 -38.16 56.09
N ASP G 70 -10.90 -39.31 56.41
CA ASP G 70 -10.95 -39.94 57.72
C ASP G 70 -10.26 -39.10 58.80
N GLY G 71 -9.45 -38.14 58.36
CA GLY G 71 -8.79 -37.21 59.24
C GLY G 71 -9.22 -35.77 59.14
N ASP G 72 -10.32 -35.50 58.46
CA ASP G 72 -10.60 -34.12 58.19
C ASP G 72 -10.81 -33.51 59.53
N ILE G 73 -10.02 -32.50 59.83
CA ILE G 73 -10.11 -31.75 61.07
C ILE G 73 -11.35 -30.89 61.15
N SER G 74 -11.77 -30.40 60.01
CA SER G 74 -12.93 -29.54 59.88
C SER G 74 -14.20 -30.29 60.13
N SER G 75 -14.11 -31.61 60.11
CA SER G 75 -15.30 -32.43 60.16
C SER G 75 -16.03 -32.18 61.44
N ALA G 76 -17.35 -32.13 61.36
CA ALA G 76 -18.21 -31.97 62.53
C ALA G 76 -18.16 -33.15 63.44
N ASP G 77 -18.08 -34.31 62.84
CA ASP G 77 -18.02 -35.51 63.64
C ASP G 77 -16.69 -35.46 64.33
N LYS G 78 -16.75 -35.45 65.64
CA LYS G 78 -15.59 -35.24 66.45
C LYS G 78 -14.62 -36.38 66.30
N ALA G 79 -15.10 -37.53 65.88
CA ALA G 79 -14.27 -38.70 65.70
C ALA G 79 -13.18 -38.61 64.64
N VAL G 80 -13.59 -38.11 63.48
CA VAL G 80 -12.74 -37.82 62.36
C VAL G 80 -11.81 -36.68 62.64
N ALA G 81 -12.32 -35.69 63.33
CA ALA G 81 -11.52 -34.56 63.72
C ALA G 81 -10.41 -34.95 64.67
N ALA G 82 -10.71 -35.77 65.68
CA ALA G 82 -9.74 -36.11 66.67
C ALA G 82 -8.67 -36.91 66.00
N ARG G 83 -9.10 -37.84 65.21
CA ARG G 83 -8.16 -38.51 64.29
C ARG G 83 -7.27 -37.50 63.59
N GLY G 84 -7.81 -36.31 63.34
CA GLY G 84 -7.06 -35.21 62.73
C GLY G 84 -6.00 -34.63 63.64
N VAL G 85 -6.38 -34.29 64.87
CA VAL G 85 -5.44 -33.74 65.86
C VAL G 85 -4.24 -34.68 66.03
N GLU G 86 -4.53 -35.98 66.04
CA GLU G 86 -3.52 -37.03 66.21
C GLU G 86 -2.49 -37.08 65.07
N ILE G 87 -2.96 -37.14 63.83
CA ILE G 87 -2.08 -37.20 62.65
C ILE G 87 -1.13 -36.00 62.56
N LEU G 88 -1.62 -34.82 62.94
CA LEU G 88 -0.83 -33.59 62.94
C LEU G 88 0.22 -33.57 64.05
N ASN G 89 -0.17 -34.05 65.23
CA ASN G 89 0.74 -34.17 66.38
C ASN G 89 1.85 -35.17 66.09
N GLN G 90 1.50 -36.21 65.33
CA GLN G 90 2.48 -37.17 64.85
C GLN G 90 3.45 -36.55 63.85
N THR G 91 2.97 -35.52 63.14
CA THR G 91 3.76 -34.83 62.12
C THR G 91 4.63 -33.71 62.72
N ILE G 92 4.12 -33.03 63.74
CA ILE G 92 4.90 -32.05 64.51
C ILE G 92 6.08 -32.76 65.21
N ALA G 93 5.81 -33.95 65.74
CA ALA G 93 6.80 -34.75 66.43
C ALA G 93 7.92 -35.20 65.49
N LEU G 94 7.55 -35.80 64.36
CA LEU G 94 8.51 -36.29 63.37
C LEU G 94 9.44 -35.18 62.87
N THR G 95 8.86 -34.03 62.52
CA THR G 95 9.59 -32.90 61.93
C THR G 95 10.64 -32.31 62.89
N ARG G 96 10.31 -32.22 64.18
CA ARG G 96 11.28 -31.80 65.19
C ARG G 96 12.40 -32.83 65.29
N ASP G 97 12.05 -34.09 65.08
CA ASP G 97 12.99 -35.21 65.21
C ASP G 97 13.82 -35.47 63.95
N LEU G 98 13.26 -35.15 62.79
CA LEU G 98 13.94 -35.37 61.50
C LEU G 98 14.85 -34.20 61.11
N GLY G 99 14.80 -33.12 61.90
CA GLY G 99 15.62 -31.93 61.65
C GLY G 99 14.86 -30.71 61.16
N GLY G 100 13.67 -30.94 60.61
CA GLY G 100 12.86 -29.88 59.98
C GLY G 100 12.34 -28.79 60.90
N ARG G 101 12.10 -27.62 60.30
CA ARG G 101 11.56 -26.46 61.02
C ARG G 101 10.10 -26.15 60.61
N LYS G 102 9.61 -26.87 59.60
CA LYS G 102 8.28 -26.61 59.01
C LYS G 102 7.47 -27.87 58.64
N VAL G 103 6.19 -27.87 58.99
CA VAL G 103 5.22 -28.85 58.47
C VAL G 103 4.14 -28.17 57.62
N ALA G 104 3.95 -28.67 56.43
CA ALA G 104 3.28 -27.97 55.35
C ALA G 104 2.42 -28.88 54.54
N GLY G 105 1.67 -28.29 53.63
CA GLY G 105 0.66 -29.06 52.91
C GLY G 105 -0.72 -28.75 53.43
N ILE G 106 -1.68 -29.60 53.09
CA ILE G 106 -3.10 -29.37 53.37
C ILE G 106 -3.48 -29.76 54.80
N LEU G 107 -3.42 -28.77 55.68
CA LEU G 107 -3.51 -28.99 57.11
C LEU G 107 -4.83 -28.43 57.67
N SER G 108 -5.66 -27.85 56.79
CA SER G 108 -6.87 -27.12 57.19
C SER G 108 -8.15 -27.95 57.03
N ALA G 109 -8.12 -28.88 56.13
CA ALA G 109 -9.28 -29.68 55.83
C ALA G 109 -8.80 -30.84 55.02
N GLY G 110 -9.69 -31.76 54.68
CA GLY G 110 -9.29 -32.90 53.90
C GLY G 110 -8.90 -32.60 52.49
N HIS G 111 -7.86 -33.25 52.03
CA HIS G 111 -7.37 -33.03 50.71
C HIS G 111 -8.14 -33.84 49.73
N GLY G 112 -9.06 -33.19 49.04
CA GLY G 112 -9.79 -33.82 47.96
C GLY G 112 -11.02 -33.06 47.51
N LEU G 113 -11.77 -33.64 46.60
CA LEU G 113 -12.91 -32.93 46.10
C LEU G 113 -14.05 -33.14 47.04
N GLN G 114 -14.22 -32.20 47.94
CA GLN G 114 -15.14 -32.32 49.02
C GLN G 114 -16.46 -32.50 48.36
N VAL G 115 -17.35 -33.29 48.97
CA VAL G 115 -18.70 -33.53 48.44
C VAL G 115 -19.62 -32.33 48.72
N GLU G 116 -19.40 -31.66 49.85
CA GLU G 116 -20.28 -30.57 50.27
C GLU G 116 -19.66 -29.20 50.05
N ALA G 117 -20.52 -28.17 50.05
CA ALA G 117 -20.08 -26.78 50.02
C ALA G 117 -19.55 -26.40 51.40
N PRO G 118 -18.63 -25.41 51.46
CA PRO G 118 -18.10 -24.97 52.76
C PRO G 118 -19.14 -24.23 53.60
N THR G 119 -19.01 -24.34 54.92
CA THR G 119 -19.92 -23.70 55.87
C THR G 119 -19.14 -22.88 56.89
N ARG G 120 -19.80 -21.90 57.50
CA ARG G 120 -19.18 -21.06 58.53
C ARG G 120 -18.68 -21.91 59.71
N ASP G 121 -19.48 -22.90 60.09
CA ASP G 121 -19.18 -23.73 61.23
C ASP G 121 -18.03 -24.70 60.95
N GLN G 122 -17.87 -25.11 59.69
CA GLN G 122 -16.70 -25.87 59.24
C GLN G 122 -15.44 -25.02 59.42
N TRP G 123 -15.54 -23.74 59.07
CA TRP G 123 -14.46 -22.76 59.15
C TRP G 123 -13.94 -22.59 60.56
N ASN G 124 -14.81 -22.12 61.46
CA ASN G 124 -14.46 -21.89 62.88
C ASN G 124 -13.95 -23.16 63.59
N ARG G 125 -14.47 -24.31 63.17
CA ARG G 125 -14.14 -25.60 63.76
C ARG G 125 -12.70 -26.02 63.42
N SER G 126 -12.30 -25.80 62.17
CA SER G 126 -10.92 -26.06 61.74
C SER G 126 -9.94 -25.08 62.39
N ALA G 127 -10.41 -23.84 62.56
CA ALA G 127 -9.59 -22.78 63.15
C ALA G 127 -9.40 -22.98 64.65
N ALA G 128 -10.51 -22.98 65.41
CA ALA G 128 -10.47 -23.15 66.87
C ALA G 128 -9.74 -24.42 67.32
N ALA G 129 -9.55 -25.34 66.38
CA ALA G 129 -8.72 -26.52 66.57
C ALA G 129 -7.26 -26.20 66.28
N LEU G 130 -6.97 -25.76 65.05
CA LEU G 130 -5.59 -25.46 64.64
C LEU G 130 -4.89 -24.46 65.56
N ALA G 131 -5.70 -23.68 66.28
CA ALA G 131 -5.19 -22.71 67.25
C ALA G 131 -4.33 -23.38 68.32
N LYS G 132 -4.82 -24.53 68.80
CA LYS G 132 -4.18 -25.27 69.88
C LYS G 132 -3.07 -26.19 69.35
N VAL G 133 -3.29 -26.76 68.17
CA VAL G 133 -2.27 -27.57 67.47
C VAL G 133 -1.04 -26.71 67.11
N ALA G 134 -1.23 -25.40 67.00
CA ALA G 134 -0.15 -24.45 66.76
C ALA G 134 0.74 -24.27 67.98
N GLU G 135 0.13 -24.30 69.17
CA GLU G 135 0.86 -24.22 70.44
C GLU G 135 1.74 -25.45 70.67
N THR G 136 1.28 -26.59 70.15
CA THR G 136 2.06 -27.83 70.10
C THR G 136 3.29 -27.66 69.21
N ALA G 137 3.07 -27.15 68.00
CA ALA G 137 4.16 -26.89 67.06
C ALA G 137 5.14 -25.86 67.62
N LYS G 138 4.61 -24.85 68.31
CA LYS G 138 5.42 -23.82 68.94
C LYS G 138 6.35 -24.44 69.98
N ALA G 139 5.75 -25.17 70.94
CA ALA G 139 6.50 -25.86 71.99
C ALA G 139 7.46 -26.94 71.45
N ALA G 140 7.37 -27.26 70.16
CA ALA G 140 8.25 -28.25 69.53
C ALA G 140 9.16 -27.65 68.44
N GLY G 141 9.26 -26.32 68.44
CA GLY G 141 10.19 -25.59 67.56
C GLY G 141 9.81 -25.43 66.09
N VAL G 142 8.65 -25.93 65.70
CA VAL G 142 8.24 -25.93 64.29
C VAL G 142 7.06 -25.00 64.00
N THR G 143 6.94 -24.57 62.74
CA THR G 143 5.80 -23.74 62.33
C THR G 143 4.84 -24.53 61.45
N LEU G 144 3.56 -24.19 61.57
CA LEU G 144 2.50 -24.75 60.72
C LEU G 144 2.29 -23.86 59.49
N ASN G 145 2.22 -24.48 58.32
CA ASN G 145 2.15 -23.76 57.05
C ASN G 145 1.02 -24.27 56.15
N LEU G 146 -0.17 -23.72 56.34
CA LEU G 146 -1.37 -24.13 55.63
C LEU G 146 -1.27 -23.98 54.11
N GLU G 147 -1.31 -25.10 53.38
CA GLU G 147 -1.37 -25.02 51.92
C GLU G 147 -2.73 -24.51 51.51
N ILE G 148 -2.68 -23.49 50.66
CA ILE G 148 -3.85 -22.89 50.04
C ILE G 148 -3.93 -23.46 48.64
N VAL G 149 -4.96 -24.23 48.38
CA VAL G 149 -5.06 -25.10 47.23
C VAL G 149 -6.36 -24.94 46.49
N ASN G 150 -6.38 -25.43 45.27
CA ASN G 150 -7.47 -25.22 44.36
C ASN G 150 -8.72 -25.94 44.78
N ARG G 151 -9.83 -25.59 44.16
CA ARG G 151 -11.16 -25.99 44.56
C ARG G 151 -11.39 -27.47 44.52
N PHE G 152 -10.73 -28.14 43.61
CA PHE G 152 -10.87 -29.58 43.47
C PHE G 152 -10.05 -30.39 44.48
N GLU G 153 -9.26 -29.71 45.31
CA GLU G 153 -8.34 -30.40 46.21
C GLU G 153 -8.61 -30.09 47.69
N SER G 154 -9.44 -29.10 47.92
CA SER G 154 -10.00 -28.86 49.21
C SER G 154 -11.10 -27.89 49.00
N ASN G 155 -11.96 -27.69 49.97
CA ASN G 155 -12.96 -26.71 49.81
C ASN G 155 -12.89 -25.55 50.77
N LEU G 156 -11.89 -25.50 51.62
CA LEU G 156 -11.86 -24.43 52.60
C LEU G 156 -11.01 -23.22 52.26
N LEU G 157 -9.73 -23.41 52.02
CA LEU G 157 -8.93 -22.28 51.70
C LEU G 157 -8.35 -22.48 50.33
N ASN G 158 -8.88 -21.72 49.38
CA ASN G 158 -8.43 -21.74 48.00
C ASN G 158 -7.64 -20.50 47.75
N THR G 159 -7.87 -19.52 48.59
CA THR G 159 -7.32 -18.19 48.34
C THR G 159 -6.48 -17.66 49.51
N ALA G 160 -5.32 -17.10 49.18
CA ALA G 160 -4.40 -16.49 50.16
C ALA G 160 -5.09 -15.49 51.09
N ALA G 161 -6.01 -14.70 50.54
CA ALA G 161 -6.84 -13.80 51.32
C ALA G 161 -7.70 -14.55 52.36
N GLN G 162 -8.18 -15.74 51.97
CA GLN G 162 -8.91 -16.63 52.88
C GLN G 162 -8.03 -17.12 54.03
N GLY G 163 -6.82 -17.58 53.68
CA GLY G 163 -5.83 -17.92 54.68
C GLY G 163 -5.64 -16.80 55.68
N LEU G 164 -5.44 -15.59 55.17
CA LEU G 164 -5.23 -14.41 56.02
C LEU G 164 -6.33 -14.23 57.04
N ALA G 165 -7.57 -14.47 56.62
CA ALA G 165 -8.72 -14.36 57.51
C ALA G 165 -8.80 -15.55 58.47
N PHE G 166 -8.41 -16.72 57.97
CA PHE G 166 -8.38 -17.95 58.74
C PHE G 166 -7.32 -17.91 59.85
N ILE G 167 -6.08 -17.58 59.45
CA ILE G 167 -4.94 -17.46 60.37
C ILE G 167 -5.21 -16.43 61.46
N GLU G 168 -5.90 -15.36 61.07
CA GLU G 168 -6.35 -14.33 61.98
C GLU G 168 -7.37 -14.91 62.97
N ASP G 169 -8.27 -15.75 62.45
CA ASP G 169 -9.32 -16.36 63.26
C ASP G 169 -8.77 -17.33 64.30
N THR G 170 -7.72 -18.08 63.94
CA THR G 170 -7.02 -18.93 64.90
C THR G 170 -6.50 -18.11 66.09
N GLY G 171 -5.95 -16.94 65.78
CA GLY G 171 -5.38 -16.09 66.82
C GLY G 171 -3.96 -16.49 67.11
N SER G 172 -3.48 -17.51 66.39
CA SER G 172 -2.13 -18.02 66.52
C SER G 172 -1.08 -17.10 65.89
N ASP G 173 0.12 -17.10 66.47
CA ASP G 173 1.27 -16.42 65.89
C ASP G 173 2.23 -17.45 65.29
N ASN G 174 1.84 -18.73 65.33
CA ASN G 174 2.65 -19.80 64.74
C ASN G 174 1.94 -20.58 63.61
N ILE G 175 1.09 -19.86 62.88
CA ILE G 175 0.42 -20.40 61.69
C ILE G 175 0.71 -19.50 60.50
N PHE G 176 1.16 -20.10 59.40
CA PHE G 176 1.54 -19.35 58.20
C PHE G 176 0.95 -19.94 56.92
N LEU G 177 1.18 -19.25 55.80
CA LEU G 177 0.65 -19.68 54.52
C LEU G 177 1.65 -20.49 53.72
N HIS G 178 1.18 -21.63 53.25
CA HIS G 178 1.88 -22.39 52.23
C HIS G 178 1.17 -22.08 50.94
N LEU G 179 1.87 -21.43 50.01
CA LEU G 179 1.26 -21.04 48.73
C LEU G 179 1.89 -21.81 47.57
N ASP G 180 1.07 -22.10 46.56
CA ASP G 180 1.49 -22.98 45.46
C ASP G 180 1.18 -22.38 44.10
N THR G 181 2.21 -22.03 43.32
CA THR G 181 2.00 -21.40 41.99
C THR G 181 1.00 -22.14 41.08
N PHE G 182 1.03 -23.47 41.11
CA PHE G 182 0.04 -24.26 40.38
C PHE G 182 -1.39 -24.05 40.96
N HIS G 183 -1.50 -24.01 42.28
CA HIS G 183 -2.79 -23.75 42.93
C HIS G 183 -3.19 -22.29 42.91
N MET G 184 -2.25 -21.42 42.56
CA MET G 184 -2.53 -19.98 42.59
C MET G 184 -3.07 -19.48 41.26
N ASN G 185 -2.56 -20.07 40.17
CA ASN G 185 -2.96 -19.67 38.83
C ASN G 185 -4.44 -19.93 38.58
N ILE G 186 -5.00 -20.94 39.24
CA ILE G 186 -6.42 -21.25 39.17
C ILE G 186 -7.29 -20.31 40.04
N GLU G 187 -6.87 -20.06 41.28
CA GLU G 187 -7.76 -19.41 42.24
C GLU G 187 -7.53 -17.90 42.47
N GLU G 188 -6.28 -17.47 42.49
CA GLU G 188 -6.00 -16.09 42.80
C GLU G 188 -6.33 -15.16 41.63
N ALA G 189 -6.84 -13.99 41.93
CA ALA G 189 -7.12 -13.01 40.93
C ALA G 189 -5.88 -12.56 40.25
N ASP G 190 -4.81 -12.39 40.98
CA ASP G 190 -3.51 -12.19 40.39
C ASP G 190 -2.51 -12.88 41.27
N VAL G 191 -1.61 -13.67 40.71
CA VAL G 191 -0.64 -14.35 41.52
C VAL G 191 0.37 -13.45 42.20
N GLY G 192 0.89 -12.50 41.46
CA GLY G 192 1.78 -11.46 41.97
C GLY G 192 1.13 -10.60 43.02
N LEU G 193 -0.09 -10.15 42.72
CA LEU G 193 -0.88 -9.35 43.66
C LEU G 193 -1.25 -10.13 44.92
N ALA G 194 -1.42 -11.44 44.78
CA ALA G 194 -1.77 -12.31 45.91
C ALA G 194 -0.59 -12.42 46.84
N ILE G 195 0.57 -12.71 46.27
CA ILE G 195 1.83 -12.76 47.00
C ILE G 195 2.05 -11.48 47.78
N ARG G 196 1.97 -10.33 47.09
CA ARG G 196 2.12 -9.02 47.72
C ARG G 196 1.19 -8.86 48.90
N HIS G 197 -0.03 -9.28 48.74
CA HIS G 197 -1.06 -9.16 49.74
C HIS G 197 -0.70 -9.99 50.91
N ALA G 198 0.08 -11.03 50.67
CA ALA G 198 0.40 -11.99 51.69
C ALA G 198 1.63 -11.68 52.48
N ALA G 199 2.30 -10.60 52.15
CA ALA G 199 3.61 -10.43 52.65
C ALA G 199 3.60 -10.47 54.15
N GLY G 200 4.60 -11.13 54.68
CA GLY G 200 4.82 -11.15 56.09
C GLY G 200 4.12 -12.26 56.77
N LYS G 201 3.46 -13.08 56.01
CA LYS G 201 2.71 -14.15 56.61
C LYS G 201 2.82 -15.39 55.84
N ILE G 202 3.84 -15.48 55.02
CA ILE G 202 4.00 -16.65 54.21
C ILE G 202 5.12 -17.48 54.73
N GLY G 203 4.80 -18.65 55.24
CA GLY G 203 5.75 -19.67 55.60
C GLY G 203 6.52 -20.48 54.59
N TYR G 204 5.84 -20.93 53.57
CA TYR G 204 6.41 -21.90 52.63
C TYR G 204 5.78 -21.74 51.22
N VAL G 205 6.53 -22.11 50.17
CA VAL G 205 6.07 -21.90 48.78
C VAL G 205 6.37 -23.07 47.83
N HIS G 206 5.32 -23.64 47.24
CA HIS G 206 5.45 -24.65 46.18
C HIS G 206 5.56 -24.01 44.82
N ILE G 207 6.50 -24.49 44.02
CA ILE G 207 6.74 -23.93 42.69
C ILE G 207 6.42 -24.98 41.61
N GLY G 208 5.22 -24.88 41.05
CA GLY G 208 4.76 -25.80 40.01
C GLY G 208 4.16 -25.08 38.83
N GLU G 209 4.30 -25.68 37.65
CA GLU G 209 3.77 -25.10 36.43
C GLU G 209 2.26 -25.34 36.36
N SER G 210 1.60 -24.70 35.39
CA SER G 210 0.14 -24.77 35.23
C SER G 210 -0.35 -26.20 35.05
N HIS G 211 0.39 -26.99 34.26
CA HIS G 211 0.07 -28.41 34.05
C HIS G 211 0.79 -29.34 34.98
N ARG G 212 1.51 -28.79 35.96
CA ARG G 212 2.33 -29.55 36.93
C ARG G 212 3.51 -30.30 36.31
N GLY G 213 3.79 -30.03 35.03
CA GLY G 213 4.94 -30.62 34.33
C GLY G 213 6.18 -29.74 34.38
N PHE G 214 6.84 -29.60 33.24
CA PHE G 214 8.08 -28.80 33.12
C PHE G 214 7.85 -27.32 33.39
N LEU G 215 8.77 -26.71 34.12
CA LEU G 215 8.76 -25.27 34.40
C LEU G 215 8.98 -24.41 33.15
N GLY G 216 8.04 -23.50 32.89
CA GLY G 216 8.12 -22.61 31.72
C GLY G 216 7.57 -23.17 30.42
N THR G 217 6.96 -24.36 30.51
CA THR G 217 6.34 -25.02 29.34
C THR G 217 4.81 -24.94 29.46
N GLY G 218 4.35 -24.09 30.37
CA GLY G 218 2.92 -23.86 30.59
C GLY G 218 2.53 -22.39 30.45
N ASN G 219 1.59 -21.95 31.29
CA ASN G 219 0.97 -20.65 31.11
C ASN G 219 1.28 -19.62 32.18
N ILE G 220 1.81 -20.08 33.31
CA ILE G 220 2.08 -19.25 34.47
C ILE G 220 3.18 -18.22 34.18
N ASP G 221 2.93 -16.97 34.57
CA ASP G 221 3.95 -15.93 34.50
C ASP G 221 4.84 -16.06 35.72
N PHE G 222 5.97 -16.74 35.56
CA PHE G 222 6.88 -16.97 36.69
C PHE G 222 7.71 -15.74 37.07
N ALA G 223 8.12 -14.96 36.06
CA ALA G 223 8.84 -13.69 36.29
C ALA G 223 8.03 -12.76 37.20
N ALA G 224 6.72 -12.74 36.99
CA ALA G 224 5.82 -12.01 37.87
C ALA G 224 5.91 -12.53 39.31
N ILE G 225 5.89 -13.86 39.46
CA ILE G 225 5.97 -14.53 40.75
C ILE G 225 7.31 -14.27 41.44
N PHE G 226 8.39 -14.34 40.67
CA PHE G 226 9.72 -14.05 41.19
C PHE G 226 9.85 -12.57 41.58
N ASP G 227 9.33 -11.70 40.73
CA ASP G 227 9.31 -10.27 41.00
C ASP G 227 8.55 -9.92 42.28
N ALA G 228 7.43 -10.61 42.53
CA ALA G 228 6.62 -10.36 43.72
C ALA G 228 7.26 -10.90 45.00
N LEU G 229 7.96 -12.03 44.91
CA LEU G 229 8.65 -12.56 46.07
C LEU G 229 9.85 -11.67 46.43
N THR G 230 10.64 -11.30 45.43
CA THR G 230 11.75 -10.34 45.60
C THR G 230 11.28 -9.04 46.30
N ALA G 231 10.14 -8.53 45.86
CA ALA G 231 9.63 -7.23 46.30
C ALA G 231 9.18 -7.18 47.76
N ILE G 232 8.75 -8.32 48.31
CA ILE G 232 8.26 -8.37 49.70
C ILE G 232 9.31 -8.87 50.69
N GLY G 233 10.52 -9.04 50.21
CA GLY G 233 11.59 -9.56 51.03
C GLY G 233 11.36 -10.93 51.55
N TYR G 234 11.03 -11.83 50.65
CA TYR G 234 10.79 -13.20 51.00
C TYR G 234 12.00 -14.03 50.72
N ALA G 235 12.56 -14.58 51.77
CA ALA G 235 13.76 -15.39 51.69
C ALA G 235 13.65 -16.73 52.37
N ASP G 236 12.45 -17.19 52.60
CA ASP G 236 12.28 -18.46 53.23
C ASP G 236 12.43 -19.52 52.17
N ASP G 237 12.09 -20.75 52.51
CA ASP G 237 12.14 -21.89 51.60
C ASP G 237 11.05 -21.94 50.52
N LEU G 238 11.38 -22.58 49.43
CA LEU G 238 10.44 -22.86 48.33
C LEU G 238 10.85 -24.09 47.51
N SER G 239 9.88 -24.96 47.20
CA SER G 239 10.16 -26.26 46.57
C SER G 239 9.45 -26.50 45.24
N PHE G 240 10.09 -27.33 44.41
CA PHE G 240 9.59 -27.69 43.08
C PHE G 240 8.72 -28.95 43.13
N GLU G 241 7.52 -28.87 42.56
CA GLU G 241 6.59 -29.99 42.43
C GLU G 241 6.34 -30.35 40.96
N SER G 242 6.62 -31.60 40.61
CA SER G 242 6.26 -32.20 39.31
C SER G 242 6.17 -33.74 39.40
N PHE G 243 4.96 -34.26 39.57
CA PHE G 243 4.77 -35.67 39.87
C PHE G 243 4.50 -36.55 38.65
N SER G 244 5.06 -37.77 38.66
CA SER G 244 4.83 -38.77 37.61
C SER G 244 3.75 -39.79 37.97
N SER G 245 3.07 -40.27 36.94
CA SER G 245 2.06 -41.31 37.10
C SER G 245 2.71 -42.51 37.78
N GLU G 246 3.82 -42.96 37.20
CA GLU G 246 4.52 -44.18 37.63
C GLU G 246 5.41 -44.04 38.86
N ILE G 247 5.86 -42.83 39.17
CA ILE G 247 6.73 -42.62 40.33
C ILE G 247 5.93 -42.36 41.63
N VAL G 248 4.74 -41.76 41.49
CA VAL G 248 3.92 -41.38 42.65
C VAL G 248 2.84 -42.40 43.01
N ASP G 249 2.60 -42.52 44.32
CA ASP G 249 1.55 -43.36 44.91
C ASP G 249 0.20 -43.26 44.16
N GLU G 250 -0.54 -44.37 44.17
CA GLU G 250 -1.87 -44.42 43.52
C GLU G 250 -2.91 -43.52 44.17
N ASN G 251 -2.82 -43.31 45.49
CA ASN G 251 -3.72 -42.40 46.22
C ASN G 251 -3.62 -40.95 45.76
N LEU G 252 -2.39 -40.46 45.56
CA LEU G 252 -2.15 -39.07 45.16
C LEU G 252 -2.40 -38.85 43.67
N SER G 253 -1.78 -39.68 42.83
CA SER G 253 -1.94 -39.65 41.36
C SER G 253 -3.41 -39.69 40.93
N LYS G 254 -4.27 -40.10 41.86
CA LYS G 254 -5.71 -40.17 41.63
C LYS G 254 -6.42 -38.98 42.26
N LYS G 255 -5.94 -38.60 43.43
CA LYS G 255 -6.44 -37.44 44.17
C LYS G 255 -6.17 -36.22 43.35
N THR G 256 -5.02 -36.24 42.70
CA THR G 256 -4.53 -35.13 41.93
C THR G 256 -4.68 -35.27 40.43
N ALA G 257 -5.37 -36.29 39.98
CA ALA G 257 -5.62 -36.44 38.56
C ALA G 257 -4.46 -36.49 37.59
N ILE G 258 -3.53 -37.40 37.80
CA ILE G 258 -2.49 -37.58 36.82
C ILE G 258 -2.85 -38.64 35.81
N TRP G 259 -3.24 -38.25 34.62
CA TRP G 259 -3.59 -39.19 33.59
C TRP G 259 -2.63 -39.10 32.48
N ARG G 260 -1.76 -38.12 32.59
CA ARG G 260 -0.85 -37.73 31.53
C ARG G 260 0.54 -37.68 32.17
N ASN G 261 1.56 -38.09 31.44
CA ASN G 261 2.93 -37.93 31.93
C ASN G 261 3.79 -37.04 31.04
N LEU G 262 4.40 -36.03 31.67
CA LEU G 262 5.03 -34.92 30.98
C LEU G 262 6.54 -35.08 30.79
N TRP G 263 7.08 -36.13 31.39
CA TRP G 263 8.52 -36.43 31.35
C TRP G 263 8.80 -37.87 31.66
N THR G 264 9.88 -38.39 31.08
CA THR G 264 10.30 -39.77 31.31
C THR G 264 11.44 -39.93 32.35
N ASP G 265 12.27 -38.89 32.48
CA ASP G 265 13.34 -38.90 33.50
C ASP G 265 13.40 -37.63 34.36
N ASN G 266 13.29 -37.83 35.67
CA ASN G 266 13.30 -36.76 36.66
C ASN G 266 14.65 -36.08 36.90
N MET G 267 15.68 -36.52 36.18
CA MET G 267 16.99 -35.89 36.28
C MET G 267 17.06 -34.61 35.46
N ALA G 268 16.70 -34.71 34.19
CA ALA G 268 16.70 -33.57 33.29
C ALA G 268 15.65 -32.55 33.72
N LEU G 269 14.52 -33.05 34.24
CA LEU G 269 13.46 -32.21 34.81
C LEU G 269 13.95 -31.40 36.01
N ALA G 270 14.52 -32.10 37.00
CA ALA G 270 15.01 -31.48 38.23
C ALA G 270 16.17 -30.51 37.98
N LYS G 271 17.00 -30.84 36.99
CA LYS G 271 18.12 -29.99 36.60
C LYS G 271 17.61 -28.71 35.94
N HIS G 272 16.67 -28.87 35.03
CA HIS G 272 15.99 -27.76 34.35
C HIS G 272 15.29 -26.87 35.34
N ALA G 273 14.62 -27.48 36.32
CA ALA G 273 13.85 -26.76 37.33
C ALA G 273 14.72 -25.90 38.24
N ARG G 274 15.88 -26.41 38.59
CA ARG G 274 16.77 -25.73 39.51
C ARG G 274 17.46 -24.59 38.81
N ALA G 275 17.83 -24.83 37.55
CA ALA G 275 18.44 -23.81 36.69
C ALA G 275 17.45 -22.70 36.34
N PHE G 276 16.16 -23.07 36.23
CA PHE G 276 15.07 -22.14 35.90
C PHE G 276 14.74 -21.21 37.06
N ILE G 277 14.49 -21.80 38.23
CA ILE G 277 14.27 -21.06 39.49
C ILE G 277 15.51 -20.22 39.85
N GLY G 278 16.68 -20.86 39.80
CA GLY G 278 17.94 -20.21 40.14
C GLY G 278 18.16 -18.96 39.32
N LEU G 279 17.95 -19.08 38.01
CA LEU G 279 18.13 -17.97 37.08
C LEU G 279 17.00 -16.93 37.24
N GLY G 280 15.80 -17.44 37.51
CA GLY G 280 14.63 -16.58 37.70
C GLY G 280 14.77 -15.64 38.87
N LEU G 281 15.26 -16.16 39.99
CA LEU G 281 15.51 -15.35 41.20
C LEU G 281 16.69 -14.41 41.05
N GLU G 282 17.74 -14.85 40.36
CA GLU G 282 18.89 -14.00 40.04
C GLU G 282 18.41 -12.82 39.18
N THR G 283 17.75 -13.13 38.06
CA THR G 283 17.15 -12.13 37.16
C THR G 283 16.24 -11.15 37.90
N ALA G 284 15.38 -11.70 38.77
CA ALA G 284 14.46 -10.90 39.57
C ALA G 284 15.17 -9.89 40.48
N ARG G 285 16.26 -10.32 41.12
CA ARG G 285 17.02 -9.46 42.00
C ARG G 285 17.66 -8.32 41.23
N ARG G 286 18.31 -8.67 40.12
CA ARG G 286 18.93 -7.67 39.26
C ARG G 286 17.91 -6.61 38.83
N LYS G 287 16.71 -7.09 38.51
CA LYS G 287 15.58 -6.27 38.12
C LYS G 287 15.19 -5.27 39.21
N ALA G 288 14.96 -5.78 40.41
CA ALA G 288 14.55 -4.94 41.54
C ALA G 288 15.57 -3.83 41.85
N GLU G 289 16.85 -4.15 41.65
CA GLU G 289 17.95 -3.21 41.83
C GLU G 289 17.94 -2.11 40.79
N LEU G 290 17.79 -2.51 39.53
CA LEU G 290 17.77 -1.58 38.41
C LEU G 290 16.67 -0.53 38.53
N VAL G 291 15.54 -0.91 39.13
CA VAL G 291 14.42 0.00 39.37
C VAL G 291 14.90 1.14 40.26
N SER G 292 15.49 0.79 41.40
CA SER G 292 15.86 1.74 42.45
C SER G 292 17.12 2.53 42.11
N ALA G 293 17.93 2.02 41.18
CA ALA G 293 19.22 2.61 40.85
C ALA G 293 19.06 4.04 40.34
N ARG G 294 19.62 5.02 41.05
CA ARG G 294 19.42 6.42 40.74
C ARG G 294 20.01 6.91 39.45
N HIS G 295 21.13 6.33 39.03
CA HIS G 295 21.70 6.65 37.76
C HIS G 295 21.87 8.10 37.57
N LYS G 296 22.40 8.75 38.58
CA LYS G 296 22.85 10.11 38.50
C LYS G 296 24.17 10.27 37.75
N PRO G 297 24.31 11.31 36.95
CA PRO G 297 25.54 11.50 36.18
C PRO G 297 26.73 11.88 37.07
N MET H 1 24.40 -26.62 14.32
CA MET H 1 25.33 -25.98 13.39
C MET H 1 25.13 -24.48 13.31
N ALA H 2 24.13 -23.95 14.01
CA ALA H 2 23.88 -22.51 14.03
C ALA H 2 24.10 -21.93 15.41
N ARG H 3 24.87 -20.85 15.47
CA ARG H 3 25.50 -20.45 16.72
C ARG H 3 24.82 -19.36 17.53
N ILE H 4 24.92 -19.47 18.86
CA ILE H 4 24.52 -18.46 19.86
C ILE H 4 25.71 -17.54 20.10
N GLY H 5 25.65 -16.35 19.52
CA GLY H 5 26.80 -15.43 19.53
C GLY H 5 26.73 -14.27 20.51
N ILE H 6 27.65 -13.33 20.33
CA ILE H 6 27.77 -12.13 21.18
C ILE H 6 28.54 -11.06 20.38
N HIS H 7 28.35 -9.82 20.75
CA HIS H 7 29.03 -8.77 20.08
C HIS H 7 30.23 -8.28 20.78
N SER H 8 31.27 -8.01 20.01
CA SER H 8 32.58 -7.78 20.51
C SER H 8 32.53 -6.61 21.43
N PHE H 9 31.71 -5.66 21.07
CA PHE H 9 31.65 -4.39 21.71
C PHE H 9 31.26 -4.55 23.13
N VAL H 10 30.71 -5.67 23.48
CA VAL H 10 30.53 -5.92 24.87
C VAL H 10 31.91 -5.96 25.50
N TRP H 11 32.84 -6.64 24.85
CA TRP H 11 34.24 -6.76 25.26
C TRP H 11 35.29 -5.66 25.19
N SER H 12 35.40 -5.02 24.04
CA SER H 12 36.43 -4.04 23.70
C SER H 12 36.08 -3.26 22.41
N ALA H 13 36.30 -1.95 22.44
CA ALA H 13 36.06 -1.11 21.27
C ALA H 13 37.25 -1.07 20.31
N SER H 14 38.39 -1.56 20.79
CA SER H 14 39.65 -1.48 20.06
C SER H 14 40.07 -2.80 19.41
N SER H 15 40.97 -2.71 18.43
CA SER H 15 41.31 -3.84 17.57
C SER H 15 42.81 -4.15 17.55
N ALA H 16 43.46 -4.06 18.70
CA ALA H 16 44.87 -4.42 18.85
C ALA H 16 44.99 -5.94 18.97
N GLN H 17 46.14 -6.49 18.59
CA GLN H 17 46.37 -7.94 18.67
C GLN H 17 46.26 -8.52 20.08
N SER H 18 46.48 -7.66 21.08
CA SER H 18 46.31 -8.03 22.48
C SER H 18 44.83 -8.06 22.86
N GLU H 19 44.09 -7.03 22.45
CA GLU H 19 42.66 -6.89 22.74
C GLU H 19 41.81 -7.95 22.02
N LEU H 20 42.19 -8.22 20.77
CA LEU H 20 41.51 -9.19 19.92
C LEU H 20 41.53 -10.60 20.53
N GLU H 21 42.63 -10.94 21.19
CA GLU H 21 42.77 -12.23 21.88
C GLU H 21 42.02 -12.23 23.21
N ARG H 22 41.90 -11.05 23.84
CA ARG H 22 41.15 -10.89 25.07
C ARG H 22 39.64 -10.99 24.78
N THR H 23 39.22 -10.38 23.68
CA THR H 23 37.84 -10.44 23.21
C THR H 23 37.41 -11.88 22.90
N LEU H 24 38.23 -12.57 22.12
CA LEU H 24 37.92 -13.93 21.66
C LEU H 24 37.92 -14.99 22.78
N ALA H 25 38.91 -14.93 23.68
CA ALA H 25 39.02 -15.89 24.79
C ALA H 25 37.79 -15.82 25.69
N ASN H 26 37.42 -14.59 26.05
CA ASN H 26 36.26 -14.32 26.89
C ASN H 26 34.95 -14.84 26.28
N THR H 27 34.80 -14.65 24.97
CA THR H 27 33.71 -15.25 24.20
C THR H 27 33.59 -16.75 24.50
N ARG H 28 34.71 -17.48 24.41
CA ARG H 28 34.76 -18.91 24.73
C ARG H 28 34.48 -19.22 26.20
N ASP H 29 34.95 -18.36 27.09
CA ASP H 29 34.74 -18.56 28.52
C ASP H 29 33.27 -18.44 28.88
N ALA H 30 32.58 -17.52 28.21
CA ALA H 30 31.17 -17.24 28.48
C ALA H 30 30.21 -18.30 27.94
N GLY H 31 30.59 -18.92 26.82
CA GLY H 31 29.84 -20.06 26.26
C GLY H 31 29.37 -19.87 24.84
N PHE H 32 29.80 -18.79 24.20
CA PHE H 32 29.32 -18.42 22.86
C PHE H 32 30.13 -19.07 21.74
N ASP H 33 29.42 -19.62 20.75
CA ASP H 33 30.01 -20.28 19.58
C ASP H 33 30.38 -19.29 18.48
N LEU H 34 30.12 -18.01 18.72
CA LEU H 34 30.28 -16.99 17.67
C LEU H 34 30.64 -15.60 18.20
N ILE H 35 31.33 -14.82 17.36
CA ILE H 35 31.71 -13.45 17.67
C ILE H 35 31.26 -12.52 16.54
N GLU H 36 30.83 -11.32 16.91
CA GLU H 36 30.39 -10.32 15.93
C GLU H 36 31.16 -9.02 16.07
N PHE H 37 32.03 -8.75 15.09
CA PHE H 37 32.83 -7.54 15.10
C PHE H 37 32.13 -6.46 14.29
N SER H 38 32.34 -5.20 14.68
CA SER H 38 31.80 -4.07 13.91
C SER H 38 32.89 -3.12 13.39
N TYR H 39 34.08 -3.18 13.98
CA TYR H 39 35.21 -2.39 13.50
C TYR H 39 36.50 -3.18 13.32
N LEU H 40 36.99 -3.18 12.08
CA LEU H 40 38.27 -3.75 11.70
C LEU H 40 38.96 -2.84 10.66
N ASP H 41 40.20 -2.45 10.93
CA ASP H 41 41.00 -1.74 9.92
C ASP H 41 42.04 -2.68 9.32
N PRO H 42 42.17 -2.67 7.99
CA PRO H 42 43.04 -3.62 7.29
C PRO H 42 44.53 -3.39 7.52
N ALA H 43 44.86 -2.26 8.15
CA ALA H 43 46.25 -1.87 8.39
C ALA H 43 46.84 -2.49 9.66
N ASP H 44 45.99 -2.72 10.67
CA ASP H 44 46.45 -3.13 12.00
C ASP H 44 46.31 -4.64 12.31
N VAL H 45 45.21 -5.24 11.87
CA VAL H 45 44.89 -6.63 12.20
C VAL H 45 45.48 -7.72 11.34
N ASP H 46 45.47 -8.93 11.88
CA ASP H 46 45.99 -10.11 11.23
C ASP H 46 44.93 -10.61 10.27
N ILE H 47 44.86 -10.03 9.08
CA ILE H 47 43.69 -10.25 8.22
C ILE H 47 43.42 -11.73 7.91
N GLY H 48 44.49 -12.52 7.81
CA GLY H 48 44.39 -13.94 7.54
C GLY H 48 44.49 -14.80 8.79
N ARG H 49 45.30 -14.35 9.75
CA ARG H 49 45.52 -15.07 11.01
C ARG H 49 44.34 -14.89 11.98
N LEU H 50 43.56 -13.84 11.79
CA LEU H 50 42.32 -13.67 12.53
C LEU H 50 41.32 -14.75 12.08
N ALA H 51 41.13 -14.85 10.77
CA ALA H 51 40.27 -15.86 10.15
C ALA H 51 40.55 -17.29 10.62
N LYS H 52 41.84 -17.61 10.74
CA LYS H 52 42.28 -18.93 11.20
C LYS H 52 42.14 -19.09 12.72
N ARG H 53 42.39 -18.02 13.48
CA ARG H 53 42.24 -18.03 14.94
C ARG H 53 40.77 -18.16 15.33
N ILE H 54 39.89 -17.65 14.47
CA ILE H 54 38.45 -17.88 14.57
C ILE H 54 38.21 -19.38 14.66
N ALA H 55 38.67 -20.12 13.65
CA ALA H 55 38.54 -21.57 13.62
C ALA H 55 39.35 -22.27 14.72
N ASP H 56 40.50 -21.68 15.09
CA ASP H 56 41.36 -22.21 16.17
C ASP H 56 40.59 -22.42 17.47
N LEU H 57 39.58 -21.58 17.70
CA LEU H 57 38.76 -21.67 18.91
C LEU H 57 37.35 -22.22 18.63
N GLY H 58 37.18 -22.87 17.48
CA GLY H 58 35.93 -23.50 17.08
C GLY H 58 34.77 -22.52 17.14
N LEU H 59 34.91 -21.44 16.38
CA LEU H 59 34.09 -20.26 16.57
C LEU H 59 33.56 -19.69 15.25
N GLY H 60 32.37 -19.09 15.32
CA GLY H 60 31.77 -18.41 14.18
C GLY H 60 32.13 -16.94 14.22
N VAL H 61 32.06 -16.27 13.07
CA VAL H 61 32.29 -14.83 13.00
C VAL H 61 31.26 -14.16 12.08
N ALA H 62 30.86 -12.94 12.45
CA ALA H 62 29.96 -12.12 11.63
C ALA H 62 30.26 -10.64 11.78
N ILE H 63 30.00 -9.87 10.72
CA ILE H 63 30.36 -8.45 10.66
C ILE H 63 29.12 -7.56 10.52
N SER H 64 29.04 -6.52 11.34
CA SER H 64 27.93 -5.57 11.26
C SER H 64 28.43 -4.13 11.22
N ILE H 65 27.82 -3.33 10.34
CA ILE H 65 28.20 -1.93 10.17
C ILE H 65 26.99 -1.01 10.15
N GLY H 66 27.22 0.29 10.34
CA GLY H 66 26.16 1.28 10.22
C GLY H 66 26.64 2.43 9.36
N LEU H 67 26.06 2.58 8.18
CA LEU H 67 26.49 3.59 7.21
C LEU H 67 26.60 4.99 7.83
N PRO H 68 27.73 5.70 7.56
CA PRO H 68 27.90 7.09 8.00
C PRO H 68 26.93 8.01 7.27
N ALA H 69 26.73 9.21 7.80
CA ALA H 69 25.89 10.21 7.14
C ALA H 69 26.39 10.55 5.74
N ASP H 70 27.71 10.59 5.60
CA ASP H 70 28.39 10.93 4.35
C ASP H 70 28.60 9.71 3.43
N GLY H 71 28.19 8.53 3.91
CA GLY H 71 28.21 7.30 3.10
C GLY H 71 26.84 6.67 3.04
N ASP H 72 25.81 7.47 2.71
CA ASP H 72 24.41 7.03 2.70
C ASP H 72 23.88 6.73 1.29
N ILE H 73 23.82 5.45 0.93
CA ILE H 73 23.31 4.98 -0.37
C ILE H 73 21.95 5.59 -0.76
N SER H 74 21.11 5.82 0.25
CA SER H 74 19.78 6.39 0.07
C SER H 74 19.81 7.81 -0.50
N SER H 75 20.94 8.48 -0.38
CA SER H 75 21.01 9.91 -0.72
C SER H 75 20.88 10.21 -2.21
N ALA H 76 20.34 11.38 -2.51
CA ALA H 76 20.25 11.87 -3.89
C ALA H 76 21.64 12.35 -4.35
N ASP H 77 22.53 12.54 -3.39
CA ASP H 77 23.92 12.87 -3.67
C ASP H 77 24.68 11.60 -4.06
N LYS H 78 25.02 11.51 -5.35
CA LYS H 78 25.68 10.34 -5.91
C LYS H 78 27.04 10.09 -5.26
N ALA H 79 27.75 11.16 -4.93
CA ALA H 79 29.06 11.09 -4.29
C ALA H 79 28.98 10.46 -2.89
N VAL H 80 27.97 10.89 -2.14
CA VAL H 80 27.61 10.25 -0.87
C VAL H 80 27.14 8.80 -1.10
N ALA H 81 26.29 8.60 -2.12
CA ALA H 81 25.82 7.27 -2.48
C ALA H 81 26.95 6.34 -2.90
N ALA H 82 27.95 6.91 -3.59
CA ALA H 82 29.13 6.15 -4.02
C ALA H 82 29.99 5.77 -2.84
N ARG H 83 30.26 6.75 -1.98
CA ARG H 83 30.95 6.52 -0.70
C ARG H 83 30.30 5.34 0.03
N GLY H 84 28.96 5.33 0.07
CA GLY H 84 28.19 4.24 0.68
C GLY H 84 28.48 2.87 0.10
N VAL H 85 28.28 2.73 -1.21
CA VAL H 85 28.55 1.49 -1.95
C VAL H 85 29.99 1.01 -1.72
N GLU H 86 30.92 1.96 -1.68
CA GLU H 86 32.33 1.66 -1.43
C GLU H 86 32.57 0.95 -0.09
N ILE H 87 32.11 1.54 1.02
CA ILE H 87 32.35 0.94 2.36
C ILE H 87 31.75 -0.47 2.51
N LEU H 88 30.55 -0.64 1.95
CA LEU H 88 29.90 -1.95 1.86
C LEU H 88 30.82 -2.98 1.19
N ASN H 89 31.40 -2.58 0.05
CA ASN H 89 32.33 -3.43 -0.71
C ASN H 89 33.49 -3.94 0.14
N GLN H 90 34.18 -3.01 0.81
CA GLN H 90 35.25 -3.35 1.73
C GLN H 90 34.78 -4.34 2.79
N THR H 91 33.56 -4.11 3.28
CA THR H 91 32.97 -4.93 4.34
C THR H 91 32.70 -6.34 3.84
N ILE H 92 32.24 -6.45 2.59
CA ILE H 92 32.05 -7.74 1.94
C ILE H 92 33.39 -8.47 1.80
N ALA H 93 34.42 -7.74 1.38
CA ALA H 93 35.77 -8.28 1.21
C ALA H 93 36.37 -8.75 2.54
N LEU H 94 36.21 -7.94 3.59
CA LEU H 94 36.69 -8.29 4.93
C LEU H 94 36.03 -9.57 5.46
N THR H 95 34.73 -9.71 5.18
CA THR H 95 33.93 -10.83 5.68
C THR H 95 34.29 -12.14 4.97
N ARG H 96 34.57 -12.05 3.66
CA ARG H 96 35.08 -13.19 2.89
C ARG H 96 36.39 -13.69 3.48
N ASP H 97 37.40 -12.82 3.51
CA ASP H 97 38.74 -13.13 4.03
C ASP H 97 38.72 -13.63 5.47
N LEU H 98 37.73 -13.19 6.23
CA LEU H 98 37.63 -13.49 7.65
C LEU H 98 37.01 -14.86 7.94
N GLY H 99 36.44 -15.48 6.91
CA GLY H 99 35.74 -16.75 7.08
C GLY H 99 34.32 -16.57 7.59
N GLY H 100 33.78 -15.36 7.40
CA GLY H 100 32.39 -15.08 7.75
C GLY H 100 31.44 -15.56 6.68
N ARG H 101 30.17 -15.68 7.05
CA ARG H 101 29.13 -16.09 6.10
C ARG H 101 28.21 -14.93 5.74
N LYS H 102 28.15 -13.92 6.60
CA LYS H 102 27.19 -12.82 6.44
C LYS H 102 27.58 -11.43 6.96
N VAL H 103 27.21 -10.40 6.19
CA VAL H 103 27.31 -8.99 6.59
C VAL H 103 25.96 -8.50 7.12
N ALA H 104 26.00 -7.71 8.20
CA ALA H 104 24.77 -7.24 8.87
C ALA H 104 24.83 -5.75 9.28
N GLY H 105 23.85 -5.31 10.06
CA GLY H 105 23.77 -3.93 10.54
C GLY H 105 22.99 -3.02 9.61
N ILE H 106 23.19 -1.72 9.76
CA ILE H 106 22.40 -0.72 9.05
C ILE H 106 22.96 -0.44 7.65
N LEU H 107 22.55 -1.27 6.69
CA LEU H 107 23.12 -1.28 5.35
C LEU H 107 22.27 -0.54 4.34
N SER H 108 21.05 -0.18 4.74
CA SER H 108 20.08 0.40 3.80
C SER H 108 20.00 1.94 3.81
N ALA H 109 20.69 2.54 4.77
CA ALA H 109 20.63 3.99 5.00
C ALA H 109 21.58 4.42 6.12
N GLY H 110 21.69 5.72 6.35
CA GLY H 110 22.52 6.26 7.41
C GLY H 110 22.11 5.83 8.81
N HIS H 111 23.10 5.64 9.67
CA HIS H 111 22.84 5.37 11.07
C HIS H 111 22.68 6.67 11.80
N GLY H 112 21.48 6.92 12.29
CA GLY H 112 21.25 8.10 13.08
C GLY H 112 19.84 8.59 12.92
N LEU H 113 19.54 9.68 13.63
CA LEU H 113 18.27 10.36 13.54
C LEU H 113 18.36 11.26 12.31
N GLN H 114 17.50 11.02 11.33
CA GLN H 114 17.44 11.89 10.16
C GLN H 114 16.50 13.06 10.41
N VAL H 115 16.67 14.14 9.65
CA VAL H 115 15.90 15.38 9.90
C VAL H 115 14.68 15.61 9.02
N GLU H 116 14.49 14.76 8.02
CA GLU H 116 13.30 14.85 7.15
C GLU H 116 12.63 13.49 6.95
N ALA H 117 11.37 13.53 6.52
CA ALA H 117 10.57 12.33 6.29
C ALA H 117 11.18 11.50 5.15
N PRO H 118 11.18 10.16 5.29
CA PRO H 118 11.71 9.30 4.24
C PRO H 118 10.90 9.47 2.94
N THR H 119 11.56 9.29 1.80
CA THR H 119 10.86 9.38 0.52
C THR H 119 10.85 8.04 -0.22
N ARG H 120 10.04 7.98 -1.27
CA ARG H 120 10.02 6.83 -2.16
C ARG H 120 11.28 6.78 -3.04
N ASP H 121 11.68 7.93 -3.59
CA ASP H 121 12.93 8.02 -4.36
C ASP H 121 14.12 7.48 -3.56
N GLN H 122 14.21 7.91 -2.30
CA GLN H 122 15.24 7.44 -1.37
C GLN H 122 15.14 5.94 -1.10
N TRP H 123 13.91 5.48 -0.89
CA TRP H 123 13.62 4.04 -0.76
C TRP H 123 14.12 3.31 -1.96
N ASN H 124 13.78 3.82 -3.15
CA ASN H 124 14.17 3.21 -4.42
C ASN H 124 15.67 3.16 -4.59
N ARG H 125 16.33 4.31 -4.45
CA ARG H 125 17.78 4.43 -4.57
C ARG H 125 18.51 3.39 -3.75
N SER H 126 17.98 3.05 -2.58
CA SER H 126 18.63 2.07 -1.72
C SER H 126 18.44 0.65 -2.24
N ALA H 127 17.24 0.35 -2.74
CA ALA H 127 16.91 -0.99 -3.23
C ALA H 127 17.70 -1.32 -4.50
N ALA H 128 17.73 -0.36 -5.44
CA ALA H 128 18.53 -0.46 -6.66
C ALA H 128 20.02 -0.59 -6.32
N ALA H 129 20.49 0.24 -5.38
CA ALA H 129 21.89 0.24 -4.98
C ALA H 129 22.27 -1.09 -4.33
N LEU H 130 21.37 -1.62 -3.49
CA LEU H 130 21.67 -2.84 -2.73
C LEU H 130 21.48 -4.11 -3.54
N ALA H 131 20.62 -4.04 -4.56
CA ALA H 131 20.44 -5.17 -5.48
C ALA H 131 21.74 -5.47 -6.22
N LYS H 132 22.43 -4.41 -6.64
CA LYS H 132 23.76 -4.52 -7.25
C LYS H 132 24.73 -5.09 -6.22
N VAL H 133 24.78 -4.47 -5.05
CA VAL H 133 25.71 -4.86 -3.97
C VAL H 133 25.51 -6.31 -3.51
N ALA H 134 24.29 -6.82 -3.66
CA ALA H 134 23.95 -8.18 -3.26
C ALA H 134 24.65 -9.23 -4.11
N GLU H 135 24.90 -8.90 -5.38
CA GLU H 135 25.54 -9.83 -6.31
C GLU H 135 27.07 -9.82 -6.16
N THR H 136 27.63 -8.67 -5.77
CA THR H 136 29.01 -8.62 -5.31
C THR H 136 29.13 -9.57 -4.12
N ALA H 137 28.32 -9.30 -3.10
CA ALA H 137 28.24 -10.10 -1.89
C ALA H 137 28.03 -11.58 -2.19
N LYS H 138 27.22 -11.86 -3.21
CA LYS H 138 26.87 -13.21 -3.65
C LYS H 138 28.10 -13.96 -4.19
N ALA H 139 28.92 -13.24 -4.96
CA ALA H 139 30.16 -13.78 -5.54
C ALA H 139 31.20 -14.09 -4.46
N ALA H 140 31.21 -13.27 -3.40
CA ALA H 140 32.10 -13.49 -2.26
C ALA H 140 31.58 -14.57 -1.28
N GLY H 141 30.50 -15.25 -1.67
CA GLY H 141 29.86 -16.30 -0.86
C GLY H 141 29.24 -15.75 0.42
N VAL H 142 28.75 -14.51 0.35
CA VAL H 142 28.24 -13.80 1.52
C VAL H 142 26.78 -13.32 1.37
N THR H 143 26.01 -13.50 2.44
CA THR H 143 24.63 -13.00 2.52
C THR H 143 24.59 -11.64 3.21
N LEU H 144 23.90 -10.68 2.59
CA LEU H 144 23.61 -9.39 3.21
C LEU H 144 22.36 -9.46 4.09
N ASN H 145 22.43 -8.81 5.25
CA ASN H 145 21.31 -8.76 6.19
C ASN H 145 21.04 -7.33 6.63
N LEU H 146 19.97 -6.74 6.10
CA LEU H 146 19.50 -5.42 6.50
C LEU H 146 18.96 -5.44 7.93
N GLU H 147 19.60 -4.70 8.85
CA GLU H 147 19.09 -4.61 10.21
C GLU H 147 17.94 -3.62 10.27
N ILE H 148 16.86 -4.08 10.89
CA ILE H 148 15.62 -3.32 11.04
C ILE H 148 15.64 -2.60 12.39
N VAL H 149 15.72 -1.28 12.34
CA VAL H 149 16.05 -0.50 13.54
C VAL H 149 14.97 0.50 13.94
N ASN H 150 15.04 0.98 15.19
CA ASN H 150 14.03 1.93 15.66
C ASN H 150 14.07 3.24 14.89
N ARG H 151 13.03 4.03 15.04
CA ARG H 151 12.85 5.29 14.32
C ARG H 151 13.99 6.31 14.50
N PHE H 152 14.64 6.32 15.66
CA PHE H 152 15.66 7.33 15.98
C PHE H 152 17.03 7.00 15.39
N GLU H 153 17.17 5.77 14.94
CA GLU H 153 18.38 5.30 14.34
C GLU H 153 18.33 5.21 12.81
N SER H 154 17.15 5.09 12.22
CA SER H 154 16.99 5.21 10.79
C SER H 154 15.59 5.68 10.49
N ASN H 155 15.41 6.30 9.34
CA ASN H 155 14.09 6.69 8.94
C ASN H 155 13.54 5.84 7.85
N LEU H 156 14.27 4.82 7.45
CA LEU H 156 13.82 4.02 6.34
C LEU H 156 13.19 2.70 6.71
N LEU H 157 13.94 1.81 7.31
CA LEU H 157 13.38 0.53 7.65
C LEU H 157 13.31 0.31 9.13
N ASN H 158 12.11 0.43 9.69
CA ASN H 158 11.95 0.35 11.11
C ASN H 158 11.19 -0.87 11.45
N THR H 159 10.68 -1.52 10.44
CA THR H 159 9.73 -2.59 10.58
C THR H 159 10.06 -3.81 9.77
N ALA H 160 9.83 -4.99 10.29
CA ALA H 160 10.07 -6.22 9.53
C ALA H 160 9.33 -6.26 8.18
N ALA H 161 8.06 -5.86 8.17
CA ALA H 161 7.25 -5.83 6.93
C ALA H 161 7.78 -4.81 5.92
N GLN H 162 8.29 -3.68 6.42
CA GLN H 162 8.98 -2.70 5.59
C GLN H 162 10.19 -3.32 4.90
N GLY H 163 10.89 -4.20 5.61
CA GLY H 163 12.05 -4.91 5.10
C GLY H 163 11.69 -5.92 4.01
N LEU H 164 10.60 -6.65 4.23
CA LEU H 164 10.04 -7.58 3.23
C LEU H 164 9.68 -6.88 1.90
N ALA H 165 9.10 -5.69 1.97
CA ALA H 165 8.76 -4.91 0.78
C ALA H 165 10.01 -4.39 0.12
N PHE H 166 11.01 -4.06 0.95
CA PHE H 166 12.27 -3.54 0.47
C PHE H 166 13.03 -4.63 -0.27
N ILE H 167 13.18 -5.78 0.37
CA ILE H 167 13.81 -6.96 -0.26
C ILE H 167 13.11 -7.27 -1.58
N GLU H 168 11.80 -7.46 -1.53
CA GLU H 168 11.03 -7.73 -2.73
C GLU H 168 11.41 -6.72 -3.82
N ASP H 169 11.49 -5.44 -3.45
CA ASP H 169 11.82 -4.38 -4.41
C ASP H 169 13.24 -4.43 -5.00
N THR H 170 14.19 -4.98 -4.25
CA THR H 170 15.54 -5.20 -4.76
C THR H 170 15.49 -6.26 -5.86
N GLY H 171 14.72 -7.31 -5.62
CA GLY H 171 14.59 -8.42 -6.56
C GLY H 171 15.57 -9.52 -6.26
N SER H 172 16.54 -9.23 -5.40
CA SER H 172 17.60 -10.18 -5.06
C SER H 172 17.09 -11.39 -4.28
N ASP H 173 17.90 -12.44 -4.30
CA ASP H 173 17.63 -13.68 -3.59
C ASP H 173 18.75 -13.90 -2.57
N ASN H 174 19.52 -12.83 -2.37
CA ASN H 174 20.69 -12.82 -1.49
C ASN H 174 20.60 -11.76 -0.38
N ILE H 175 19.46 -11.05 -0.32
CA ILE H 175 19.23 -10.05 0.73
C ILE H 175 18.21 -10.54 1.77
N PHE H 176 18.61 -10.52 3.04
CA PHE H 176 17.78 -11.05 4.11
C PHE H 176 17.59 -10.04 5.26
N LEU H 177 16.78 -10.42 6.24
CA LEU H 177 16.45 -9.54 7.36
C LEU H 177 17.31 -9.81 8.58
N HIS H 178 17.71 -8.72 9.22
CA HIS H 178 18.42 -8.77 10.49
C HIS H 178 17.58 -8.08 11.55
N LEU H 179 17.02 -8.87 12.46
CA LEU H 179 16.11 -8.34 13.45
C LEU H 179 16.74 -8.19 14.83
N ASP H 180 16.46 -7.04 15.44
CA ASP H 180 16.92 -6.75 16.79
C ASP H 180 15.70 -6.65 17.69
N THR H 181 15.64 -7.47 18.74
CA THR H 181 14.52 -7.44 19.69
C THR H 181 14.41 -6.08 20.40
N PHE H 182 15.55 -5.40 20.59
CA PHE H 182 15.56 -4.04 21.11
C PHE H 182 14.77 -3.09 20.20
N HIS H 183 15.14 -3.04 18.93
CA HIS H 183 14.46 -2.21 17.92
C HIS H 183 13.03 -2.64 17.67
N MET H 184 12.79 -3.94 17.66
CA MET H 184 11.48 -4.49 17.35
C MET H 184 10.42 -4.13 18.40
N ASN H 185 10.81 -4.16 19.67
CA ASN H 185 9.87 -3.93 20.75
C ASN H 185 9.35 -2.51 20.71
N ILE H 186 10.19 -1.60 20.24
CA ILE H 186 9.74 -0.25 19.91
C ILE H 186 8.77 -0.25 18.72
N GLU H 187 9.23 -0.77 17.57
CA GLU H 187 8.54 -0.54 16.28
C GLU H 187 7.45 -1.54 15.87
N GLU H 188 7.56 -2.80 16.28
CA GLU H 188 6.66 -3.83 15.77
C GLU H 188 5.34 -3.88 16.52
N ALA H 189 4.31 -4.34 15.86
CA ALA H 189 3.06 -4.63 16.52
C ALA H 189 3.09 -5.79 17.51
N ASP H 190 3.74 -6.88 17.18
CA ASP H 190 3.97 -7.96 18.11
C ASP H 190 5.33 -8.43 17.76
N VAL H 191 6.22 -8.70 18.69
CA VAL H 191 7.51 -9.20 18.30
C VAL H 191 7.42 -10.57 17.68
N GLY H 192 6.66 -11.44 18.32
CA GLY H 192 6.47 -12.77 17.83
C GLY H 192 5.75 -12.83 16.52
N LEU H 193 4.77 -11.98 16.38
CA LEU H 193 4.03 -11.91 15.12
C LEU H 193 4.88 -11.39 13.97
N ALA H 194 5.75 -10.43 14.27
CA ALA H 194 6.72 -9.91 13.27
C ALA H 194 7.64 -11.03 12.83
N ILE H 195 8.07 -11.85 13.80
CA ILE H 195 8.90 -13.03 13.51
C ILE H 195 8.14 -14.07 12.67
N ARG H 196 6.94 -14.47 13.11
CA ARG H 196 6.12 -15.42 12.34
C ARG H 196 5.89 -14.93 10.91
N HIS H 197 5.69 -13.61 10.76
CA HIS H 197 5.40 -13.01 9.47
C HIS H 197 6.59 -13.01 8.56
N ALA H 198 7.77 -12.90 9.12
CA ALA H 198 8.97 -12.81 8.33
C ALA H 198 9.78 -14.09 8.21
N ALA H 199 9.27 -15.21 8.67
CA ALA H 199 10.05 -16.41 8.69
C ALA H 199 10.49 -16.84 7.32
N GLY H 200 11.73 -17.27 7.25
CA GLY H 200 12.32 -17.72 6.01
C GLY H 200 12.99 -16.60 5.27
N LYS H 201 12.75 -15.39 5.74
CA LYS H 201 13.41 -14.25 5.18
C LYS H 201 14.31 -13.60 6.19
N ILE H 202 14.47 -14.26 7.34
CA ILE H 202 15.34 -13.80 8.42
C ILE H 202 16.71 -14.46 8.36
N GLY H 203 17.75 -13.64 8.21
CA GLY H 203 19.13 -14.11 8.14
C GLY H 203 19.92 -14.01 9.44
N TYR H 204 19.62 -13.00 10.26
CA TYR H 204 20.41 -12.73 11.48
C TYR H 204 19.58 -12.09 12.58
N VAL H 205 19.83 -12.45 13.83
CA VAL H 205 19.05 -11.93 14.94
C VAL H 205 19.88 -11.41 16.11
N HIS H 206 19.64 -10.15 16.49
CA HIS H 206 20.19 -9.58 17.72
C HIS H 206 19.23 -9.72 18.85
N ILE H 207 19.66 -10.41 19.90
CA ILE H 207 18.91 -10.48 21.14
C ILE H 207 19.35 -9.31 22.03
N GLY H 208 18.43 -8.37 22.24
CA GLY H 208 18.66 -7.21 23.11
C GLY H 208 17.44 -6.87 23.98
N GLU H 209 17.68 -6.53 25.23
CA GLU H 209 16.65 -6.13 26.16
C GLU H 209 16.24 -4.71 25.93
N SER H 210 15.10 -4.34 26.47
CA SER H 210 14.42 -3.12 26.14
C SER H 210 15.24 -1.91 26.44
N HIS H 211 16.01 -2.00 27.49
CA HIS H 211 16.91 -0.96 27.83
C HIS H 211 18.28 -1.28 27.42
N ARG H 212 18.45 -2.43 26.82
CA ARG H 212 19.75 -2.77 26.32
C ARG H 212 20.66 -3.28 27.41
N GLY H 213 20.13 -3.66 28.55
CA GLY H 213 20.94 -4.16 29.63
C GLY H 213 20.91 -5.66 29.74
N PHE H 214 20.84 -6.16 30.96
CA PHE H 214 20.77 -7.58 31.16
C PHE H 214 19.50 -8.07 30.56
N LEU H 215 19.55 -9.22 29.95
CA LEU H 215 18.37 -9.96 29.50
C LEU H 215 17.47 -10.36 30.65
N GLY H 216 16.22 -9.91 30.58
CA GLY H 216 15.19 -10.34 31.51
C GLY H 216 14.92 -9.29 32.56
N THR H 217 15.74 -8.25 32.60
CA THR H 217 15.61 -7.18 33.58
C THR H 217 14.82 -6.01 33.00
N GLY H 218 14.22 -6.24 31.83
CA GLY H 218 13.44 -5.24 31.10
C GLY H 218 12.01 -5.69 30.82
N ASN H 219 11.39 -5.05 29.84
CA ASN H 219 9.95 -5.27 29.57
C ASN H 219 9.63 -6.22 28.41
N ILE H 220 10.67 -6.70 27.74
CA ILE H 220 10.52 -7.60 26.60
C ILE H 220 10.09 -9.02 26.99
N ASP H 221 9.12 -9.55 26.27
CA ASP H 221 8.66 -10.92 26.49
C ASP H 221 9.49 -11.90 25.63
N PHE H 222 10.61 -12.35 26.19
CA PHE H 222 11.52 -13.26 25.48
C PHE H 222 10.94 -14.66 25.29
N ALA H 223 10.18 -15.13 26.28
CA ALA H 223 9.45 -16.37 26.12
C ALA H 223 8.64 -16.35 24.81
N ALA H 224 7.95 -15.24 24.54
CA ALA H 224 7.20 -15.04 23.29
C ALA H 224 8.07 -15.04 22.03
N ILE H 225 9.32 -14.58 22.19
CA ILE H 225 10.28 -14.47 21.09
C ILE H 225 10.90 -15.83 20.79
N PHE H 226 11.24 -16.57 21.86
CA PHE H 226 11.79 -17.91 21.74
C PHE H 226 10.75 -18.90 21.19
N ASP H 227 9.48 -18.71 21.55
CA ASP H 227 8.37 -19.50 21.00
C ASP H 227 8.20 -19.26 19.49
N ALA H 228 8.35 -18.01 19.07
CA ALA H 228 8.16 -17.63 17.67
C ALA H 228 9.28 -18.15 16.77
N LEU H 229 10.50 -18.13 17.28
CA LEU H 229 11.66 -18.65 16.58
C LEU H 229 11.53 -20.16 16.37
N THR H 230 11.23 -20.87 17.46
CA THR H 230 10.94 -22.30 17.46
C THR H 230 9.87 -22.67 16.43
N ALA H 231 8.80 -21.88 16.41
CA ALA H 231 7.64 -22.10 15.55
C ALA H 231 7.96 -21.91 14.08
N ILE H 232 8.89 -21.04 13.76
CA ILE H 232 9.16 -20.79 12.36
C ILE H 232 10.35 -21.58 11.89
N GLY H 233 10.84 -22.44 12.78
CA GLY H 233 11.91 -23.34 12.47
C GLY H 233 13.25 -22.72 12.36
N TYR H 234 13.42 -21.54 12.94
CA TYR H 234 14.66 -20.82 12.79
C TYR H 234 15.83 -21.57 13.39
N ALA H 235 16.91 -21.68 12.63
CA ALA H 235 18.18 -22.17 13.09
C ALA H 235 19.27 -21.49 12.29
N ASP H 236 19.67 -20.31 12.71
CA ASP H 236 20.64 -19.52 12.00
C ASP H 236 21.21 -18.80 13.16
N ASP H 237 22.20 -17.99 12.91
CA ASP H 237 22.89 -17.36 13.98
C ASP H 237 22.10 -16.27 14.66
N LEU H 238 22.14 -16.26 15.97
CA LEU H 238 21.61 -15.17 16.80
C LEU H 238 22.59 -14.75 17.91
N SER H 239 22.81 -13.44 18.05
CA SER H 239 23.84 -12.95 18.96
C SER H 239 23.38 -11.86 19.95
N PHE H 240 23.89 -11.95 21.17
CA PHE H 240 23.61 -11.01 22.27
C PHE H 240 24.20 -9.62 22.04
N GLU H 241 23.48 -8.60 22.48
CA GLU H 241 23.87 -7.21 22.29
C GLU H 241 23.56 -6.44 23.57
N SER H 242 24.57 -5.82 24.16
CA SER H 242 24.42 -4.94 25.31
C SER H 242 25.59 -3.98 25.33
N PHE H 243 25.40 -2.71 25.59
CA PHE H 243 26.57 -1.86 25.44
C PHE H 243 26.83 -0.87 26.56
N SER H 244 28.12 -0.65 26.87
CA SER H 244 28.47 0.25 27.97
C SER H 244 29.36 1.42 27.54
N SER H 245 29.04 2.60 28.09
CA SER H 245 29.77 3.84 27.85
C SER H 245 31.27 3.69 28.17
N GLU H 246 31.56 2.96 29.23
CA GLU H 246 32.92 2.65 29.65
C GLU H 246 33.73 1.99 28.52
N ILE H 247 33.09 1.09 27.78
CA ILE H 247 33.80 0.22 26.82
C ILE H 247 33.69 0.64 25.35
N VAL H 248 32.51 1.08 24.91
CA VAL H 248 32.25 1.31 23.46
C VAL H 248 32.84 2.60 22.88
N ASP H 249 32.87 2.65 21.54
CA ASP H 249 33.39 3.78 20.77
C ASP H 249 32.52 5.01 20.93
N GLU H 250 33.16 6.13 21.27
CA GLU H 250 32.50 7.43 21.52
C GLU H 250 31.39 7.78 20.52
N ASN H 251 31.59 7.45 19.24
CA ASN H 251 30.60 7.71 18.19
C ASN H 251 29.32 6.86 18.32
N LEU H 252 29.46 5.62 18.80
CA LEU H 252 28.31 4.74 19.03
C LEU H 252 27.48 5.16 20.24
N SER H 253 28.18 5.50 21.33
CA SER H 253 27.55 6.05 22.54
C SER H 253 26.64 7.24 22.24
N LYS H 254 27.10 8.10 21.33
CA LYS H 254 26.36 9.30 20.94
C LYS H 254 25.22 9.00 19.97
N LYS H 255 25.38 7.91 19.21
CA LYS H 255 24.38 7.55 18.20
C LYS H 255 23.25 6.71 18.78
N THR H 256 23.61 5.82 19.70
CA THR H 256 22.65 4.96 20.34
C THR H 256 22.26 5.49 21.70
N ALA H 257 22.79 6.65 22.04
CA ALA H 257 22.42 7.36 23.23
C ALA H 257 22.53 6.61 24.53
N ILE H 258 23.69 6.03 24.79
CA ILE H 258 23.90 5.42 26.07
C ILE H 258 24.39 6.46 27.06
N TRP H 259 23.51 6.83 27.99
CA TRP H 259 23.81 7.90 28.96
C TRP H 259 24.08 7.35 30.33
N ARG H 260 23.62 6.13 30.56
CA ARG H 260 23.80 5.45 31.83
C ARG H 260 24.34 4.06 31.53
N ASN H 261 25.11 3.50 32.46
CA ASN H 261 25.56 2.11 32.33
C ASN H 261 24.83 1.20 33.32
N LEU H 262 24.37 0.06 32.80
CA LEU H 262 23.53 -0.86 33.58
C LEU H 262 24.33 -2.02 34.13
N TRP H 263 25.56 -2.14 33.68
CA TRP H 263 26.43 -3.12 34.19
C TRP H 263 27.85 -2.64 34.19
N THR H 264 28.63 -3.14 35.12
CA THR H 264 30.03 -2.84 35.10
C THR H 264 30.80 -4.11 34.92
N ASP H 265 30.21 -5.18 35.38
CA ASP H 265 30.85 -6.46 35.33
C ASP H 265 30.32 -7.09 34.09
N ASN H 266 31.18 -7.22 33.11
CA ASN H 266 30.76 -7.66 31.77
C ASN H 266 30.94 -9.15 31.44
N MET H 267 31.72 -9.85 32.26
CA MET H 267 31.77 -11.30 32.13
C MET H 267 30.53 -11.90 32.80
N ALA H 268 30.05 -11.24 33.86
CA ALA H 268 28.81 -11.67 34.52
C ALA H 268 27.59 -11.43 33.61
N LEU H 269 27.64 -10.36 32.82
CA LEU H 269 26.57 -10.03 31.90
C LEU H 269 26.47 -11.05 30.78
N ALA H 270 27.60 -11.29 30.11
CA ALA H 270 27.69 -12.24 29.00
C ALA H 270 27.33 -13.67 29.42
N LYS H 271 27.82 -14.10 30.58
CA LYS H 271 27.55 -15.45 31.09
C LYS H 271 26.11 -15.62 31.55
N HIS H 272 25.52 -14.53 32.05
CA HIS H 272 24.08 -14.48 32.30
C HIS H 272 23.33 -14.60 31.01
N ALA H 273 23.72 -13.78 30.02
CA ALA H 273 23.09 -13.79 28.70
C ALA H 273 23.15 -15.18 28.04
N ARG H 274 24.31 -15.84 28.14
CA ARG H 274 24.48 -17.19 27.59
C ARG H 274 23.42 -18.10 28.19
N ALA H 275 23.35 -18.10 29.53
CA ALA H 275 22.42 -18.93 30.26
C ALA H 275 20.95 -18.61 29.94
N PHE H 276 20.65 -17.33 29.78
CA PHE H 276 19.29 -16.85 29.49
C PHE H 276 18.78 -17.29 28.13
N ILE H 277 19.61 -17.10 27.11
CA ILE H 277 19.26 -17.50 25.74
C ILE H 277 19.26 -19.02 25.61
N GLY H 278 20.21 -19.67 26.29
CA GLY H 278 20.33 -21.12 26.25
C GLY H 278 19.12 -21.80 26.83
N LEU H 279 18.75 -21.43 28.06
CA LEU H 279 17.64 -22.06 28.75
C LEU H 279 16.30 -21.68 28.13
N GLY H 280 16.21 -20.44 27.63
CA GLY H 280 15.02 -19.95 26.96
C GLY H 280 14.68 -20.81 25.77
N LEU H 281 15.68 -21.03 24.92
CA LEU H 281 15.50 -21.85 23.73
C LEU H 281 15.08 -23.26 24.07
N GLU H 282 15.75 -23.86 25.05
CA GLU H 282 15.40 -25.21 25.54
C GLU H 282 13.96 -25.30 26.02
N THR H 283 13.58 -24.34 26.86
CA THR H 283 12.24 -24.30 27.43
C THR H 283 11.21 -24.19 26.32
N ALA H 284 11.49 -23.32 25.35
CA ALA H 284 10.62 -23.08 24.21
C ALA H 284 10.51 -24.29 23.28
N ARG H 285 11.55 -25.13 23.25
CA ARG H 285 11.49 -26.34 22.42
C ARG H 285 10.78 -27.50 23.13
N ARG H 286 10.96 -27.59 24.45
CA ARG H 286 10.18 -28.54 25.25
C ARG H 286 8.70 -28.19 25.16
N LYS H 287 8.44 -26.88 25.09
CA LYS H 287 7.09 -26.32 25.00
C LYS H 287 6.37 -26.72 23.70
N ALA H 288 7.01 -26.48 22.56
CA ALA H 288 6.45 -26.80 21.24
C ALA H 288 6.22 -28.30 21.02
N GLU H 289 7.06 -29.13 21.66
CA GLU H 289 6.89 -30.58 21.62
C GLU H 289 5.72 -31.04 22.47
N LEU H 290 5.46 -30.33 23.55
CA LEU H 290 4.33 -30.65 24.43
C LEU H 290 2.97 -30.29 23.82
N VAL H 291 2.95 -29.31 22.91
CA VAL H 291 1.72 -28.92 22.21
C VAL H 291 1.17 -30.08 21.36
N SER H 292 2.06 -30.72 20.59
CA SER H 292 1.66 -31.79 19.67
C SER H 292 1.51 -33.15 20.33
N ALA H 293 2.03 -33.27 21.57
CA ALA H 293 2.06 -34.55 22.30
C ALA H 293 0.69 -35.21 22.35
N ARG H 294 0.59 -36.37 21.70
CA ARG H 294 -0.68 -37.07 21.47
C ARG H 294 -1.33 -37.53 22.77
N HIS H 295 -0.50 -37.95 23.72
CA HIS H 295 -0.93 -38.40 25.06
C HIS H 295 -2.07 -39.38 25.09
N LYS H 296 -2.11 -40.30 24.13
CA LYS H 296 -3.14 -41.36 24.09
C LYS H 296 -2.82 -42.46 25.11
N PRO H 297 -3.80 -42.83 25.95
CA PRO H 297 -3.55 -43.81 27.04
C PRO H 297 -3.24 -45.20 26.52
MN MN I . -1.08 23.52 -49.92
C1 MPD J . -4.85 6.54 -42.06
C2 MPD J . -4.72 5.56 -40.91
O2 MPD J . -4.03 6.22 -39.83
CM MPD J . -6.10 5.12 -40.40
C3 MPD J . -3.93 4.34 -41.41
C4 MPD J . -2.82 3.91 -40.47
O4 MPD J . -2.98 2.53 -40.16
C5 MPD J . -1.45 4.17 -41.08
MN MN K . -6.04 -11.88 -26.96
C1 MPD L . 14.77 -13.14 -45.43
C2 MPD L . 15.33 -14.55 -45.38
O2 MPD L . 14.74 -15.29 -46.44
CM MPD L . 16.85 -14.58 -45.55
C3 MPD L . 14.93 -15.26 -44.08
C4 MPD L . 13.94 -16.40 -44.31
O4 MPD L . 14.55 -17.54 -44.92
C5 MPD L . 13.39 -16.84 -42.98
MN MN M . -17.86 5.65 -12.66
MN MN N . 13.88 28.03 -29.29
C1 MPD O . -2.45 20.22 -18.80
C2 MPD O . -2.64 18.73 -18.64
O2 MPD O . -1.38 18.14 -18.29
CM MPD O . -3.63 18.48 -17.51
C3 MPD O . -3.23 18.18 -19.94
C4 MPD O . -2.40 17.20 -20.79
O4 MPD O . -0.98 17.34 -20.60
C5 MPD O . -2.83 15.76 -20.54
MN MN P . 4.47 12.01 26.52
C1 MPD Q . -9.06 -4.16 25.80
C2 MPD Q . -8.70 -4.71 27.17
O2 MPD Q . -7.38 -4.29 27.52
CM MPD Q . -9.64 -4.12 28.20
C3 MPD Q . -8.77 -6.23 27.14
C4 MPD Q . -7.59 -6.88 26.40
O4 MPD Q . -6.35 -6.44 26.97
C5 MPD Q . -7.65 -8.40 26.42
MN MN R . -16.98 -24.77 29.40
MN MN S . 1.77 -27.99 46.54
MN MN T . 21.34 -4.54 16.72
#